data_6BF4
#
_entry.id   6BF4
#
_cell.length_a   231.438
_cell.length_b   89.255
_cell.length_c   123.407
_cell.angle_alpha   90.000
_cell.angle_beta   119.150
_cell.angle_gamma   90.000
#
_symmetry.space_group_name_H-M   'C 1 2 1'
#
loop_
_entity.id
_entity.type
_entity.pdbx_description
1 polymer 'HIV-1 clade AE gp120 core'
2 polymer 'VRC-PG05 Fab heavy chain'
3 polymer 'VRC-PG05 Fab light chain'
4 branched alpha-D-mannopyranose-(1-2)-alpha-D-mannopyranose-(1-3)-[alpha-D-mannopyranose-(1-2)-alpha-D-mannopyranose-(1-6)]alpha-D-mannopyranose-(1-6)-[alpha-D-mannopyranose-(1-2)-alpha-D-mannopyranose-(1-3)]alpha-D-mannopyranose-(1-4)-2-acetamido-2-deoxy-beta-D-glucopyranose-(1-4)-2-acetamido-2-deoxy-beta-D-glucopyranose
5 branched 2-acetamido-2-deoxy-beta-D-glucopyranose-(1-4)-2-acetamido-2-deoxy-beta-D-glucopyranose
6 branched alpha-D-mannopyranose-(1-2)-alpha-D-mannopyranose-(1-3)-[alpha-D-mannopyranose-(1-6)]alpha-D-mannopyranose-(1-4)-2-acetamido-2-deoxy-beta-D-glucopyranose-(1-4)-2-acetamido-2-deoxy-beta-D-glucopyranose
7 branched alpha-D-mannopyranose-(1-2)-alpha-D-mannopyranose-(1-2)-alpha-D-mannopyranose-(1-3)-[alpha-D-mannopyranose-(1-3)-[alpha-D-mannopyranose-(1-6)]alpha-D-mannopyranose-(1-6)]alpha-D-mannopyranose-(1-4)-2-acetamido-2-deoxy-beta-D-glucopyranose-(1-4)-2-acetamido-2-deoxy-beta-D-glucopyranose
8 branched alpha-D-mannopyranose-(1-2)-alpha-D-mannopyranose-(1-2)-alpha-D-mannopyranose-(1-3)-[alpha-D-mannopyranose-(1-2)-alpha-D-mannopyranose-(1-3)-[alpha-D-mannopyranose-(1-2)-alpha-D-mannopyranose-(1-6)]alpha-D-mannopyranose-(1-6)]alpha-D-mannopyranose-(1-4)-2-acetamido-2-deoxy-beta-D-glucopyranose-(1-4)-2-acetamido-2-deoxy-beta-D-glucopyranose
9 branched alpha-D-mannopyranose-(1-3)-[alpha-D-mannopyranose-(1-6)]alpha-D-mannopyranose-(1-4)-2-acetamido-2-deoxy-beta-D-glucopyranose-(1-4)-2-acetamido-2-deoxy-beta-D-glucopyranose
10 branched alpha-D-mannopyranose-(1-2)-alpha-D-mannopyranose-(1-3)-alpha-D-mannopyranose-(1-4)-2-acetamido-2-deoxy-beta-D-glucopyranose-(1-4)-2-acetamido-2-deoxy-beta-D-glucopyranose
11 non-polymer 2-acetamido-2-deoxy-beta-D-glucopyranose
12 non-polymer 1,2-ETHANEDIOL
13 non-polymer 'ACETATE ION'
14 water water
#
loop_
_entity_poly.entity_id
_entity_poly.type
_entity_poly.pdbx_seq_one_letter_code
_entity_poly.pdbx_strand_id
1 'polypeptide(L)'
;VWRDADTTLFCASDAKAHETEVHNVWATHACVPTDPNPQEIHLVNVTENFNMWKNKMVEQMQEDVISLWDESLKPCVKLT
GGSVIKQACPKVSFDPIPIHYCTPAGYVILKCNDKNFNGTGPCKNVSSVQCTHGIKPVVSTQLLLNGSLAEEEIIIRSEN
LTDNAKNIIVHLNKSVEINCTRPSNGGSGSGGDIRKAYCEIDGTEWNKTLTQVAEKLKEHFNKTIVYQPPSGGDLEITMH
HFNCRGEFFYCNTTQLFNNSVGNSTIKLPCRIKQIINMWQGVGQAMYAPPISGAINCLSNITGILLTRDGGGNNRSNETF
RPGGGNIKDNWRSELYKYKVVEIE
;
A,G
2 'polypeptide(L)'
;EVQLVESGGGLVQPGGSLRLSCAASGFPFNRDWMTWVRQAPGKGLEWVANINMDGDKKDYVDSVKGRFTISRDNAKTSLY
LQMNSLRAGDTAVYYCARIRQVSKYLQWYPGVFEMWGQGTMVTVSSASTKGPSVFPLAPSSKSTSGGTAALGCLVKDYFP
EPVTVSWNSGALTSGVHTFPAVLQSSGLYSLSSVVTVPSSSLGTQTYICNVNHKPSNTKVDKKVEPKSC
;
B,H
3 'polypeptide(L)'
;DIVMTQSPDSLAVSLGERATIHCKSSQSVLYRPNNRNYVAWYQQKPGQPPRLLIHWASFRESGVPDRFTGSGSGTDFTLT
ISSLQAEDVAVYYCQQYFFLYSFGGGTKLEINRTVAAPSVFIFPPSDEQLKSGTASVVCLLNNFYPREAKVQWKVDNALQ
SGNSQESVTEQDSKDSTYSLSSTLTLSKADYEKHKVYACEVTHQGLSSPVTKSFNRGEC
;
C,L
#
# COMPACT_ATOMS: atom_id res chain seq x y z
N VAL A 1 -32.91 32.10 -22.60
CA VAL A 1 -33.43 30.81 -22.18
C VAL A 1 -32.56 29.70 -22.77
N TRP A 2 -31.96 28.88 -21.90
CA TRP A 2 -31.20 27.74 -22.35
C TRP A 2 -31.10 26.71 -21.23
N ARG A 3 -31.24 25.42 -21.57
CA ARG A 3 -31.07 24.35 -20.59
C ARG A 3 -29.74 23.63 -20.77
N ASP A 4 -29.71 22.35 -20.42
CA ASP A 4 -28.45 21.62 -20.49
C ASP A 4 -28.19 21.16 -21.94
N ALA A 5 -27.07 20.48 -22.13
CA ALA A 5 -26.69 19.95 -23.43
C ALA A 5 -25.49 19.02 -23.28
N ASP A 6 -25.26 18.21 -24.31
CA ASP A 6 -24.09 17.35 -24.41
C ASP A 6 -23.68 17.23 -25.87
N THR A 7 -22.43 17.56 -26.18
CA THR A 7 -22.00 17.67 -27.56
C THR A 7 -20.54 17.21 -27.68
N THR A 8 -20.17 16.81 -28.89
CA THR A 8 -18.79 16.48 -29.21
C THR A 8 -17.99 17.76 -29.33
N LEU A 9 -17.26 18.11 -28.27
CA LEU A 9 -16.50 19.34 -28.24
C LEU A 9 -15.22 19.22 -29.07
N PHE A 10 -14.62 20.36 -29.37
CA PHE A 10 -13.34 20.41 -30.06
C PHE A 10 -12.27 20.98 -29.13
N CYS A 11 -11.02 20.76 -29.50
CA CYS A 11 -9.88 21.13 -28.67
C CYS A 11 -9.05 22.22 -29.34
N ALA A 12 -8.21 22.86 -28.53
CA ALA A 12 -7.36 23.94 -28.99
C ALA A 12 -6.10 23.99 -28.13
N SER A 13 -4.96 24.22 -28.78
CA SER A 13 -3.69 24.29 -28.08
C SER A 13 -2.68 25.01 -28.96
N ASP A 14 -1.63 25.53 -28.32
CA ASP A 14 -0.53 26.16 -29.01
C ASP A 14 0.50 25.15 -29.52
N ALA A 15 0.03 23.98 -29.97
CA ALA A 15 0.93 22.90 -30.33
C ALA A 15 1.78 23.26 -31.54
N LYS A 16 3.08 23.06 -31.41
CA LYS A 16 4.00 23.34 -32.51
C LYS A 16 3.99 22.17 -33.50
N ALA A 17 3.91 22.50 -34.79
CA ALA A 17 3.85 21.48 -35.83
C ALA A 17 5.22 20.86 -36.10
N HIS A 18 6.31 21.48 -35.65
CA HIS A 18 7.65 20.96 -35.87
C HIS A 18 8.15 20.10 -34.73
N GLU A 19 7.45 20.07 -33.59
CA GLU A 19 7.96 19.37 -32.42
C GLU A 19 7.87 17.86 -32.59
N THR A 20 8.89 17.16 -32.07
CA THR A 20 8.89 15.70 -32.02
C THR A 20 8.06 15.16 -30.88
N GLU A 21 7.69 16.00 -29.92
CA GLU A 21 6.94 15.55 -28.76
C GLU A 21 5.51 15.20 -29.15
N VAL A 22 5.01 14.10 -28.59
CA VAL A 22 3.77 13.50 -29.07
C VAL A 22 2.51 14.25 -28.65
N HIS A 23 2.55 15.00 -27.54
CA HIS A 23 1.40 15.85 -27.23
C HIS A 23 1.23 16.94 -28.27
N ASN A 24 2.33 17.40 -28.89
CA ASN A 24 2.22 18.34 -30.00
C ASN A 24 1.76 17.64 -31.27
N VAL A 25 2.30 16.45 -31.55
CA VAL A 25 1.89 15.71 -32.74
C VAL A 25 0.40 15.38 -32.69
N TRP A 26 -0.10 15.01 -31.51
CA TRP A 26 -1.50 14.67 -31.38
C TRP A 26 -2.38 15.90 -31.56
N ALA A 27 -2.02 17.01 -30.90
CA ALA A 27 -2.80 18.23 -31.02
C ALA A 27 -2.60 18.94 -32.36
N THR A 28 -1.66 18.46 -33.19
CA THR A 28 -1.48 19.05 -34.52
C THR A 28 -2.50 18.48 -35.51
N HIS A 29 -2.81 17.19 -35.42
CA HIS A 29 -3.78 16.55 -36.29
C HIS A 29 -5.12 16.31 -35.60
N ALA A 30 -5.36 16.96 -34.46
CA ALA A 30 -6.64 16.84 -33.77
C ALA A 30 -7.18 18.13 -33.18
N CYS A 31 -6.36 19.17 -33.00
CA CYS A 31 -6.81 20.43 -32.45
C CYS A 31 -6.42 21.56 -33.39
N VAL A 32 -6.92 22.77 -33.08
CA VAL A 32 -6.63 23.97 -33.85
C VAL A 32 -5.90 24.94 -32.93
N PRO A 33 -5.29 26.01 -33.45
CA PRO A 33 -4.65 27.00 -32.56
C PRO A 33 -5.64 27.60 -31.59
N THR A 34 -5.10 28.09 -30.46
CA THR A 34 -5.92 28.70 -29.44
C THR A 34 -6.55 30.00 -29.95
N ASP A 35 -7.64 30.38 -29.30
CA ASP A 35 -8.28 31.64 -29.64
C ASP A 35 -7.48 32.80 -29.05
N PRO A 36 -7.12 33.81 -29.84
CA PRO A 36 -6.33 34.93 -29.30
C PRO A 36 -7.05 35.70 -28.20
N ASN A 37 -8.24 36.23 -28.51
CA ASN A 37 -9.00 37.01 -27.55
C ASN A 37 -10.14 36.18 -26.98
N PRO A 38 -10.01 35.63 -25.78
CA PRO A 38 -11.10 34.82 -25.21
C PRO A 38 -12.21 35.68 -24.60
N GLN A 39 -13.29 35.86 -25.34
CA GLN A 39 -14.40 36.68 -24.85
C GLN A 39 -15.14 35.97 -23.73
N GLU A 40 -15.18 36.59 -22.55
CA GLU A 40 -15.91 36.08 -21.40
C GLU A 40 -16.87 37.15 -20.92
N ILE A 41 -18.11 36.77 -20.66
CA ILE A 41 -19.18 37.72 -20.35
C ILE A 41 -19.63 37.44 -18.92
N HIS A 42 -19.16 38.25 -17.97
CA HIS A 42 -19.56 38.13 -16.57
C HIS A 42 -21.06 38.39 -16.39
N LEU A 43 -21.90 37.52 -16.94
CA LEU A 43 -23.35 37.68 -16.81
C LEU A 43 -23.76 37.57 -15.35
N VAL A 44 -24.05 38.70 -14.71
CA VAL A 44 -24.41 38.72 -13.30
C VAL A 44 -25.91 38.61 -13.14
N ASN A 45 -26.38 38.58 -11.89
CA ASN A 45 -27.77 38.27 -11.56
C ASN A 45 -28.17 36.90 -12.10
N VAL A 46 -27.20 36.01 -12.26
CA VAL A 46 -27.39 34.68 -12.81
C VAL A 46 -27.06 33.65 -11.74
N THR A 47 -27.80 32.55 -11.73
CA THR A 47 -27.57 31.48 -10.75
C THR A 47 -27.94 30.16 -11.41
N GLU A 48 -26.94 29.41 -11.84
CA GLU A 48 -27.13 28.07 -12.39
C GLU A 48 -26.21 27.09 -11.69
N ASN A 49 -26.53 25.81 -11.81
CA ASN A 49 -25.86 24.75 -11.08
C ASN A 49 -24.94 23.94 -11.99
N PHE A 50 -23.93 23.33 -11.36
CA PHE A 50 -22.94 22.51 -12.05
C PHE A 50 -22.85 21.15 -11.37
N ASN A 51 -22.19 20.21 -12.04
CA ASN A 51 -21.89 18.92 -11.44
C ASN A 51 -20.67 18.35 -12.14
N MET A 52 -19.53 18.38 -11.47
CA MET A 52 -18.32 17.80 -12.03
C MET A 52 -18.40 16.29 -12.13
N TRP A 53 -19.18 15.66 -11.24
CA TRP A 53 -19.26 14.20 -11.20
C TRP A 53 -20.17 13.64 -12.28
N LYS A 54 -21.06 14.46 -12.85
CA LYS A 54 -21.82 14.07 -14.03
C LYS A 54 -21.52 15.05 -15.16
N ASN A 55 -20.26 15.08 -15.60
CA ASN A 55 -19.81 16.01 -16.63
C ASN A 55 -19.23 15.19 -17.77
N LYS A 56 -19.91 15.20 -18.92
CA LYS A 56 -19.45 14.42 -20.07
C LYS A 56 -18.15 14.97 -20.66
N MET A 57 -17.78 16.20 -20.33
CA MET A 57 -16.47 16.70 -20.74
C MET A 57 -15.35 15.85 -20.15
N VAL A 58 -15.55 15.35 -18.94
CA VAL A 58 -14.57 14.43 -18.34
C VAL A 58 -14.48 13.15 -19.17
N GLU A 59 -15.62 12.66 -19.66
CA GLU A 59 -15.63 11.46 -20.49
C GLU A 59 -14.93 11.69 -21.83
N GLN A 60 -15.06 12.90 -22.40
CA GLN A 60 -14.42 13.15 -23.67
C GLN A 60 -12.90 13.24 -23.53
N MET A 61 -12.43 13.87 -22.45
CA MET A 61 -10.98 13.95 -22.23
C MET A 61 -10.39 12.57 -21.97
N GLN A 62 -11.12 11.72 -21.25
CA GLN A 62 -10.66 10.35 -21.03
C GLN A 62 -10.44 9.63 -22.36
N GLU A 63 -11.32 9.84 -23.33
CA GLU A 63 -11.13 9.27 -24.66
C GLU A 63 -9.87 9.85 -25.33
N ASP A 64 -9.75 11.18 -25.32
CA ASP A 64 -8.68 11.83 -26.07
C ASP A 64 -7.30 11.47 -25.49
N VAL A 65 -7.21 11.36 -24.16
CA VAL A 65 -5.92 11.01 -23.56
C VAL A 65 -5.59 9.54 -23.82
N ILE A 66 -6.61 8.67 -23.81
CA ILE A 66 -6.38 7.26 -24.11
C ILE A 66 -5.90 7.10 -25.55
N SER A 67 -6.59 7.74 -26.50
CA SER A 67 -6.18 7.68 -27.89
C SER A 67 -4.82 8.33 -28.09
N LEU A 68 -4.46 9.30 -27.24
CA LEU A 68 -3.14 9.91 -27.31
C LEU A 68 -2.06 8.88 -26.99
N TRP A 69 -2.17 8.22 -25.82
CA TRP A 69 -1.20 7.20 -25.45
C TRP A 69 -1.21 6.03 -26.42
N ASP A 70 -2.33 5.80 -27.10
CA ASP A 70 -2.45 4.66 -28.01
C ASP A 70 -1.49 4.81 -29.18
N GLU A 71 -1.46 5.98 -29.82
CA GLU A 71 -0.60 6.24 -30.95
C GLU A 71 0.76 6.81 -30.56
N SER A 72 0.99 7.06 -29.27
CA SER A 72 2.25 7.65 -28.80
C SER A 72 3.05 6.63 -27.98
N LEU A 73 2.62 6.34 -26.76
CA LEU A 73 3.32 5.36 -25.92
C LEU A 73 2.76 3.97 -26.21
N LYS A 74 3.17 3.44 -27.35
CA LYS A 74 2.68 2.15 -27.81
C LYS A 74 3.33 1.03 -27.01
N PRO A 75 2.58 0.32 -26.15
CA PRO A 75 3.20 -0.75 -25.36
C PRO A 75 3.54 -1.94 -26.22
N CYS A 76 4.67 -2.59 -25.90
CA CYS A 76 5.12 -3.72 -26.70
C CYS A 76 4.12 -4.87 -26.65
N VAL A 77 3.63 -5.20 -25.46
CA VAL A 77 2.65 -6.25 -25.26
C VAL A 77 1.51 -5.71 -24.41
N LYS A 78 0.28 -6.05 -24.78
CA LYS A 78 -0.90 -5.64 -24.06
C LYS A 78 -1.75 -6.86 -23.73
N LEU A 79 -2.29 -6.88 -22.52
CA LEU A 79 -3.09 -8.01 -22.04
C LEU A 79 -4.47 -7.52 -21.62
N THR A 80 -5.50 -8.23 -22.08
CA THR A 80 -6.84 -8.09 -21.52
C THR A 80 -7.34 -9.43 -20.97
N GLY A 81 -6.41 -10.30 -20.56
CA GLY A 81 -6.76 -11.67 -20.22
C GLY A 81 -6.85 -12.54 -21.45
N GLY A 82 -7.49 -12.02 -22.49
CA GLY A 82 -7.66 -12.73 -23.74
C GLY A 82 -6.82 -12.18 -24.87
N SER A 83 -7.09 -10.93 -25.27
CA SER A 83 -6.34 -10.32 -26.35
C SER A 83 -4.90 -10.08 -25.92
N VAL A 84 -3.96 -10.66 -26.66
CA VAL A 84 -2.53 -10.48 -26.41
C VAL A 84 -1.91 -9.81 -27.63
N ILE A 85 -2.08 -8.50 -27.74
CA ILE A 85 -1.58 -7.75 -28.88
C ILE A 85 -0.12 -7.36 -28.64
N LYS A 86 0.71 -7.58 -29.65
CA LYS A 86 2.16 -7.41 -29.54
C LYS A 86 2.62 -6.45 -30.62
N GLN A 87 3.22 -5.33 -30.20
CA GLN A 87 3.55 -4.22 -31.11
C GLN A 87 5.02 -3.86 -30.96
N ALA A 88 5.45 -2.89 -31.77
CA ALA A 88 6.80 -2.35 -31.68
C ALA A 88 6.88 -1.31 -30.56
N CYS A 89 8.07 -1.16 -30.00
CA CYS A 89 8.27 -0.31 -28.81
C CYS A 89 9.42 0.66 -29.04
N PRO A 90 9.18 1.75 -29.75
CA PRO A 90 10.17 2.82 -29.84
C PRO A 90 10.00 3.85 -28.73
N LYS A 91 11.10 4.50 -28.37
CA LYS A 91 11.05 5.54 -27.36
C LYS A 91 10.47 6.83 -27.95
N VAL A 92 10.05 7.72 -27.06
CA VAL A 92 9.19 8.84 -27.43
C VAL A 92 9.56 10.07 -26.60
N SER A 93 9.54 11.23 -27.23
CA SER A 93 9.60 12.50 -26.52
C SER A 93 8.23 12.81 -25.93
N PHE A 94 8.17 12.97 -24.60
CA PHE A 94 6.90 13.04 -23.88
C PHE A 94 6.93 14.21 -22.90
N ASP A 95 5.96 15.13 -23.05
CA ASP A 95 5.76 16.25 -22.14
C ASP A 95 4.40 16.89 -22.40
N PRO A 96 3.46 16.79 -21.45
CA PRO A 96 2.10 17.27 -21.72
C PRO A 96 2.06 18.78 -21.96
N ILE A 97 1.12 19.19 -22.79
CA ILE A 97 0.93 20.60 -23.14
C ILE A 97 -0.50 20.97 -22.79
N PRO A 98 -0.79 22.26 -22.64
CA PRO A 98 -2.17 22.67 -22.34
C PRO A 98 -3.14 22.25 -23.44
N ILE A 99 -4.36 21.95 -23.04
CA ILE A 99 -5.43 21.53 -23.94
C ILE A 99 -6.69 22.33 -23.59
N HIS A 100 -7.10 23.22 -24.49
CA HIS A 100 -8.32 23.98 -24.31
C HIS A 100 -9.49 23.25 -24.96
N TYR A 101 -10.64 23.25 -24.28
CA TYR A 101 -11.86 22.64 -24.79
C TYR A 101 -12.91 23.72 -25.00
N CYS A 102 -13.51 23.73 -26.19
CA CYS A 102 -14.48 24.74 -26.57
C CYS A 102 -15.70 24.05 -27.19
N THR A 103 -16.72 24.84 -27.51
CA THR A 103 -18.01 24.35 -27.98
C THR A 103 -18.21 24.63 -29.46
N PRO A 104 -19.06 23.84 -30.13
CA PRO A 104 -19.44 24.16 -31.52
C PRO A 104 -20.42 25.31 -31.61
N ALA A 105 -21.08 25.45 -32.75
CA ALA A 105 -22.08 26.49 -32.93
C ALA A 105 -23.36 26.13 -32.21
N GLY A 106 -24.01 27.13 -31.64
CA GLY A 106 -25.23 26.93 -30.87
C GLY A 106 -25.01 26.61 -29.40
N TYR A 107 -24.08 25.72 -29.12
CA TYR A 107 -23.71 25.38 -27.75
C TYR A 107 -22.59 26.29 -27.27
N VAL A 108 -22.51 26.43 -25.94
CA VAL A 108 -21.48 27.27 -25.32
C VAL A 108 -21.27 26.77 -23.89
N ILE A 109 -20.16 27.19 -23.29
CA ILE A 109 -19.75 26.75 -21.97
C ILE A 109 -20.09 27.81 -20.93
N LEU A 110 -20.59 27.37 -19.79
CA LEU A 110 -20.77 28.22 -18.62
C LEU A 110 -19.67 27.93 -17.62
N LYS A 111 -19.12 28.98 -17.00
CA LYS A 111 -18.08 28.85 -16.00
C LYS A 111 -18.58 29.42 -14.68
N CYS A 112 -18.47 28.64 -13.62
CA CYS A 112 -18.85 29.06 -12.27
C CYS A 112 -17.63 29.71 -11.61
N ASN A 113 -17.71 31.02 -11.37
CA ASN A 113 -16.58 31.78 -10.84
C ASN A 113 -16.63 31.98 -9.34
N ASP A 114 -17.58 31.35 -8.64
CA ASP A 114 -17.58 31.38 -7.19
C ASP A 114 -16.32 30.69 -6.68
N LYS A 115 -15.39 31.47 -6.10
CA LYS A 115 -14.06 30.97 -5.78
C LYS A 115 -14.06 29.86 -4.74
N ASN A 116 -15.22 29.54 -4.14
CA ASN A 116 -15.34 28.41 -3.24
C ASN A 116 -16.27 27.33 -3.78
N PHE A 117 -16.46 27.31 -5.10
CA PHE A 117 -17.34 26.32 -5.72
C PHE A 117 -16.85 24.90 -5.43
N ASN A 118 -17.61 24.16 -4.64
CA ASN A 118 -17.16 22.89 -4.10
C ASN A 118 -17.39 21.73 -5.05
N GLY A 119 -17.82 21.99 -6.29
CA GLY A 119 -17.99 20.93 -7.27
C GLY A 119 -19.42 20.70 -7.68
N THR A 120 -20.35 20.75 -6.74
CA THR A 120 -21.77 20.54 -7.00
C THR A 120 -22.58 21.62 -6.29
N GLY A 121 -23.51 22.25 -7.01
CA GLY A 121 -24.36 23.25 -6.43
C GLY A 121 -24.44 24.52 -7.25
N PRO A 122 -25.19 25.49 -6.76
CA PRO A 122 -25.36 26.74 -7.51
C PRO A 122 -24.23 27.73 -7.28
N CYS A 123 -24.10 28.66 -8.22
CA CYS A 123 -23.16 29.77 -8.13
C CYS A 123 -23.84 31.05 -8.59
N LYS A 124 -23.46 32.17 -7.97
CA LYS A 124 -23.90 33.46 -8.47
C LYS A 124 -22.98 33.95 -9.59
N ASN A 125 -21.67 34.00 -9.33
CA ASN A 125 -20.69 34.38 -10.35
C ASN A 125 -20.64 33.31 -11.42
N VAL A 126 -21.34 33.54 -12.53
CA VAL A 126 -21.34 32.64 -13.68
C VAL A 126 -21.17 33.50 -14.93
N SER A 127 -20.16 33.20 -15.73
CA SER A 127 -19.83 34.00 -16.91
C SER A 127 -19.97 33.16 -18.17
N SER A 128 -20.25 33.85 -19.28
CA SER A 128 -20.40 33.22 -20.59
C SER A 128 -19.03 33.12 -21.24
N VAL A 129 -18.43 31.93 -21.19
CA VAL A 129 -17.09 31.72 -21.70
C VAL A 129 -17.16 30.98 -23.03
N GLN A 130 -16.04 30.96 -23.74
CA GLN A 130 -15.94 30.34 -25.06
C GLN A 130 -15.05 29.10 -25.07
N CYS A 131 -13.94 29.12 -24.34
CA CYS A 131 -13.06 27.97 -24.24
C CYS A 131 -12.66 27.76 -22.78
N THR A 132 -12.17 26.56 -22.49
CA THR A 132 -11.65 26.25 -21.16
C THR A 132 -10.20 26.72 -21.05
N HIS A 133 -9.69 26.69 -19.82
CA HIS A 133 -8.29 27.02 -19.59
C HIS A 133 -7.41 25.85 -20.00
N GLY A 134 -6.15 26.15 -20.33
CA GLY A 134 -5.22 25.16 -20.80
C GLY A 134 -4.94 24.06 -19.78
N ILE A 135 -5.50 22.88 -20.00
CA ILE A 135 -5.34 21.74 -19.11
C ILE A 135 -4.29 20.80 -19.69
N LYS A 136 -3.33 20.41 -18.86
CA LYS A 136 -2.28 19.50 -19.28
C LYS A 136 -2.70 18.07 -18.93
N PRO A 137 -2.79 17.17 -19.91
CA PRO A 137 -3.28 15.81 -19.60
C PRO A 137 -2.29 14.99 -18.80
N VAL A 138 -2.02 15.40 -17.56
CA VAL A 138 -1.09 14.68 -16.69
C VAL A 138 -1.84 13.53 -16.02
N VAL A 139 -1.36 12.31 -16.23
CA VAL A 139 -1.95 11.12 -15.65
C VAL A 139 -1.14 10.75 -14.42
N SER A 140 -1.82 10.60 -13.28
CA SER A 140 -1.13 10.29 -12.04
C SER A 140 -2.14 9.79 -11.01
N THR A 141 -1.62 9.15 -9.97
CA THR A 141 -2.40 8.71 -8.83
C THR A 141 -1.87 9.38 -7.56
N GLN A 142 -2.73 9.41 -6.54
CA GLN A 142 -2.42 9.97 -5.23
C GLN A 142 -2.21 11.48 -5.26
N LEU A 143 -1.31 11.95 -6.12
CA LEU A 143 -0.95 13.37 -6.18
C LEU A 143 -1.36 13.92 -7.54
N LEU A 144 -2.16 14.98 -7.54
CA LEU A 144 -2.46 15.71 -8.76
C LEU A 144 -1.29 16.62 -9.10
N LEU A 145 -0.78 16.50 -10.32
CA LEU A 145 0.43 17.19 -10.74
C LEU A 145 0.13 18.24 -11.79
N ASN A 146 0.78 19.40 -11.66
CA ASN A 146 0.86 20.40 -12.71
C ASN A 146 -0.49 21.00 -13.10
N GLY A 147 -1.48 20.93 -12.20
CA GLY A 147 -2.80 21.45 -12.47
C GLY A 147 -3.00 22.86 -11.96
N SER A 148 -4.27 23.28 -11.96
CA SER A 148 -4.64 24.57 -11.41
C SER A 148 -4.75 24.48 -9.89
N LEU A 149 -4.90 25.64 -9.26
CA LEU A 149 -4.91 25.74 -7.81
C LEU A 149 -6.16 26.47 -7.34
N ALA A 150 -6.73 26.01 -6.24
CA ALA A 150 -7.84 26.72 -5.62
C ALA A 150 -7.40 28.12 -5.22
N GLU A 151 -8.20 29.12 -5.56
CA GLU A 151 -7.80 30.50 -5.34
C GLU A 151 -7.87 30.90 -3.87
N GLU A 152 -8.91 30.45 -3.16
CA GLU A 152 -9.06 30.82 -1.75
C GLU A 152 -8.69 29.66 -0.84
N GLU A 153 -9.67 29.08 -0.16
CA GLU A 153 -9.39 27.99 0.76
C GLU A 153 -9.22 26.67 0.01
N ILE A 154 -8.77 25.65 0.75
CA ILE A 154 -8.68 24.31 0.19
C ILE A 154 -10.08 23.77 -0.06
N ILE A 155 -10.32 23.29 -1.28
CA ILE A 155 -11.63 22.79 -1.67
C ILE A 155 -11.62 21.28 -1.54
N ILE A 156 -12.47 20.76 -0.67
CA ILE A 156 -12.64 19.31 -0.49
C ILE A 156 -13.74 18.86 -1.42
N ARG A 157 -13.38 18.16 -2.49
CA ARG A 157 -14.32 17.73 -3.51
C ARG A 157 -14.67 16.27 -3.33
N SER A 158 -15.94 15.95 -3.54
CA SER A 158 -16.45 14.57 -3.49
C SER A 158 -17.83 14.58 -4.12
N GLU A 159 -18.46 13.41 -4.17
CA GLU A 159 -19.85 13.31 -4.57
C GLU A 159 -20.78 13.15 -3.38
N ASN A 160 -20.42 12.32 -2.42
CA ASN A 160 -21.16 12.16 -1.17
C ASN A 160 -20.12 11.99 -0.05
N LEU A 161 -19.85 13.09 0.67
CA LEU A 161 -18.91 13.05 1.79
C LEU A 161 -19.27 11.97 2.80
N THR A 162 -20.42 12.14 3.45
CA THR A 162 -20.86 11.30 4.53
C THR A 162 -21.09 9.84 4.13
N ASP A 163 -20.96 9.49 2.84
CA ASP A 163 -20.91 8.10 2.42
C ASP A 163 -19.46 7.68 2.26
N ASN A 164 -19.17 6.43 2.62
CA ASN A 164 -17.79 6.00 2.84
C ASN A 164 -16.93 6.00 1.58
N ALA A 165 -16.97 4.91 0.81
CA ALA A 165 -15.99 4.63 -0.25
C ALA A 165 -16.35 5.43 -1.51
N LYS A 166 -16.09 6.73 -1.44
CA LYS A 166 -16.21 7.61 -2.60
C LYS A 166 -14.97 8.49 -2.66
N ASN A 167 -14.28 8.45 -3.80
CA ASN A 167 -12.96 9.09 -3.92
C ASN A 167 -13.05 10.59 -3.66
N ILE A 168 -12.04 11.11 -2.96
CA ILE A 168 -11.97 12.51 -2.56
C ILE A 168 -10.90 13.20 -3.39
N ILE A 169 -11.15 14.45 -3.76
CA ILE A 169 -10.21 15.27 -4.50
C ILE A 169 -9.93 16.52 -3.68
N VAL A 170 -8.76 16.57 -3.06
CA VAL A 170 -8.33 17.74 -2.28
C VAL A 170 -7.66 18.72 -3.24
N HIS A 171 -8.21 19.92 -3.34
CA HIS A 171 -7.69 20.96 -4.22
C HIS A 171 -6.91 21.96 -3.38
N LEU A 172 -5.59 21.90 -3.45
CA LEU A 172 -4.74 22.75 -2.65
C LEU A 172 -4.74 24.18 -3.16
N ASN A 173 -4.51 25.13 -2.26
CA ASN A 173 -4.39 26.52 -2.66
C ASN A 173 -2.94 27.01 -2.72
N LYS A 174 -1.99 26.18 -2.32
CA LYS A 174 -0.56 26.47 -2.49
C LYS A 174 0.14 25.21 -2.99
N SER A 175 0.90 25.35 -4.07
CA SER A 175 1.61 24.21 -4.62
C SER A 175 2.76 23.77 -3.72
N VAL A 176 3.09 22.48 -3.79
CA VAL A 176 4.27 21.93 -3.15
C VAL A 176 5.05 21.20 -4.24
N GLU A 177 6.26 21.67 -4.53
CA GLU A 177 7.02 21.10 -5.63
C GLU A 177 7.58 19.74 -5.25
N ILE A 178 7.50 18.80 -6.18
CA ILE A 178 8.12 17.48 -6.05
C ILE A 178 9.10 17.31 -7.21
N ASN A 179 10.30 16.84 -6.89
CA ASN A 179 11.40 16.79 -7.85
C ASN A 179 11.90 15.34 -7.93
N CYS A 180 11.49 14.64 -8.98
CA CYS A 180 11.80 13.23 -9.17
C CYS A 180 12.93 13.08 -10.18
N THR A 181 13.81 12.10 -9.94
CA THR A 181 15.02 11.99 -10.74
C THR A 181 15.51 10.54 -10.81
N ARG A 182 15.85 10.11 -12.01
CA ARG A 182 16.69 8.92 -12.20
C ARG A 182 18.10 9.40 -12.54
N PRO A 183 19.12 9.01 -11.77
CA PRO A 183 20.47 9.54 -12.02
C PRO A 183 21.14 8.93 -13.25
N SER A 184 22.46 8.79 -13.19
CA SER A 184 23.21 8.19 -14.29
C SER A 184 24.21 7.15 -13.78
N GLY A 192 25.31 0.86 -11.43
CA GLY A 192 24.20 0.67 -10.52
C GLY A 192 22.96 0.10 -11.20
N ASP A 193 21.80 0.59 -10.77
CA ASP A 193 20.51 0.16 -11.32
C ASP A 193 19.90 1.30 -12.11
N ILE A 194 19.48 1.01 -13.35
CA ILE A 194 18.86 2.04 -14.17
C ILE A 194 17.44 2.33 -13.69
N ARG A 195 16.79 1.37 -13.04
CA ARG A 195 15.42 1.57 -12.58
C ARG A 195 15.35 2.32 -11.26
N LYS A 196 16.43 2.34 -10.49
CA LYS A 196 16.44 3.04 -9.21
C LYS A 196 16.28 4.54 -9.42
N ALA A 197 15.31 5.13 -8.73
CA ALA A 197 15.03 6.55 -8.84
C ALA A 197 14.52 7.05 -7.50
N TYR A 198 14.30 8.36 -7.40
CA TYR A 198 13.81 8.95 -6.16
C TYR A 198 13.23 10.33 -6.43
N CYS A 199 12.28 10.73 -5.59
CA CYS A 199 11.73 12.08 -5.59
C CYS A 199 12.15 12.79 -4.31
N GLU A 200 12.50 14.07 -4.44
CA GLU A 200 12.79 14.93 -3.31
C GLU A 200 11.64 15.89 -3.11
N ILE A 201 11.31 16.15 -1.83
CA ILE A 201 10.20 17.04 -1.49
C ILE A 201 10.47 17.62 -0.11
N ASP A 202 10.17 18.91 0.04
CA ASP A 202 10.44 19.62 1.28
C ASP A 202 9.45 19.18 2.36
N GLY A 203 9.97 18.65 3.47
CA GLY A 203 9.09 18.10 4.49
C GLY A 203 8.32 19.17 5.24
N THR A 204 8.98 20.29 5.57
CA THR A 204 8.31 21.36 6.31
C THR A 204 7.11 21.88 5.56
N GLU A 205 7.22 22.06 4.24
CA GLU A 205 6.11 22.56 3.45
C GLU A 205 5.03 21.50 3.23
N TRP A 206 5.41 20.23 3.08
CA TRP A 206 4.41 19.17 2.93
C TRP A 206 3.67 18.94 4.25
N ASN A 207 4.38 19.02 5.37
CA ASN A 207 3.73 18.95 6.68
C ASN A 207 2.72 20.09 6.84
N LYS A 208 3.09 21.29 6.40
CA LYS A 208 2.23 22.45 6.57
C LYS A 208 0.92 22.28 5.79
N THR A 209 1.01 21.87 4.52
CA THR A 209 -0.20 21.74 3.72
C THR A 209 -1.05 20.57 4.17
N LEU A 210 -0.42 19.44 4.50
CA LEU A 210 -1.18 18.31 5.02
C LEU A 210 -1.81 18.63 6.37
N THR A 211 -1.16 19.48 7.16
CA THR A 211 -1.80 20.02 8.36
C THR A 211 -2.98 20.91 7.98
N GLN A 212 -2.82 21.71 6.91
CA GLN A 212 -3.92 22.54 6.45
C GLN A 212 -5.06 21.70 5.88
N VAL A 213 -4.72 20.59 5.21
CA VAL A 213 -5.75 19.69 4.71
C VAL A 213 -6.45 19.00 5.87
N ALA A 214 -5.70 18.66 6.92
CA ALA A 214 -6.32 18.04 8.09
C ALA A 214 -7.32 18.96 8.76
N GLU A 215 -7.02 20.27 8.78
CA GLU A 215 -7.97 21.22 9.32
C GLU A 215 -9.21 21.34 8.45
N LYS A 216 -9.03 21.33 7.13
CA LYS A 216 -10.18 21.45 6.23
C LYS A 216 -11.04 20.19 6.29
N LEU A 217 -10.45 19.07 6.67
CA LEU A 217 -11.24 17.86 6.90
C LEU A 217 -11.94 17.87 8.24
N LYS A 218 -11.45 18.65 9.20
CA LYS A 218 -12.11 18.75 10.50
C LYS A 218 -13.36 19.61 10.42
N GLU A 219 -13.40 20.56 9.47
CA GLU A 219 -14.57 21.41 9.32
C GLU A 219 -15.80 20.61 8.91
N HIS A 220 -15.60 19.51 8.18
CA HIS A 220 -16.71 18.65 7.78
C HIS A 220 -17.04 17.60 8.83
N PHE A 221 -16.03 16.84 9.26
CA PHE A 221 -16.20 15.78 10.25
C PHE A 221 -15.58 16.24 11.57
N ASN A 222 -16.37 16.22 12.64
CA ASN A 222 -15.91 16.63 13.97
C ASN A 222 -15.16 15.48 14.67
N LYS A 223 -14.04 15.09 14.07
CA LYS A 223 -13.20 14.02 14.59
C LYS A 223 -11.74 14.36 14.32
N THR A 224 -10.84 13.51 14.83
CA THR A 224 -9.41 13.69 14.62
C THR A 224 -9.01 13.07 13.29
N ILE A 225 -8.24 13.81 12.50
CA ILE A 225 -7.85 13.39 11.15
C ILE A 225 -6.46 12.77 11.22
N VAL A 226 -6.32 11.57 10.67
CA VAL A 226 -5.07 10.83 10.65
C VAL A 226 -4.78 10.42 9.21
N TYR A 227 -3.51 10.44 8.82
CA TYR A 227 -3.07 9.95 7.52
C TYR A 227 -2.36 8.61 7.72
N GLN A 228 -2.57 7.70 6.78
CA GLN A 228 -1.93 6.39 6.81
C GLN A 228 -1.66 5.95 5.39
N PRO A 229 -0.58 5.20 5.16
CA PRO A 229 -0.34 4.66 3.82
C PRO A 229 -1.38 3.60 3.49
N PRO A 230 -1.67 3.40 2.20
CA PRO A 230 -2.66 2.38 1.84
C PRO A 230 -2.19 0.99 2.21
N SER A 231 -3.14 0.17 2.67
CA SER A 231 -2.81 -1.15 3.22
C SER A 231 -2.49 -2.18 2.14
N GLY A 232 -2.86 -1.94 0.89
CA GLY A 232 -2.48 -2.87 -0.16
C GLY A 232 -3.51 -3.10 -1.25
N GLY A 233 -3.55 -2.21 -2.23
CA GLY A 233 -4.19 -2.44 -3.50
C GLY A 233 -3.18 -2.84 -4.56
N ASP A 234 -3.40 -2.39 -5.78
CA ASP A 234 -2.37 -2.55 -6.78
C ASP A 234 -1.27 -1.51 -6.58
N LEU A 235 -0.13 -1.74 -7.25
CA LEU A 235 1.01 -0.85 -7.09
C LEU A 235 0.70 0.55 -7.58
N GLU A 236 -0.11 0.67 -8.64
CA GLU A 236 -0.46 1.99 -9.16
C GLU A 236 -1.30 2.79 -8.18
N ILE A 237 -1.91 2.14 -7.20
CA ILE A 237 -2.74 2.81 -6.20
C ILE A 237 -2.00 3.02 -4.90
N THR A 238 -1.17 2.04 -4.49
CA THR A 238 -0.45 2.15 -3.23
C THR A 238 0.69 3.15 -3.31
N MET A 239 1.32 3.27 -4.47
CA MET A 239 2.43 4.19 -4.67
C MET A 239 1.99 5.36 -5.54
N HIS A 240 2.80 6.41 -5.53
CA HIS A 240 2.62 7.55 -6.42
C HIS A 240 3.02 7.12 -7.82
N HIS A 241 2.02 6.88 -8.67
CA HIS A 241 2.23 6.41 -10.03
C HIS A 241 2.04 7.57 -11.00
N PHE A 242 3.05 7.83 -11.82
CA PHE A 242 2.97 8.91 -12.80
C PHE A 242 3.91 8.61 -13.95
N ASN A 243 3.71 9.30 -15.06
CA ASN A 243 4.50 9.13 -16.26
C ASN A 243 5.38 10.35 -16.46
N CYS A 244 6.70 10.11 -16.55
CA CYS A 244 7.69 11.16 -16.69
C CYS A 244 8.50 10.89 -17.95
N ARG A 245 8.25 11.67 -19.01
CA ARG A 245 8.98 11.56 -20.26
C ARG A 245 8.86 10.16 -20.86
N GLY A 246 7.70 9.53 -20.69
CA GLY A 246 7.50 8.20 -21.23
C GLY A 246 7.69 7.10 -20.19
N GLU A 247 8.76 7.20 -19.41
CA GLU A 247 9.05 6.18 -18.41
C GLU A 247 8.02 6.24 -17.29
N PHE A 248 7.73 5.08 -16.72
CA PHE A 248 6.68 4.93 -15.72
C PHE A 248 7.30 4.84 -14.34
N PHE A 249 6.95 5.80 -13.47
CA PHE A 249 7.53 5.91 -12.14
C PHE A 249 6.55 5.37 -11.09
N TYR A 250 7.09 4.63 -10.14
CA TYR A 250 6.36 4.16 -8.96
C TYR A 250 7.12 4.62 -7.73
N CYS A 251 6.56 5.57 -7.00
CA CYS A 251 7.27 6.22 -5.91
C CYS A 251 6.58 5.93 -4.58
N ASN A 252 7.32 5.34 -3.65
CA ASN A 252 6.78 5.00 -2.33
C ASN A 252 6.52 6.27 -1.54
N THR A 253 5.27 6.50 -1.15
CA THR A 253 4.88 7.69 -0.43
C THR A 253 4.59 7.44 1.04
N THR A 254 5.11 6.35 1.60
CA THR A 254 4.95 6.09 3.03
C THR A 254 5.43 7.29 3.85
N GLN A 255 6.52 7.92 3.44
CA GLN A 255 7.07 9.06 4.16
C GLN A 255 6.20 10.31 4.04
N LEU A 256 5.26 10.34 3.11
CA LEU A 256 4.38 11.50 2.95
C LEU A 256 3.07 11.35 3.71
N PHE A 257 2.62 10.14 3.99
CA PHE A 257 1.30 9.90 4.60
C PHE A 257 1.43 8.94 5.79
N ASN A 258 2.27 9.32 6.77
CA ASN A 258 2.47 8.49 7.95
C ASN A 258 2.34 9.27 9.24
N ASN A 259 1.97 10.55 9.18
CA ASN A 259 1.83 11.47 10.31
C ASN A 259 3.15 11.76 11.00
N SER A 260 4.26 11.20 10.55
CA SER A 260 5.58 11.49 11.11
C SER A 260 6.46 12.23 10.10
N VAL A 261 5.84 13.00 9.21
CA VAL A 261 6.59 13.80 8.25
C VAL A 261 7.44 14.82 8.99
N GLY A 262 8.76 14.77 8.76
CA GLY A 262 9.69 15.56 9.54
C GLY A 262 10.16 16.82 8.84
N ASN A 263 11.11 17.49 9.48
CA ASN A 263 11.70 18.71 8.93
C ASN A 263 12.40 18.44 7.61
N SER A 264 13.14 17.34 7.53
CA SER A 264 14.15 17.15 6.50
C SER A 264 13.56 17.12 5.11
N THR A 265 14.42 17.35 4.13
CA THR A 265 14.09 17.06 2.74
C THR A 265 13.87 15.57 2.58
N ILE A 266 12.66 15.20 2.18
CA ILE A 266 12.25 13.80 2.10
C ILE A 266 12.69 13.22 0.77
N LYS A 267 13.34 12.07 0.80
CA LYS A 267 13.70 11.34 -0.41
C LYS A 267 12.84 10.09 -0.49
N LEU A 268 11.86 10.10 -1.39
CA LEU A 268 10.98 8.95 -1.57
C LEU A 268 11.62 7.97 -2.54
N PRO A 269 11.82 6.71 -2.16
CA PRO A 269 12.38 5.74 -3.11
C PRO A 269 11.40 5.47 -4.24
N CYS A 270 11.91 5.47 -5.46
CA CYS A 270 11.11 5.22 -6.65
C CYS A 270 11.69 4.07 -7.45
N ARG A 271 10.91 3.62 -8.43
CA ARG A 271 11.30 2.57 -9.35
C ARG A 271 10.65 2.83 -10.70
N ILE A 272 11.37 2.49 -11.77
CA ILE A 272 10.84 2.59 -13.14
C ILE A 272 10.53 1.16 -13.58
N LYS A 273 9.26 0.80 -13.55
CA LYS A 273 8.83 -0.55 -13.90
C LYS A 273 8.42 -0.64 -15.37
N GLN A 274 8.66 -1.81 -15.96
CA GLN A 274 8.30 -2.04 -17.35
C GLN A 274 6.93 -2.69 -17.51
N ILE A 275 6.52 -3.53 -16.56
CA ILE A 275 5.20 -4.16 -16.59
C ILE A 275 4.30 -3.43 -15.62
N ILE A 276 3.20 -2.88 -16.13
CA ILE A 276 2.31 -2.03 -15.35
C ILE A 276 0.88 -2.50 -15.56
N ASN A 277 -0.01 -1.99 -14.71
CA ASN A 277 -1.44 -2.06 -14.95
C ASN A 277 -1.87 -0.79 -15.69
N MET A 278 -2.74 -0.95 -16.68
CA MET A 278 -3.13 0.18 -17.52
C MET A 278 -4.23 0.98 -16.86
N TRP A 279 -4.04 2.30 -16.80
CA TRP A 279 -5.09 3.19 -16.30
C TRP A 279 -6.21 3.37 -17.32
N GLN A 280 -5.91 3.19 -18.61
CA GLN A 280 -6.90 3.43 -19.64
C GLN A 280 -8.07 2.48 -19.54
N GLY A 281 -7.81 1.22 -19.22
CA GLY A 281 -8.85 0.24 -19.10
C GLY A 281 -8.38 -1.00 -18.37
N VAL A 282 -9.14 -2.07 -18.53
CA VAL A 282 -8.81 -3.34 -17.89
C VAL A 282 -7.62 -3.98 -18.59
N GLY A 283 -6.61 -4.37 -17.82
CA GLY A 283 -5.52 -5.14 -18.34
C GLY A 283 -4.18 -4.54 -17.98
N GLN A 284 -3.13 -5.10 -18.58
CA GLN A 284 -1.75 -4.74 -18.27
C GLN A 284 -0.98 -4.50 -19.56
N ALA A 285 0.12 -3.76 -19.44
CA ALA A 285 0.96 -3.41 -20.58
C ALA A 285 2.42 -3.63 -20.24
N MET A 286 3.25 -3.66 -21.27
CA MET A 286 4.70 -3.79 -21.12
C MET A 286 5.38 -2.79 -22.04
N TYR A 287 6.40 -2.12 -21.51
CA TYR A 287 7.15 -1.11 -22.26
C TYR A 287 8.64 -1.44 -22.25
N ALA A 288 9.37 -0.76 -23.11
CA ALA A 288 10.81 -0.98 -23.23
C ALA A 288 11.53 -0.49 -21.98
N PRO A 289 12.73 -1.00 -21.73
CA PRO A 289 13.51 -0.49 -20.60
C PRO A 289 13.82 0.98 -20.79
N PRO A 290 14.03 1.72 -19.70
CA PRO A 290 14.12 3.19 -19.79
C PRO A 290 15.30 3.67 -20.61
N ILE A 291 15.20 4.94 -21.03
CA ILE A 291 16.21 5.55 -21.88
C ILE A 291 17.49 5.79 -21.09
N SER A 292 18.51 6.28 -21.76
CA SER A 292 19.79 6.57 -21.13
C SER A 292 19.82 7.98 -20.55
N GLY A 293 20.90 8.30 -19.86
CA GLY A 293 21.06 9.63 -19.30
C GLY A 293 20.35 9.78 -17.97
N ALA A 294 20.05 11.04 -17.65
CA ALA A 294 19.35 11.40 -16.42
C ALA A 294 17.90 11.75 -16.74
N ILE A 295 16.97 11.07 -16.06
CA ILE A 295 15.54 11.30 -16.22
C ILE A 295 15.05 12.11 -15.03
N ASN A 296 14.39 13.23 -15.30
CA ASN A 296 13.99 14.15 -14.23
C ASN A 296 12.64 14.78 -14.55
N CYS A 297 11.82 14.95 -13.52
CA CYS A 297 10.54 15.65 -13.63
C CYS A 297 10.31 16.47 -12.37
N LEU A 298 10.24 17.78 -12.53
CA LEU A 298 9.88 18.70 -11.46
C LEU A 298 8.43 19.11 -11.65
N SER A 299 7.60 18.89 -10.63
CA SER A 299 6.16 19.02 -10.77
C SER A 299 5.56 19.82 -9.64
N ASN A 300 4.53 20.61 -9.98
CA ASN A 300 3.65 21.21 -8.99
C ASN A 300 2.69 20.15 -8.45
N ILE A 301 2.59 20.04 -7.13
CA ILE A 301 1.54 19.23 -6.52
C ILE A 301 0.39 20.18 -6.21
N THR A 302 -0.67 20.11 -7.01
CA THR A 302 -1.81 20.99 -6.86
C THR A 302 -3.03 20.30 -6.25
N GLY A 303 -3.00 18.98 -6.11
CA GLY A 303 -4.13 18.27 -5.57
C GLY A 303 -3.75 16.90 -5.03
N ILE A 304 -4.60 16.39 -4.16
CA ILE A 304 -4.40 15.10 -3.52
C ILE A 304 -5.65 14.26 -3.69
N LEU A 305 -5.47 12.99 -4.03
CA LEU A 305 -6.56 12.03 -4.17
C LEU A 305 -6.61 11.17 -2.92
N LEU A 306 -7.73 11.21 -2.22
CA LEU A 306 -7.87 10.54 -0.93
C LEU A 306 -9.06 9.58 -0.92
N THR A 307 -9.00 8.60 -0.03
CA THR A 307 -10.09 7.66 0.24
C THR A 307 -10.15 7.44 1.73
N ARG A 308 -11.32 7.69 2.33
CA ARG A 308 -11.45 7.69 3.77
C ARG A 308 -11.62 6.27 4.31
N ASP A 309 -11.04 6.04 5.49
CA ASP A 309 -11.23 4.79 6.21
C ASP A 309 -12.61 4.80 6.87
N GLY A 310 -13.48 3.88 6.44
CA GLY A 310 -14.84 3.85 6.95
C GLY A 310 -15.04 2.96 8.14
N GLY A 311 -16.20 2.32 8.22
CA GLY A 311 -16.57 1.50 9.34
C GLY A 311 -17.36 2.28 10.39
N GLY A 312 -18.05 1.53 11.25
CA GLY A 312 -18.80 2.13 12.34
C GLY A 312 -17.92 2.96 13.24
N ASN A 313 -17.52 4.15 12.76
CA ASN A 313 -16.48 4.94 13.41
C ASN A 313 -17.05 5.69 14.62
N ASN A 314 -17.34 4.92 15.67
CA ASN A 314 -17.40 5.51 17.00
C ASN A 314 -16.00 5.84 17.52
N ARG A 315 -14.96 5.36 16.84
CA ARG A 315 -13.60 5.75 17.13
C ARG A 315 -13.43 7.26 16.91
N SER A 316 -12.50 7.85 17.68
CA SER A 316 -12.26 9.28 17.57
C SER A 316 -11.49 9.63 16.31
N ASN A 317 -10.59 8.76 15.86
CA ASN A 317 -9.73 9.08 14.73
C ASN A 317 -10.42 8.74 13.42
N GLU A 318 -10.25 9.64 12.44
CA GLU A 318 -10.74 9.43 11.08
C GLU A 318 -9.53 9.35 10.16
N THR A 319 -9.28 8.17 9.62
CA THR A 319 -8.09 7.91 8.83
C THR A 319 -8.35 8.10 7.35
N PHE A 320 -7.40 8.74 6.66
CA PHE A 320 -7.47 8.96 5.23
C PHE A 320 -6.18 8.43 4.59
N ARG A 321 -6.34 7.77 3.45
CA ARG A 321 -5.21 7.16 2.75
C ARG A 321 -5.20 7.60 1.29
N PRO A 322 -4.03 7.70 0.68
CA PRO A 322 -3.96 8.15 -0.71
C PRO A 322 -4.37 7.06 -1.68
N GLY A 323 -5.05 7.45 -2.76
CA GLY A 323 -5.48 6.53 -3.78
C GLY A 323 -6.27 7.19 -4.89
N GLY A 324 -5.83 6.99 -6.13
CA GLY A 324 -6.52 7.58 -7.28
C GLY A 324 -7.30 6.56 -8.08
N GLY A 325 -6.64 5.91 -9.04
CA GLY A 325 -7.26 4.86 -9.82
C GLY A 325 -8.10 5.34 -10.99
N ASN A 326 -9.14 6.13 -10.69
CA ASN A 326 -10.05 6.63 -11.72
C ASN A 326 -9.44 7.90 -12.30
N ILE A 327 -8.79 7.77 -13.46
CA ILE A 327 -8.11 8.89 -14.09
C ILE A 327 -9.10 9.96 -14.53
N LYS A 328 -10.37 9.60 -14.72
CA LYS A 328 -11.40 10.59 -14.99
C LYS A 328 -11.46 11.65 -13.89
N ASP A 329 -11.15 11.28 -12.65
CA ASP A 329 -11.14 12.26 -11.57
C ASP A 329 -10.01 13.28 -11.73
N ASN A 330 -8.92 12.90 -12.42
CA ASN A 330 -7.88 13.88 -12.70
C ASN A 330 -8.39 14.96 -13.63
N TRP A 331 -9.10 14.57 -14.69
CA TRP A 331 -9.74 15.55 -15.57
C TRP A 331 -10.92 16.23 -14.91
N ARG A 332 -11.40 15.70 -13.78
CA ARG A 332 -12.49 16.32 -13.06
C ARG A 332 -12.01 17.50 -12.22
N SER A 333 -10.82 17.38 -11.63
CA SER A 333 -10.26 18.46 -10.81
C SER A 333 -9.81 19.66 -11.63
N GLU A 334 -10.03 19.65 -12.95
CA GLU A 334 -9.67 20.78 -13.79
C GLU A 334 -10.87 21.23 -14.62
N LEU A 335 -11.75 20.28 -14.96
CA LEU A 335 -12.96 20.56 -15.72
C LEU A 335 -14.19 20.70 -14.84
N TYR A 336 -13.99 20.88 -13.52
CA TYR A 336 -15.13 20.94 -12.61
C TYR A 336 -15.98 22.18 -12.81
N LYS A 337 -15.37 23.29 -13.23
CA LYS A 337 -16.06 24.57 -13.35
C LYS A 337 -16.63 24.81 -14.74
N TYR A 338 -16.95 23.75 -15.49
CA TYR A 338 -17.42 23.89 -16.86
C TYR A 338 -18.65 23.04 -17.08
N LYS A 339 -19.75 23.69 -17.47
CA LYS A 339 -20.98 23.02 -17.88
C LYS A 339 -21.40 23.58 -19.22
N VAL A 340 -21.95 22.71 -20.08
CA VAL A 340 -22.31 23.08 -21.43
C VAL A 340 -23.82 23.28 -21.52
N VAL A 341 -24.24 24.25 -22.34
CA VAL A 341 -25.64 24.59 -22.55
C VAL A 341 -25.88 24.76 -24.05
N GLU A 342 -27.14 25.01 -24.42
CA GLU A 342 -27.52 25.18 -25.82
C GLU A 342 -28.51 26.33 -25.93
N ILE A 343 -28.17 27.33 -26.74
CA ILE A 343 -29.12 28.39 -27.08
C ILE A 343 -30.01 27.89 -28.22
N GLU A 344 -31.32 27.97 -28.01
CA GLU A 344 -32.26 27.49 -29.02
C GLU A 344 -32.69 28.62 -29.95
N GLU B 1 38.01 29.30 -23.72
CA GLU B 1 37.41 29.64 -22.43
C GLU B 1 36.25 30.62 -22.60
N VAL B 2 35.47 30.79 -21.54
CA VAL B 2 34.41 31.79 -21.55
C VAL B 2 35.04 33.17 -21.49
N GLN B 3 34.56 34.07 -22.35
CA GLN B 3 35.19 35.38 -22.50
C GLN B 3 34.14 36.40 -22.90
N LEU B 4 33.89 37.37 -22.03
CA LEU B 4 33.00 38.49 -22.32
C LEU B 4 33.86 39.76 -22.37
N VAL B 5 33.80 40.47 -23.50
CA VAL B 5 34.62 41.65 -23.72
C VAL B 5 33.72 42.82 -24.06
N GLU B 6 33.64 43.79 -23.15
CA GLU B 6 32.85 44.99 -23.40
C GLU B 6 33.63 45.96 -24.28
N SER B 7 32.90 46.73 -25.08
CA SER B 7 33.50 47.71 -25.97
C SER B 7 32.67 48.98 -25.93
N GLY B 8 33.10 49.98 -26.70
CA GLY B 8 32.57 51.32 -26.58
C GLY B 8 33.10 51.99 -25.32
N GLY B 9 32.33 52.95 -24.83
CA GLY B 9 32.69 53.64 -23.61
C GLY B 9 33.75 54.70 -23.84
N GLY B 10 33.78 55.68 -22.95
CA GLY B 10 34.66 56.82 -23.10
C GLY B 10 33.96 58.07 -22.60
N LEU B 11 34.34 59.22 -23.14
CA LEU B 11 33.74 60.48 -22.71
C LEU B 11 32.48 60.76 -23.52
N VAL B 12 31.41 61.11 -22.82
CA VAL B 12 30.15 61.54 -23.43
C VAL B 12 29.74 62.86 -22.80
N GLN B 13 29.31 63.81 -23.62
CA GLN B 13 28.79 65.05 -23.10
C GLN B 13 27.48 64.79 -22.35
N PRO B 14 27.17 65.60 -21.34
CA PRO B 14 25.88 65.48 -20.67
C PRO B 14 24.73 65.64 -21.66
N GLY B 15 23.76 64.75 -21.57
CA GLY B 15 22.68 64.72 -22.53
C GLY B 15 23.00 64.01 -23.83
N GLY B 16 24.23 63.53 -24.01
CA GLY B 16 24.61 62.82 -25.20
C GLY B 16 24.17 61.37 -25.17
N SER B 17 24.54 60.65 -26.23
CA SER B 17 24.17 59.25 -26.37
C SER B 17 25.41 58.41 -26.64
N LEU B 18 25.31 57.12 -26.33
CA LEU B 18 26.42 56.20 -26.48
C LEU B 18 25.88 54.78 -26.59
N ARG B 19 26.60 53.95 -27.33
CA ARG B 19 26.24 52.53 -27.52
C ARG B 19 27.41 51.66 -27.08
N LEU B 20 27.14 50.76 -26.13
CA LEU B 20 28.13 49.77 -25.69
C LEU B 20 27.88 48.44 -26.41
N SER B 21 28.95 47.67 -26.55
CA SER B 21 28.86 46.35 -27.16
C SER B 21 29.67 45.37 -26.32
N CYS B 22 29.24 44.11 -26.36
CA CYS B 22 29.88 43.04 -25.59
C CYS B 22 30.13 41.87 -26.53
N ALA B 23 31.40 41.61 -26.85
CA ALA B 23 31.78 40.49 -27.70
C ALA B 23 31.94 39.25 -26.82
N ALA B 24 31.03 38.30 -26.98
CA ALA B 24 31.04 37.08 -26.20
C ALA B 24 31.58 35.92 -27.03
N SER B 25 32.17 34.94 -26.33
CA SER B 25 32.75 33.78 -26.98
C SER B 25 32.97 32.68 -25.95
N GLY B 26 32.93 31.44 -26.40
CA GLY B 26 33.24 30.30 -25.57
C GLY B 26 32.07 29.64 -24.88
N PHE B 27 30.83 29.95 -25.26
CA PHE B 27 29.66 29.35 -24.64
C PHE B 27 28.46 29.56 -25.55
N PRO B 28 27.44 28.69 -25.50
CA PRO B 28 26.26 28.88 -26.33
C PRO B 28 25.56 30.21 -26.08
N PHE B 29 26.06 31.27 -26.72
CA PHE B 29 25.53 32.60 -26.46
C PHE B 29 24.06 32.71 -26.86
N ASN B 30 23.67 32.08 -27.97
CA ASN B 30 22.29 32.13 -28.45
C ASN B 30 21.32 31.35 -27.57
N ARG B 31 21.76 30.77 -26.45
CA ARG B 31 20.88 30.03 -25.56
C ARG B 31 20.86 30.59 -24.15
N ASP B 32 21.50 31.74 -23.91
CA ASP B 32 21.66 32.26 -22.55
C ASP B 32 21.06 33.65 -22.43
N TRP B 33 20.49 33.93 -21.26
CA TRP B 33 20.19 35.30 -20.88
C TRP B 33 21.49 36.07 -20.67
N MET B 34 21.45 37.36 -20.97
CA MET B 34 22.59 38.25 -20.74
C MET B 34 22.09 39.51 -20.04
N THR B 35 23.02 40.22 -19.40
CA THR B 35 22.64 41.39 -18.62
C THR B 35 23.76 42.42 -18.62
N TRP B 36 23.37 43.67 -18.36
CA TRP B 36 24.29 44.77 -18.09
C TRP B 36 24.13 45.21 -16.65
N VAL B 37 25.26 45.38 -15.96
CA VAL B 37 25.30 45.89 -14.60
C VAL B 37 26.40 46.94 -14.53
N ARG B 38 26.14 48.02 -13.77
CA ARG B 38 27.09 49.12 -13.67
C ARG B 38 27.48 49.37 -12.22
N GLN B 39 28.60 50.07 -12.07
CA GLN B 39 29.12 50.45 -10.76
C GLN B 39 29.70 51.85 -10.88
N ALA B 40 28.99 52.84 -10.31
CA ALA B 40 29.51 54.19 -10.28
C ALA B 40 30.80 54.23 -9.46
N PRO B 41 31.75 55.09 -9.82
CA PRO B 41 33.07 55.06 -9.15
C PRO B 41 32.95 55.21 -7.64
N GLY B 42 33.48 54.23 -6.92
CA GLY B 42 33.41 54.21 -5.47
C GLY B 42 32.13 53.69 -4.88
N LYS B 43 31.08 53.51 -5.67
CA LYS B 43 29.79 53.10 -5.18
C LYS B 43 29.57 51.62 -5.47
N GLY B 44 28.32 51.16 -5.32
CA GLY B 44 28.01 49.75 -5.40
C GLY B 44 27.42 49.32 -6.73
N LEU B 45 27.23 48.01 -6.86
CA LEU B 45 26.69 47.44 -8.08
C LEU B 45 25.21 47.76 -8.24
N GLU B 46 24.81 48.07 -9.47
CA GLU B 46 23.41 48.36 -9.79
C GLU B 46 23.07 47.66 -11.09
N TRP B 47 22.09 46.75 -11.03
CA TRP B 47 21.64 46.05 -12.22
C TRP B 47 20.97 47.02 -13.17
N VAL B 48 21.30 46.93 -14.46
CA VAL B 48 20.82 47.89 -15.43
C VAL B 48 19.73 47.29 -16.31
N ALA B 49 20.05 46.18 -16.96
CA ALA B 49 19.11 45.56 -17.87
C ALA B 49 19.52 44.11 -18.14
N ASN B 50 18.56 43.33 -18.63
CA ASN B 50 18.81 41.95 -19.04
C ASN B 50 17.88 41.59 -20.19
N ILE B 51 18.22 40.49 -20.88
CA ILE B 51 17.52 40.09 -22.10
C ILE B 51 17.70 38.59 -22.28
N ASN B 52 16.68 37.95 -22.86
CA ASN B 52 16.65 36.50 -22.97
C ASN B 52 17.37 36.04 -24.24
N MET B 53 17.26 34.74 -24.55
CA MET B 53 17.98 34.17 -25.68
C MET B 53 17.53 34.78 -27.00
N ASP B 54 16.24 35.02 -27.15
CA ASP B 54 15.65 35.40 -28.43
C ASP B 54 15.32 36.89 -28.52
N GLY B 55 15.61 37.67 -27.48
CA GLY B 55 15.45 39.11 -27.54
C GLY B 55 14.05 39.63 -27.28
N ASP B 56 13.07 38.75 -27.06
CA ASP B 56 11.70 39.20 -26.83
C ASP B 56 11.41 39.53 -25.37
N LYS B 57 12.29 39.18 -24.44
CA LYS B 57 12.09 39.45 -23.02
C LYS B 57 13.21 40.37 -22.54
N LYS B 58 12.86 41.61 -22.21
CA LYS B 58 13.81 42.58 -21.68
C LYS B 58 13.25 43.22 -20.42
N ASP B 59 14.15 43.58 -19.50
CA ASP B 59 13.79 44.28 -18.28
C ASP B 59 14.83 45.34 -17.97
N TYR B 60 14.39 46.43 -17.35
CA TYR B 60 15.24 47.58 -17.09
C TYR B 60 15.05 48.08 -15.66
N VAL B 61 16.13 48.59 -15.08
CA VAL B 61 16.03 49.29 -13.81
C VAL B 61 15.31 50.62 -14.02
N ASP B 62 14.60 51.08 -12.99
CA ASP B 62 13.66 52.19 -13.15
C ASP B 62 14.34 53.45 -13.68
N SER B 63 15.47 53.83 -13.09
CA SER B 63 16.14 55.08 -13.44
C SER B 63 16.67 55.08 -14.86
N VAL B 64 16.37 54.01 -15.61
CA VAL B 64 16.93 53.80 -16.93
C VAL B 64 15.86 53.64 -18.01
N LYS B 65 14.64 53.25 -17.64
CA LYS B 65 13.55 53.09 -18.61
C LYS B 65 13.36 54.35 -19.44
N GLY B 66 13.17 54.16 -20.74
CA GLY B 66 12.90 55.24 -21.65
C GLY B 66 14.10 55.76 -22.43
N ARG B 67 15.32 55.50 -21.95
CA ARG B 67 16.49 56.04 -22.62
C ARG B 67 17.62 55.03 -22.81
N PHE B 68 17.52 53.83 -22.25
CA PHE B 68 18.44 52.74 -22.59
C PHE B 68 17.69 51.68 -23.37
N THR B 69 18.41 50.97 -24.24
CA THR B 69 17.86 49.87 -25.01
C THR B 69 18.87 48.74 -25.03
N ILE B 70 18.49 47.60 -24.48
CA ILE B 70 19.33 46.42 -24.52
C ILE B 70 18.93 45.59 -25.73
N SER B 71 19.92 44.97 -26.37
CA SER B 71 19.69 44.20 -27.58
C SER B 71 20.84 43.22 -27.76
N ARG B 72 20.70 42.34 -28.74
CA ARG B 72 21.70 41.31 -28.96
C ARG B 72 21.70 40.91 -30.43
N ASP B 73 22.82 40.33 -30.86
CA ASP B 73 22.98 39.77 -32.20
C ASP B 73 23.53 38.36 -32.03
N ASN B 74 22.66 37.36 -32.09
CA ASN B 74 23.10 35.99 -31.86
C ASN B 74 24.01 35.48 -32.97
N ALA B 75 23.83 35.98 -34.19
CA ALA B 75 24.75 35.64 -35.27
C ALA B 75 26.14 36.18 -35.00
N LYS B 76 26.25 37.31 -34.30
CA LYS B 76 27.54 37.89 -33.95
C LYS B 76 27.96 37.58 -32.53
N THR B 77 27.12 36.92 -31.73
CA THR B 77 27.37 36.65 -30.33
C THR B 77 27.78 37.93 -29.60
N SER B 78 26.91 38.93 -29.68
CA SER B 78 27.20 40.25 -29.14
C SER B 78 25.98 40.80 -28.41
N LEU B 79 26.23 41.46 -27.29
CA LEU B 79 25.23 42.16 -26.51
C LEU B 79 25.44 43.66 -26.66
N TYR B 80 24.35 44.41 -26.76
CA TYR B 80 24.41 45.85 -27.00
C TYR B 80 23.58 46.59 -25.96
N LEU B 81 23.98 47.83 -25.68
CA LEU B 81 23.23 48.72 -24.81
C LEU B 81 23.31 50.12 -25.39
N GLN B 82 22.21 50.58 -25.98
CA GLN B 82 22.11 51.94 -26.50
C GLN B 82 21.68 52.87 -25.38
N MET B 83 22.50 53.87 -25.07
CA MET B 83 22.22 54.83 -24.02
C MET B 83 21.94 56.19 -24.63
N ASN B 84 20.84 56.81 -24.21
CA ASN B 84 20.48 58.15 -24.66
C ASN B 84 20.22 59.03 -23.45
N SER B 85 20.35 60.35 -23.66
CA SER B 85 20.08 61.34 -22.62
C SER B 85 20.89 61.06 -21.35
N LEU B 86 22.18 60.76 -21.53
CA LEU B 86 23.04 60.42 -20.41
C LEU B 86 23.23 61.61 -19.48
N ARG B 87 23.40 61.32 -18.19
CA ARG B 87 23.63 62.33 -17.18
C ARG B 87 24.76 61.88 -16.26
N ALA B 88 25.13 62.75 -15.32
CA ALA B 88 26.25 62.45 -14.43
C ALA B 88 26.03 61.16 -13.65
N GLY B 89 24.78 60.90 -13.25
CA GLY B 89 24.47 59.67 -12.55
C GLY B 89 24.71 58.40 -13.36
N ASP B 90 24.90 58.52 -14.67
CA ASP B 90 25.19 57.37 -15.50
C ASP B 90 26.68 57.07 -15.61
N THR B 91 27.53 57.96 -15.12
CA THR B 91 28.96 57.69 -15.07
C THR B 91 29.25 56.46 -14.22
N ALA B 92 29.72 55.39 -14.84
CA ALA B 92 29.96 54.14 -14.13
C ALA B 92 30.82 53.24 -14.99
N VAL B 93 31.24 52.13 -14.41
CA VAL B 93 31.87 51.04 -15.14
C VAL B 93 30.77 50.04 -15.47
N TYR B 94 30.52 49.81 -16.75
CA TYR B 94 29.43 48.95 -17.19
C TYR B 94 29.97 47.55 -17.45
N TYR B 95 29.40 46.57 -16.74
CA TYR B 95 29.82 45.17 -16.84
C TYR B 95 28.86 44.39 -17.73
N CYS B 96 29.43 43.49 -18.53
CA CYS B 96 28.67 42.50 -19.27
C CYS B 96 28.73 41.20 -18.50
N ALA B 97 27.56 40.58 -18.28
CA ALA B 97 27.50 39.37 -17.47
C ALA B 97 26.58 38.35 -18.13
N ARG B 98 26.92 37.08 -17.91
CA ARG B 98 26.13 35.96 -18.40
C ARG B 98 25.20 35.49 -17.28
N ILE B 99 23.90 35.39 -17.59
CA ILE B 99 22.91 34.98 -16.61
C ILE B 99 22.71 33.48 -16.68
N ARG B 100 22.60 32.85 -15.52
CA ARG B 100 22.30 31.43 -15.43
C ARG B 100 20.83 31.25 -15.05
N GLN B 101 20.13 30.42 -15.80
CA GLN B 101 18.72 30.18 -15.55
C GLN B 101 18.52 29.51 -14.20
N VAL B 102 17.32 29.67 -13.65
CA VAL B 102 16.98 29.11 -12.35
C VAL B 102 15.49 28.80 -12.32
N SER B 103 15.13 27.71 -11.65
CA SER B 103 13.73 27.32 -11.51
C SER B 103 13.01 28.27 -10.55
N LYS B 104 11.94 28.90 -11.02
CA LYS B 104 11.11 29.76 -10.19
C LYS B 104 9.71 29.75 -10.77
N TYR B 105 8.71 29.45 -9.94
CA TYR B 105 7.35 29.20 -10.38
C TYR B 105 7.30 28.12 -11.48
N LEU B 106 7.98 27.00 -11.21
CA LEU B 106 7.98 25.83 -12.09
C LEU B 106 8.38 26.16 -13.53
N GLN B 107 9.01 27.31 -13.74
CA GLN B 107 9.43 27.77 -15.07
C GLN B 107 10.89 28.18 -15.00
N TRP B 108 11.45 28.52 -16.15
CA TRP B 108 12.83 28.94 -16.25
C TRP B 108 12.91 30.46 -16.26
N TYR B 109 13.57 31.01 -15.25
CA TYR B 109 13.72 32.43 -15.04
C TYR B 109 15.20 32.81 -15.02
N PRO B 110 15.53 34.07 -15.31
CA PRO B 110 16.91 34.51 -15.18
C PRO B 110 17.33 34.52 -13.72
N GLY B 111 18.57 34.07 -13.47
CA GLY B 111 19.07 34.01 -12.12
C GLY B 111 20.41 34.67 -11.91
N VAL B 112 21.32 33.96 -11.24
CA VAL B 112 22.58 34.57 -10.81
C VAL B 112 23.44 34.95 -12.02
N PHE B 113 24.33 35.93 -11.78
CA PHE B 113 25.29 36.38 -12.80
C PHE B 113 26.57 35.56 -12.61
N GLU B 114 26.73 34.52 -13.42
CA GLU B 114 27.78 33.53 -13.19
C GLU B 114 29.12 33.91 -13.79
N MET B 115 29.16 34.74 -14.84
CA MET B 115 30.42 35.16 -15.43
C MET B 115 30.33 36.62 -15.84
N TRP B 116 31.42 37.35 -15.59
CA TRP B 116 31.45 38.80 -15.77
C TRP B 116 32.61 39.19 -16.69
N GLY B 117 32.39 40.25 -17.46
CA GLY B 117 33.47 40.86 -18.23
C GLY B 117 34.27 41.81 -17.36
N GLN B 118 35.31 42.37 -17.98
CA GLN B 118 36.19 43.29 -17.26
C GLN B 118 35.58 44.69 -17.11
N GLY B 119 34.70 45.07 -18.03
CA GLY B 119 34.00 46.33 -17.92
C GLY B 119 34.63 47.43 -18.75
N THR B 120 33.80 48.38 -19.18
CA THR B 120 34.24 49.57 -19.90
C THR B 120 33.74 50.81 -19.19
N MET B 121 34.61 51.81 -19.08
CA MET B 121 34.33 53.03 -18.32
C MET B 121 33.58 54.03 -19.19
N VAL B 122 32.41 54.46 -18.72
CA VAL B 122 31.63 55.50 -19.37
C VAL B 122 31.67 56.74 -18.48
N THR B 123 32.19 57.84 -19.02
CA THR B 123 32.30 59.09 -18.28
C THR B 123 31.40 60.14 -18.93
N VAL B 124 30.44 60.64 -18.16
CA VAL B 124 29.56 61.72 -18.58
C VAL B 124 30.03 62.97 -17.85
N SER B 125 30.59 63.93 -18.59
CA SER B 125 31.14 65.13 -17.98
C SER B 125 31.23 66.23 -19.03
N SER B 126 31.43 67.46 -18.54
CA SER B 126 31.48 68.65 -19.39
C SER B 126 32.90 68.99 -19.86
N ALA B 127 33.77 67.99 -20.00
CA ALA B 127 35.15 68.20 -20.40
C ALA B 127 35.38 67.64 -21.81
N SER B 128 36.65 67.59 -22.21
CA SER B 128 37.06 67.08 -23.50
C SER B 128 38.11 66.00 -23.31
N THR B 129 38.30 65.19 -24.35
CA THR B 129 39.21 64.05 -24.28
C THR B 129 40.65 64.52 -24.49
N LYS B 130 41.56 64.03 -23.64
CA LYS B 130 42.97 64.41 -23.70
C LYS B 130 43.82 63.19 -23.44
N GLY B 131 44.73 62.90 -24.37
CA GLY B 131 45.68 61.83 -24.19
C GLY B 131 46.76 62.19 -23.18
N PRO B 132 47.35 61.19 -22.55
CA PRO B 132 48.31 61.43 -21.48
C PRO B 132 49.73 61.65 -21.98
N SER B 133 50.54 62.23 -21.10
CA SER B 133 51.98 62.38 -21.31
C SER B 133 52.69 61.46 -20.34
N VAL B 134 53.53 60.57 -20.86
CA VAL B 134 54.22 59.57 -20.07
C VAL B 134 55.64 60.04 -19.79
N PHE B 135 56.09 59.85 -18.54
CA PHE B 135 57.44 60.19 -18.15
C PHE B 135 58.04 59.04 -17.34
N PRO B 136 59.34 58.77 -17.51
CA PRO B 136 59.97 57.70 -16.75
C PRO B 136 60.19 58.09 -15.29
N LEU B 137 60.21 57.07 -14.44
CA LEU B 137 60.61 57.19 -13.03
C LEU B 137 61.80 56.25 -12.85
N ALA B 138 63.01 56.79 -13.06
CA ALA B 138 64.20 55.97 -13.14
C ALA B 138 64.60 55.41 -11.78
N PRO B 139 65.40 54.33 -11.76
CA PRO B 139 65.95 53.83 -10.50
C PRO B 139 66.94 54.78 -9.84
N SER B 140 68.04 54.23 -9.33
CA SER B 140 69.10 55.05 -8.72
C SER B 140 70.45 54.35 -8.80
N SER B 143 65.36 54.63 -4.73
CA SER B 143 64.64 53.69 -5.60
C SER B 143 64.97 52.25 -5.24
N THR B 144 66.17 52.04 -4.69
CA THR B 144 66.66 50.72 -4.32
C THR B 144 66.80 50.66 -2.81
N SER B 145 66.15 49.66 -2.19
CA SER B 145 66.20 49.50 -0.74
C SER B 145 66.99 48.27 -0.36
N GLY B 146 66.32 47.31 0.30
CA GLY B 146 66.97 46.08 0.73
C GLY B 146 67.14 45.08 -0.40
N GLY B 147 68.04 45.39 -1.33
CA GLY B 147 68.22 44.53 -2.48
C GLY B 147 67.07 44.56 -3.46
N THR B 148 66.18 45.54 -3.34
CA THR B 148 65.01 45.65 -4.19
C THR B 148 64.98 47.04 -4.83
N ALA B 149 64.90 47.07 -6.16
CA ALA B 149 64.82 48.33 -6.90
C ALA B 149 63.38 48.63 -7.26
N ALA B 150 63.05 49.91 -7.29
CA ALA B 150 61.71 50.38 -7.67
C ALA B 150 61.84 51.42 -8.75
N LEU B 151 61.21 51.18 -9.89
CA LEU B 151 61.12 52.13 -10.99
C LEU B 151 59.67 52.21 -11.44
N GLY B 152 59.37 53.18 -12.28
CA GLY B 152 58.00 53.33 -12.71
C GLY B 152 57.84 54.29 -13.87
N CYS B 153 56.58 54.55 -14.20
CA CYS B 153 56.20 55.49 -15.26
C CYS B 153 55.13 56.42 -14.72
N LEU B 154 55.31 57.72 -14.95
CA LEU B 154 54.36 58.73 -14.51
C LEU B 154 53.45 59.10 -15.68
N VAL B 155 52.16 58.84 -15.51
CA VAL B 155 51.15 59.14 -16.53
C VAL B 155 50.37 60.36 -16.06
N LYS B 156 50.51 61.47 -16.78
CA LYS B 156 50.07 62.77 -16.29
C LYS B 156 49.18 63.47 -17.32
N ASP B 157 48.19 64.20 -16.80
CA ASP B 157 47.34 65.09 -17.58
C ASP B 157 46.62 64.34 -18.70
N TYR B 158 45.60 63.58 -18.31
CA TYR B 158 44.76 62.87 -19.26
C TYR B 158 43.31 62.91 -18.78
N PHE B 159 42.41 62.62 -19.71
CA PHE B 159 40.97 62.58 -19.46
C PHE B 159 40.27 61.99 -20.67
N PRO B 160 39.29 61.09 -20.45
CA PRO B 160 38.88 60.61 -19.13
C PRO B 160 39.55 59.30 -18.72
N GLU B 161 39.13 58.76 -17.59
CA GLU B 161 39.53 57.43 -17.16
C GLU B 161 39.04 56.39 -18.16
N PRO B 162 39.74 55.24 -18.25
CA PRO B 162 40.96 54.91 -17.52
C PRO B 162 42.19 54.80 -18.42
N VAL B 163 43.35 54.64 -17.79
CA VAL B 163 44.57 54.23 -18.48
C VAL B 163 44.98 52.88 -17.91
N THR B 164 45.53 52.01 -18.76
CA THR B 164 45.96 50.69 -18.37
C THR B 164 47.44 50.55 -18.65
N VAL B 165 48.22 50.36 -17.60
CA VAL B 165 49.68 50.28 -17.68
C VAL B 165 50.10 48.85 -17.39
N SER B 166 50.96 48.31 -18.25
CA SER B 166 51.60 47.01 -18.04
C SER B 166 53.11 47.19 -18.06
N TRP B 167 53.83 46.10 -17.80
CA TRP B 167 55.28 46.13 -17.71
C TRP B 167 55.85 44.96 -18.50
N ASN B 168 56.61 45.29 -19.56
CA ASN B 168 57.17 44.29 -20.46
C ASN B 168 56.06 43.38 -21.00
N SER B 169 55.23 43.98 -21.87
CA SER B 169 54.03 43.33 -22.38
C SER B 169 53.12 42.91 -21.24
N GLY B 170 53.49 41.83 -20.55
CA GLY B 170 52.76 41.38 -19.38
C GLY B 170 53.62 40.51 -18.49
N ALA B 171 54.93 40.60 -18.69
CA ALA B 171 55.86 39.73 -17.98
C ALA B 171 55.89 40.05 -16.49
N LEU B 172 56.00 41.32 -16.15
CA LEU B 172 56.10 41.72 -14.76
C LEU B 172 54.73 41.77 -14.11
N THR B 173 54.58 41.04 -13.00
CA THR B 173 53.42 41.11 -12.10
C THR B 173 53.80 41.19 -10.62
N SER B 174 54.96 40.70 -10.19
CA SER B 174 55.36 40.84 -8.79
C SER B 174 55.74 42.29 -8.46
N GLY B 175 55.30 42.77 -7.30
CA GLY B 175 55.61 44.12 -6.87
C GLY B 175 55.12 45.23 -7.77
N VAL B 176 54.11 44.96 -8.60
CA VAL B 176 53.56 45.96 -9.51
C VAL B 176 52.42 46.68 -8.81
N HIS B 177 52.51 47.99 -8.72
CA HIS B 177 51.51 48.82 -8.05
C HIS B 177 51.13 49.98 -8.96
N THR B 178 49.93 49.92 -9.53
CA THR B 178 49.39 51.00 -10.36
C THR B 178 48.44 51.82 -9.49
N PHE B 179 48.93 52.96 -9.02
CA PHE B 179 48.15 53.78 -8.11
C PHE B 179 46.86 54.26 -8.78
N PRO B 180 45.81 54.51 -8.00
CA PRO B 180 44.58 55.05 -8.59
C PRO B 180 44.81 56.45 -9.15
N ALA B 181 44.08 56.75 -10.21
CA ALA B 181 44.13 58.09 -10.80
C ALA B 181 43.60 59.12 -9.82
N VAL B 182 44.19 60.31 -9.84
CA VAL B 182 43.76 61.42 -9.01
C VAL B 182 43.52 62.64 -9.89
N LEU B 183 42.48 63.39 -9.57
CA LEU B 183 42.04 64.52 -10.38
C LEU B 183 42.72 65.79 -9.86
N GLN B 184 43.69 66.30 -10.61
CA GLN B 184 44.37 67.51 -10.19
C GLN B 184 43.49 68.73 -10.45
N SER B 185 43.91 69.87 -9.90
CA SER B 185 43.08 71.07 -9.89
C SER B 185 42.75 71.57 -11.30
N SER B 186 43.53 71.18 -12.31
CA SER B 186 43.26 71.63 -13.67
C SER B 186 42.05 70.95 -14.29
N GLY B 187 41.65 69.80 -13.75
CA GLY B 187 40.55 69.03 -14.32
C GLY B 187 40.97 67.78 -15.06
N LEU B 188 42.27 67.47 -15.11
CA LEU B 188 42.78 66.29 -15.77
C LEU B 188 43.23 65.26 -14.73
N TYR B 189 43.26 64.00 -15.15
CA TYR B 189 43.70 62.92 -14.28
C TYR B 189 45.20 62.68 -14.43
N SER B 190 45.77 62.02 -13.42
CA SER B 190 47.16 61.62 -13.44
C SER B 190 47.37 60.51 -12.43
N LEU B 191 48.11 59.48 -12.83
CA LEU B 191 48.49 58.42 -11.90
C LEU B 191 49.97 58.11 -12.10
N SER B 192 50.49 57.29 -11.20
CA SER B 192 51.85 56.79 -11.29
C SER B 192 51.83 55.29 -11.06
N SER B 193 52.60 54.56 -11.86
CA SER B 193 52.72 53.12 -11.74
C SER B 193 54.15 52.76 -11.39
N VAL B 194 54.33 51.86 -10.42
CA VAL B 194 55.64 51.46 -9.96
C VAL B 194 55.73 49.94 -9.92
N VAL B 195 56.96 49.44 -9.97
CA VAL B 195 57.22 48.01 -9.90
C VAL B 195 58.51 47.79 -9.11
N THR B 196 58.48 46.81 -8.22
CA THR B 196 59.64 46.48 -7.38
C THR B 196 60.32 45.24 -7.93
N VAL B 197 61.62 45.36 -8.18
CA VAL B 197 62.44 44.25 -8.70
C VAL B 197 63.75 44.20 -7.92
N PRO B 198 64.43 43.06 -7.95
CA PRO B 198 65.76 42.98 -7.34
C PRO B 198 66.70 44.03 -7.93
N SER B 199 67.38 44.76 -7.04
CA SER B 199 68.20 45.91 -7.44
C SER B 199 69.51 45.49 -8.07
N SER B 200 69.47 44.57 -9.02
CA SER B 200 70.66 44.15 -9.75
C SER B 200 70.38 43.87 -11.22
N SER B 201 69.13 43.96 -11.67
CA SER B 201 68.78 43.77 -13.06
C SER B 201 68.94 45.03 -13.88
N LEU B 202 69.58 46.06 -13.33
CA LEU B 202 69.76 47.36 -13.98
C LEU B 202 70.76 47.19 -15.13
N GLY B 203 70.25 46.76 -16.28
CA GLY B 203 71.09 46.53 -17.44
C GLY B 203 70.99 45.12 -17.96
N THR B 204 70.86 44.16 -17.06
CA THR B 204 70.69 42.75 -17.41
C THR B 204 69.23 42.34 -17.53
N GLN B 205 68.31 43.30 -17.53
CA GLN B 205 66.88 43.05 -17.74
C GLN B 205 66.17 44.36 -18.06
N THR B 206 65.72 44.52 -19.31
CA THR B 206 65.09 45.76 -19.73
C THR B 206 63.68 45.87 -19.15
N TYR B 207 63.33 47.07 -18.69
CA TYR B 207 62.02 47.35 -18.12
C TYR B 207 61.36 48.47 -18.93
N ILE B 208 60.22 48.15 -19.56
CA ILE B 208 59.45 49.12 -20.30
C ILE B 208 57.99 49.03 -19.84
N CYS B 209 57.33 50.19 -19.80
CA CYS B 209 55.91 50.25 -19.46
C CYS B 209 55.08 50.46 -20.71
N ASN B 210 53.85 49.95 -20.69
CA ASN B 210 52.93 50.01 -21.82
C ASN B 210 51.65 50.70 -21.36
N VAL B 211 51.54 51.99 -21.64
CA VAL B 211 50.36 52.77 -21.29
C VAL B 211 49.38 52.71 -22.44
N ASN B 212 48.09 52.72 -22.11
CA ASN B 212 47.04 52.68 -23.12
C ASN B 212 45.87 53.52 -22.63
N HIS B 213 45.35 54.38 -23.52
CA HIS B 213 44.23 55.29 -23.22
C HIS B 213 43.22 55.13 -24.35
N LYS B 214 42.38 54.10 -24.25
CA LYS B 214 41.40 53.83 -25.31
C LYS B 214 40.51 55.00 -25.66
N PRO B 215 40.04 55.84 -24.72
CA PRO B 215 39.24 57.01 -25.14
C PRO B 215 39.96 57.94 -26.12
N SER B 216 41.28 57.82 -26.27
CA SER B 216 42.03 58.58 -27.28
C SER B 216 43.19 57.69 -27.72
N ASN B 217 42.96 56.94 -28.80
CA ASN B 217 43.86 55.89 -29.30
C ASN B 217 45.34 56.20 -29.09
N THR B 218 45.82 56.01 -27.87
CA THR B 218 47.21 56.25 -27.50
C THR B 218 47.81 54.97 -26.92
N LYS B 219 49.01 54.62 -27.38
CA LYS B 219 49.72 53.45 -26.88
C LYS B 219 51.20 53.79 -26.71
N VAL B 220 51.48 54.73 -25.80
CA VAL B 220 52.85 55.14 -25.53
C VAL B 220 53.58 54.02 -24.80
N ASP B 221 54.78 53.68 -25.27
CA ASP B 221 55.64 52.70 -24.61
C ASP B 221 56.96 53.38 -24.27
N LYS B 222 57.20 53.57 -22.99
CA LYS B 222 58.40 54.24 -22.49
C LYS B 222 59.34 53.23 -21.85
N LYS B 223 60.63 53.41 -22.07
CA LYS B 223 61.65 52.56 -21.45
C LYS B 223 62.24 53.28 -20.25
N VAL B 224 62.40 52.53 -19.15
CA VAL B 224 62.88 53.07 -17.89
C VAL B 224 64.25 52.48 -17.61
N GLU B 225 65.20 53.35 -17.26
CA GLU B 225 66.57 52.94 -16.98
C GLU B 225 67.19 53.99 -16.06
N PRO B 226 68.24 53.63 -15.32
CA PRO B 226 68.75 54.54 -14.27
C PRO B 226 69.19 55.88 -14.80
N LYS B 227 69.31 56.84 -13.88
CA LYS B 227 69.65 58.22 -14.22
C LYS B 227 71.08 58.56 -13.82
N ASP C 1 9.42 46.71 -5.90
CA ASP C 1 10.83 46.34 -5.94
C ASP C 1 11.30 45.88 -4.57
N ILE C 2 12.30 44.98 -4.57
CA ILE C 2 12.87 44.44 -3.35
C ILE C 2 14.17 45.17 -3.07
N VAL C 3 14.35 45.61 -1.83
CA VAL C 3 15.53 46.35 -1.40
C VAL C 3 16.38 45.46 -0.51
N MET C 4 17.68 45.42 -0.76
CA MET C 4 18.61 44.65 0.04
C MET C 4 19.46 45.60 0.87
N THR C 5 19.56 45.32 2.17
CA THR C 5 20.35 46.13 3.09
C THR C 5 21.38 45.23 3.75
N GLN C 6 22.66 45.56 3.56
CA GLN C 6 23.74 44.79 4.16
C GLN C 6 24.20 45.45 5.45
N SER C 7 24.79 44.63 6.31
CA SER C 7 25.35 45.11 7.56
C SER C 7 26.47 44.16 7.97
N PRO C 8 27.60 44.71 8.44
CA PRO C 8 27.88 46.14 8.56
C PRO C 8 28.29 46.77 7.23
N ASP C 9 28.40 48.09 7.20
CA ASP C 9 28.85 48.73 5.96
C ASP C 9 30.33 48.48 5.72
N SER C 10 31.11 48.28 6.80
CA SER C 10 32.51 47.90 6.68
C SER C 10 32.96 47.33 8.01
N LEU C 11 34.01 46.51 7.96
CA LEU C 11 34.55 45.88 9.16
C LEU C 11 36.00 45.51 8.92
N ALA C 12 36.76 45.37 10.00
CA ALA C 12 38.16 44.98 9.96
C ALA C 12 38.36 43.75 10.82
N VAL C 13 38.84 42.66 10.22
CA VAL C 13 38.98 41.37 10.88
C VAL C 13 40.44 40.94 10.81
N SER C 14 40.96 40.45 11.93
CA SER C 14 42.32 39.93 11.94
C SER C 14 42.42 38.63 11.15
N LEU C 15 43.63 38.31 10.72
CA LEU C 15 43.86 37.08 9.96
C LEU C 15 43.54 35.85 10.81
N GLY C 16 42.79 34.92 10.24
CA GLY C 16 42.42 33.71 10.92
C GLY C 16 41.18 33.81 11.79
N GLU C 17 40.53 34.97 11.83
CA GLU C 17 39.35 35.16 12.65
C GLU C 17 38.10 35.20 11.76
N ARG C 18 36.94 35.21 12.42
CA ARG C 18 35.67 35.07 11.73
C ARG C 18 35.16 36.42 11.25
N ALA C 19 34.69 36.45 10.00
CA ALA C 19 34.07 37.62 9.41
C ALA C 19 32.61 37.30 9.11
N THR C 20 31.70 38.11 9.62
CA THR C 20 30.28 37.89 9.45
C THR C 20 29.65 39.09 8.77
N ILE C 21 28.95 38.84 7.67
CA ILE C 21 28.28 39.88 6.89
C ILE C 21 26.81 39.52 6.77
N HIS C 22 25.94 40.45 7.13
CA HIS C 22 24.51 40.22 7.11
C HIS C 22 23.87 40.89 5.90
N CYS C 23 22.74 40.34 5.46
CA CYS C 23 21.97 40.87 4.34
C CYS C 23 20.50 40.75 4.70
N LYS C 24 19.75 41.83 4.49
CA LYS C 24 18.33 41.86 4.79
C LYS C 24 17.56 42.28 3.55
N SER C 25 16.53 41.52 3.20
CA SER C 25 15.67 41.84 2.08
C SER C 25 14.44 42.58 2.57
N SER C 26 13.97 43.54 1.76
CA SER C 26 12.77 44.31 2.11
C SER C 26 11.57 43.39 2.33
N GLN C 27 11.40 42.39 1.49
CA GLN C 27 10.34 41.39 1.64
C GLN C 27 10.93 40.00 1.47
N SER C 28 10.13 38.99 1.77
CA SER C 28 10.62 37.63 1.73
C SER C 28 11.06 37.26 0.32
N VAL C 29 12.24 36.65 0.22
CA VAL C 29 12.71 36.08 -1.03
C VAL C 29 12.69 34.56 -0.98
N LEU C 30 11.97 34.00 0.00
CA LEU C 30 11.83 32.57 0.16
C LEU C 30 10.62 32.08 -0.62
N TYR C 31 10.85 31.23 -1.62
CA TYR C 31 9.79 30.63 -2.41
C TYR C 31 9.42 29.30 -1.76
N ARG C 32 8.25 29.24 -1.11
CA ARG C 32 7.87 28.12 -0.26
C ARG C 32 7.64 26.81 -1.01
N PRO C 33 7.06 26.80 -2.22
CA PRO C 33 6.88 25.52 -2.92
C PRO C 33 8.15 24.68 -3.07
N ASN C 34 9.33 25.31 -3.16
CA ASN C 34 10.58 24.56 -3.22
C ASN C 34 11.51 24.85 -2.05
N ASN C 35 11.10 25.71 -1.11
CA ASN C 35 11.88 26.03 0.08
C ASN C 35 13.27 26.55 -0.29
N ARG C 36 13.33 27.34 -1.36
CA ARG C 36 14.57 27.93 -1.86
C ARG C 36 14.56 29.44 -1.68
N ASN C 37 15.71 29.99 -1.28
CA ASN C 37 15.88 31.42 -1.08
C ASN C 37 16.68 32.00 -2.24
N TYR C 38 16.09 32.98 -2.92
CA TYR C 38 16.68 33.54 -4.14
C TYR C 38 17.60 34.70 -3.77
N VAL C 39 18.73 34.34 -3.18
CA VAL C 39 19.75 35.27 -2.73
C VAL C 39 21.10 34.75 -3.16
N ALA C 40 21.97 35.64 -3.63
CA ALA C 40 23.33 35.28 -3.99
C ALA C 40 24.31 36.23 -3.34
N TRP C 41 25.54 35.76 -3.16
CA TRP C 41 26.64 36.55 -2.64
C TRP C 41 27.75 36.67 -3.67
N TYR C 42 28.30 37.88 -3.82
CA TYR C 42 29.36 38.15 -4.77
C TYR C 42 30.57 38.75 -4.06
N GLN C 43 31.75 38.45 -4.59
CA GLN C 43 33.01 38.98 -4.07
C GLN C 43 33.67 39.82 -5.16
N GLN C 44 34.06 41.05 -4.80
CA GLN C 44 34.69 41.97 -5.73
C GLN C 44 36.06 42.37 -5.18
N LYS C 45 37.11 41.75 -5.69
CA LYS C 45 38.46 42.08 -5.30
C LYS C 45 38.88 43.42 -5.91
N PRO C 46 39.82 44.13 -5.29
CA PRO C 46 40.24 45.43 -5.81
C PRO C 46 40.78 45.32 -7.23
N GLY C 47 40.17 46.07 -8.14
CA GLY C 47 40.59 46.06 -9.53
C GLY C 47 40.14 44.84 -10.32
N GLN C 48 39.01 44.24 -9.96
CA GLN C 48 38.51 43.04 -10.62
C GLN C 48 36.99 43.11 -10.70
N PRO C 49 36.39 42.44 -11.67
CA PRO C 49 34.92 42.37 -11.73
C PRO C 49 34.37 41.49 -10.61
N PRO C 50 33.11 41.66 -10.24
CA PRO C 50 32.53 40.79 -9.20
C PRO C 50 32.58 39.34 -9.60
N ARG C 51 32.61 38.47 -8.59
CA ARG C 51 32.73 37.03 -8.77
C ARG C 51 31.68 36.34 -7.91
N LEU C 52 30.92 35.43 -8.53
CA LEU C 52 29.85 34.73 -7.83
C LEU C 52 30.43 33.73 -6.83
N LEU C 53 30.06 33.89 -5.56
CA LEU C 53 30.48 32.97 -4.51
C LEU C 53 29.42 31.92 -4.20
N ILE C 54 28.17 32.34 -3.99
CA ILE C 54 27.13 31.48 -3.45
C ILE C 54 25.82 31.84 -4.10
N HIS C 55 25.10 30.83 -4.59
CA HIS C 55 23.76 31.01 -5.12
C HIS C 55 22.76 30.27 -4.24
N TRP C 56 21.50 30.69 -4.33
CA TRP C 56 20.41 30.09 -3.54
C TRP C 56 20.74 30.09 -2.04
N ALA C 57 21.37 31.17 -1.58
CA ALA C 57 21.64 31.46 -0.18
C ALA C 57 22.74 30.59 0.45
N SER C 58 22.72 29.28 0.19
CA SER C 58 23.60 28.36 0.91
C SER C 58 24.43 27.45 0.03
N PHE C 59 24.40 27.61 -1.29
CA PHE C 59 25.09 26.70 -2.21
C PHE C 59 26.34 27.38 -2.74
N ARG C 60 27.49 26.75 -2.53
CA ARG C 60 28.76 27.30 -2.96
C ARG C 60 29.01 27.01 -4.43
N GLU C 61 29.52 28.01 -5.15
CA GLU C 61 30.02 27.78 -6.49
C GLU C 61 31.28 26.93 -6.43
N SER C 62 31.53 26.19 -7.51
CA SER C 62 32.74 25.37 -7.57
C SER C 62 33.98 26.25 -7.48
N GLY C 63 34.99 25.77 -6.76
CA GLY C 63 36.22 26.49 -6.57
C GLY C 63 36.28 27.38 -5.34
N VAL C 64 35.12 27.81 -4.84
CA VAL C 64 35.09 28.69 -3.67
C VAL C 64 35.38 27.87 -2.42
N PRO C 65 36.31 28.29 -1.56
CA PRO C 65 36.73 27.46 -0.42
C PRO C 65 35.59 27.25 0.58
N ASP C 66 35.82 26.27 1.46
CA ASP C 66 34.83 25.91 2.47
C ASP C 66 34.61 27.04 3.47
N ARG C 67 35.62 27.88 3.70
CA ARG C 67 35.52 28.89 4.75
C ARG C 67 34.38 29.87 4.48
N PHE C 68 33.96 30.01 3.22
CA PHE C 68 32.79 30.81 2.90
C PHE C 68 31.54 29.97 3.10
N THR C 69 30.58 30.48 3.86
CA THR C 69 29.35 29.76 4.16
C THR C 69 28.21 30.76 4.24
N GLY C 70 27.22 30.59 3.38
CA GLY C 70 26.01 31.39 3.41
C GLY C 70 24.89 30.63 4.09
N SER C 71 24.02 31.38 4.75
CA SER C 71 22.91 30.78 5.50
C SER C 71 21.79 31.80 5.63
N GLY C 72 20.71 31.39 6.28
CA GLY C 72 19.56 32.24 6.49
C GLY C 72 18.37 31.81 5.66
N SER C 73 17.24 32.47 5.91
CA SER C 73 15.99 32.18 5.24
C SER C 73 15.07 33.37 5.34
N GLY C 74 14.13 33.45 4.39
CA GLY C 74 13.13 34.51 4.40
C GLY C 74 13.67 35.88 4.04
N THR C 75 14.01 36.68 5.06
CA THR C 75 14.51 38.02 4.87
C THR C 75 15.86 38.26 5.53
N ASP C 76 16.40 37.29 6.26
CA ASP C 76 17.62 37.46 7.05
C ASP C 76 18.67 36.48 6.54
N PHE C 77 19.75 37.01 5.98
CA PHE C 77 20.79 36.17 5.40
C PHE C 77 22.15 36.61 5.90
N THR C 78 23.08 35.65 5.91
CA THR C 78 24.40 35.87 6.52
C THR C 78 25.47 35.17 5.70
N LEU C 79 26.56 35.89 5.44
CA LEU C 79 27.76 35.30 4.85
C LEU C 79 28.86 35.30 5.90
N THR C 80 29.44 34.13 6.13
CA THR C 80 30.42 33.90 7.19
C THR C 80 31.71 33.38 6.58
N ILE C 81 32.83 33.96 6.97
CA ILE C 81 34.15 33.50 6.56
C ILE C 81 34.83 32.96 7.81
N SER C 82 35.06 31.64 7.83
CA SER C 82 35.38 30.97 9.08
C SER C 82 36.78 31.34 9.58
N SER C 83 37.77 31.33 8.69
CA SER C 83 39.15 31.64 9.05
C SER C 83 39.72 32.54 7.96
N LEU C 84 39.72 33.85 8.23
CA LEU C 84 40.00 34.83 7.19
C LEU C 84 41.42 34.73 6.66
N GLN C 85 41.56 34.85 5.34
CA GLN C 85 42.83 34.80 4.65
C GLN C 85 43.10 36.12 3.97
N ALA C 86 44.38 36.38 3.68
CA ALA C 86 44.75 37.65 3.07
C ALA C 86 44.02 37.87 1.75
N GLU C 87 43.88 36.81 0.95
CA GLU C 87 43.20 36.91 -0.34
C GLU C 87 41.71 37.24 -0.22
N ASP C 88 41.17 37.30 1.00
CA ASP C 88 39.74 37.56 1.18
C ASP C 88 39.39 39.04 1.22
N VAL C 89 40.38 39.94 1.19
CA VAL C 89 40.09 41.36 1.23
C VAL C 89 39.36 41.74 -0.04
N ALA C 90 38.15 42.27 0.12
CA ALA C 90 37.29 42.59 -1.00
C ALA C 90 36.06 43.29 -0.45
N VAL C 91 35.16 43.68 -1.36
CA VAL C 91 33.83 44.18 -1.03
C VAL C 91 32.83 43.11 -1.42
N TYR C 92 31.99 42.71 -0.47
CA TYR C 92 31.02 41.65 -0.69
C TYR C 92 29.64 42.25 -0.92
N TYR C 93 28.93 41.73 -1.92
CA TYR C 93 27.58 42.16 -2.26
C TYR C 93 26.63 40.97 -2.18
N CYS C 94 25.48 41.17 -1.56
CA CYS C 94 24.38 40.22 -1.68
C CYS C 94 23.44 40.69 -2.78
N GLN C 95 22.71 39.74 -3.35
CA GLN C 95 21.81 40.02 -4.45
C GLN C 95 20.59 39.13 -4.33
N GLN C 96 19.42 39.71 -4.58
CA GLN C 96 18.20 38.92 -4.70
C GLN C 96 17.80 38.85 -6.16
N TYR C 97 17.28 37.69 -6.56
CA TYR C 97 16.75 37.50 -7.90
C TYR C 97 15.36 36.85 -7.83
N PHE C 98 14.62 37.16 -6.77
CA PHE C 98 13.25 36.69 -6.68
C PHE C 98 12.34 37.48 -7.61
N PHE C 99 12.40 38.80 -7.55
CA PHE C 99 11.68 39.68 -8.47
C PHE C 99 12.69 40.61 -9.11
N LEU C 100 12.91 40.44 -10.42
CA LEU C 100 13.94 41.16 -11.14
C LEU C 100 15.29 40.99 -10.46
N TYR C 101 16.04 42.07 -10.30
CA TYR C 101 17.33 42.02 -9.63
C TYR C 101 17.51 43.25 -8.77
N SER C 102 18.29 43.10 -7.71
CA SER C 102 18.73 44.23 -6.90
C SER C 102 19.87 43.77 -6.00
N PHE C 103 20.83 44.65 -5.78
CA PHE C 103 22.03 44.35 -5.00
C PHE C 103 21.96 45.05 -3.65
N GLY C 104 22.66 44.49 -2.69
CA GLY C 104 22.90 45.17 -1.43
C GLY C 104 23.91 46.29 -1.59
N GLY C 105 23.98 47.14 -0.57
CA GLY C 105 24.88 48.28 -0.60
C GLY C 105 26.35 47.92 -0.66
N GLY C 106 26.71 46.74 -0.19
CA GLY C 106 28.11 46.36 -0.18
C GLY C 106 28.71 46.43 1.21
N THR C 107 29.68 45.55 1.46
CA THR C 107 30.36 45.49 2.76
C THR C 107 31.86 45.40 2.50
N LYS C 108 32.59 46.43 2.89
CA LYS C 108 34.03 46.47 2.65
C LYS C 108 34.75 45.75 3.79
N LEU C 109 35.50 44.71 3.44
CA LEU C 109 36.17 43.86 4.42
C LEU C 109 37.66 44.20 4.41
N GLU C 110 38.10 44.95 5.42
CA GLU C 110 39.50 45.25 5.62
C GLU C 110 40.15 44.15 6.43
N ILE C 111 41.47 44.03 6.31
CA ILE C 111 42.24 43.02 7.03
C ILE C 111 43.20 43.73 7.98
N ASN C 112 43.17 43.34 9.24
CA ASN C 112 44.02 43.91 10.27
C ASN C 112 45.25 43.03 10.45
N ARG C 113 46.43 43.62 10.28
CA ARG C 113 47.69 42.89 10.35
C ARG C 113 48.63 43.61 11.32
N THR C 114 49.85 43.09 11.44
CA THR C 114 50.86 43.73 12.25
C THR C 114 51.32 45.04 11.60
N VAL C 115 51.65 46.02 12.45
CA VAL C 115 52.20 47.28 11.97
C VAL C 115 53.47 47.02 11.18
N ALA C 116 53.56 47.62 10.00
CA ALA C 116 54.73 47.50 9.13
C ALA C 116 55.15 48.89 8.68
N ALA C 117 56.43 49.21 8.87
CA ALA C 117 56.93 50.51 8.46
C ALA C 117 57.04 50.59 6.94
N PRO C 118 56.82 51.76 6.36
CA PRO C 118 56.97 51.92 4.91
C PRO C 118 58.42 52.09 4.51
N SER C 119 58.74 51.59 3.32
CA SER C 119 60.00 51.87 2.67
C SER C 119 59.80 53.08 1.75
N VAL C 120 60.58 54.12 1.96
CA VAL C 120 60.36 55.42 1.30
C VAL C 120 61.36 55.58 0.16
N PHE C 121 60.84 55.84 -1.04
CA PHE C 121 61.64 56.17 -2.20
C PHE C 121 61.28 57.58 -2.67
N ILE C 122 62.11 58.11 -3.57
CA ILE C 122 61.89 59.44 -4.13
C ILE C 122 62.47 59.47 -5.54
N PHE C 123 61.66 59.93 -6.50
CA PHE C 123 62.03 59.93 -7.90
C PHE C 123 62.16 61.34 -8.42
N PRO C 124 63.28 61.68 -9.07
CA PRO C 124 63.44 63.02 -9.64
C PRO C 124 62.59 63.18 -10.88
N PRO C 125 62.27 64.42 -11.26
CA PRO C 125 61.58 64.64 -12.54
C PRO C 125 62.46 64.22 -13.70
N SER C 126 61.80 63.89 -14.81
CA SER C 126 62.50 63.47 -16.02
C SER C 126 62.90 64.68 -16.85
N ASP C 127 64.01 64.55 -17.57
CA ASP C 127 64.43 65.59 -18.50
C ASP C 127 63.38 65.80 -19.59
N GLU C 128 62.65 64.74 -19.95
CA GLU C 128 61.56 64.87 -20.91
C GLU C 128 60.48 65.81 -20.40
N GLN C 129 60.24 65.80 -19.09
CA GLN C 129 59.21 66.65 -18.48
C GLN C 129 59.71 68.05 -18.17
N LEU C 130 61.03 68.22 -17.99
CA LEU C 130 61.55 69.52 -17.57
C LEU C 130 61.39 70.57 -18.66
N LYS C 131 61.77 70.24 -19.89
CA LYS C 131 61.62 71.18 -21.01
C LYS C 131 60.19 71.30 -21.49
N SER C 132 59.24 71.26 -20.57
CA SER C 132 57.83 71.43 -20.88
C SER C 132 57.11 72.39 -19.95
N GLY C 133 57.78 72.92 -18.93
CA GLY C 133 57.17 73.87 -18.03
C GLY C 133 56.59 73.30 -16.76
N THR C 134 56.94 72.06 -16.41
CA THR C 134 56.36 71.40 -15.25
C THR C 134 57.31 70.33 -14.73
N ALA C 135 57.51 70.31 -13.42
CA ALA C 135 58.30 69.27 -12.75
C ALA C 135 57.42 68.52 -11.78
N SER C 136 57.62 67.20 -11.70
CA SER C 136 56.88 66.33 -10.80
C SER C 136 57.86 65.50 -9.98
N VAL C 137 57.84 65.69 -8.67
CA VAL C 137 58.64 64.89 -7.74
C VAL C 137 57.74 63.85 -7.11
N VAL C 138 58.08 62.57 -7.30
CA VAL C 138 57.26 61.46 -6.83
C VAL C 138 57.92 60.85 -5.60
N CYS C 139 57.19 60.82 -4.49
CA CYS C 139 57.62 60.20 -3.26
C CYS C 139 56.80 58.94 -3.03
N LEU C 140 57.49 57.81 -2.86
CA LEU C 140 56.84 56.51 -2.82
C LEU C 140 56.96 55.91 -1.42
N LEU C 141 55.82 55.44 -0.89
CA LEU C 141 55.76 54.71 0.37
C LEU C 141 55.24 53.32 0.07
N ASN C 142 56.10 52.31 0.17
CA ASN C 142 55.80 50.97 -0.31
C ASN C 142 55.54 50.02 0.84
N ASN C 143 54.40 49.31 0.76
CA ASN C 143 54.05 48.21 1.66
C ASN C 143 54.11 48.58 3.13
N PHE C 144 53.09 49.25 3.63
CA PHE C 144 53.03 49.64 5.03
C PHE C 144 51.64 49.39 5.60
N TYR C 145 51.56 49.38 6.92
CA TYR C 145 50.30 49.22 7.63
C TYR C 145 50.45 49.78 9.05
N PRO C 146 49.41 50.45 9.56
CA PRO C 146 48.13 50.74 8.91
C PRO C 146 48.17 51.85 7.86
N ARG C 147 46.99 52.20 7.35
CA ARG C 147 46.88 53.11 6.22
C ARG C 147 47.27 54.53 6.56
N GLU C 148 47.13 54.93 7.83
CA GLU C 148 47.40 56.29 8.25
C GLU C 148 48.89 56.60 8.10
N ALA C 149 49.22 57.54 7.22
CA ALA C 149 50.59 57.97 7.01
C ALA C 149 50.60 59.46 6.70
N LYS C 150 51.70 60.11 7.04
CA LYS C 150 51.85 61.56 6.84
C LYS C 150 53.09 61.83 6.01
N VAL C 151 52.92 62.47 4.86
CA VAL C 151 54.01 62.84 3.98
C VAL C 151 54.18 64.35 4.03
N GLN C 152 55.40 64.80 4.30
CA GLN C 152 55.73 66.22 4.39
C GLN C 152 56.86 66.54 3.42
N TRP C 153 56.67 67.56 2.61
CA TRP C 153 57.61 67.91 1.56
C TRP C 153 58.58 69.00 2.04
N LYS C 154 59.81 68.91 1.55
CA LYS C 154 60.86 69.87 1.88
C LYS C 154 61.63 70.22 0.61
N VAL C 155 61.65 71.50 0.27
CA VAL C 155 62.45 72.02 -0.85
C VAL C 155 63.35 73.12 -0.28
N ASP C 156 64.63 72.80 -0.13
CA ASP C 156 65.59 73.66 0.55
C ASP C 156 65.09 74.03 1.94
N ASN C 157 64.69 73.00 2.69
CA ASN C 157 64.24 73.08 4.07
C ASN C 157 62.87 73.75 4.20
N ALA C 158 62.36 74.32 3.10
CA ALA C 158 61.06 74.97 3.12
C ALA C 158 59.96 73.91 3.05
N LEU C 159 59.05 73.94 4.02
CA LEU C 159 57.96 72.96 4.10
C LEU C 159 56.91 73.33 3.06
N GLN C 160 56.74 72.46 2.06
CA GLN C 160 55.73 72.69 1.03
C GLN C 160 54.34 72.38 1.59
N SER C 161 53.33 72.98 0.95
CA SER C 161 51.95 72.82 1.38
C SER C 161 51.02 73.27 0.26
N GLY C 162 49.92 72.54 0.09
CA GLY C 162 48.89 72.90 -0.87
C GLY C 162 49.26 72.76 -2.33
N ASN C 163 50.36 72.07 -2.64
CA ASN C 163 50.78 71.84 -4.01
C ASN C 163 51.25 70.40 -4.19
N SER C 164 50.60 69.47 -3.51
CA SER C 164 50.93 68.05 -3.62
C SER C 164 49.66 67.23 -3.46
N GLN C 165 49.65 66.06 -4.12
CA GLN C 165 48.51 65.17 -4.09
C GLN C 165 48.98 63.75 -3.78
N GLU C 166 48.12 63.01 -3.08
CA GLU C 166 48.42 61.66 -2.65
C GLU C 166 47.45 60.67 -3.27
N SER C 167 47.87 59.41 -3.30
CA SER C 167 47.08 58.33 -3.89
C SER C 167 47.49 57.04 -3.21
N VAL C 168 46.52 56.35 -2.61
CA VAL C 168 46.77 55.14 -1.83
C VAL C 168 46.24 53.95 -2.61
N THR C 169 47.04 52.89 -2.68
CA THR C 169 46.57 51.65 -3.28
C THR C 169 45.56 50.97 -2.36
N GLU C 170 44.74 50.11 -2.95
CA GLU C 170 43.91 49.23 -2.15
C GLU C 170 44.79 48.23 -1.42
N GLN C 171 44.21 47.60 -0.39
CA GLN C 171 44.97 46.66 0.43
C GLN C 171 45.44 45.48 -0.42
N ASP C 172 46.73 45.17 -0.35
CA ASP C 172 47.29 44.09 -1.14
C ASP C 172 46.69 42.76 -0.72
N SER C 173 46.41 41.90 -1.70
CA SER C 173 45.75 40.62 -1.44
C SER C 173 46.70 39.56 -0.89
N LYS C 174 47.99 39.86 -0.78
CA LYS C 174 48.98 38.89 -0.33
C LYS C 174 49.62 39.26 1.01
N ASP C 175 50.06 40.50 1.17
CA ASP C 175 50.69 40.94 2.41
C ASP C 175 49.82 41.91 3.20
N SER C 176 48.68 42.32 2.66
CA SER C 176 47.68 43.14 3.35
C SER C 176 48.18 44.53 3.71
N THR C 177 49.21 45.03 3.02
CA THR C 177 49.73 46.36 3.26
C THR C 177 49.16 47.35 2.26
N TYR C 178 49.52 48.62 2.43
CA TYR C 178 49.15 49.69 1.53
C TYR C 178 50.40 50.30 0.91
N SER C 179 50.22 50.92 -0.25
CA SER C 179 51.25 51.71 -0.89
C SER C 179 50.71 53.09 -1.19
N LEU C 180 51.55 54.10 -1.00
CA LEU C 180 51.13 55.50 -1.11
C LEU C 180 52.14 56.25 -1.96
N SER C 181 51.63 57.14 -2.81
CA SER C 181 52.45 58.00 -3.65
C SER C 181 52.04 59.45 -3.43
N SER C 182 53.01 60.31 -3.15
CA SER C 182 52.78 61.75 -3.01
C SER C 182 53.53 62.47 -4.12
N THR C 183 52.79 63.17 -4.97
CA THR C 183 53.36 63.86 -6.13
C THR C 183 53.38 65.36 -5.85
N LEU C 184 54.56 65.95 -5.92
CA LEU C 184 54.72 67.40 -5.77
C LEU C 184 54.98 68.00 -7.15
N THR C 185 54.05 68.83 -7.61
CA THR C 185 54.10 69.41 -8.94
C THR C 185 54.54 70.87 -8.85
N LEU C 186 55.64 71.21 -9.53
CA LEU C 186 56.15 72.57 -9.57
C LEU C 186 56.44 72.96 -11.01
N SER C 187 56.46 74.27 -11.25
CA SER C 187 56.76 74.78 -12.58
C SER C 187 58.22 74.56 -12.91
N LYS C 188 58.57 74.79 -14.19
CA LYS C 188 59.96 74.69 -14.61
C LYS C 188 60.83 75.71 -13.89
N ALA C 189 60.28 76.88 -13.58
CA ALA C 189 61.07 77.94 -12.97
C ALA C 189 61.53 77.55 -11.57
N ASP C 190 60.60 77.12 -10.72
CA ASP C 190 60.94 76.88 -9.32
C ASP C 190 61.74 75.61 -9.11
N TYR C 191 61.71 74.67 -10.07
CA TYR C 191 62.50 73.45 -9.93
C TYR C 191 63.97 73.70 -10.24
N GLU C 192 64.26 74.41 -11.32
CA GLU C 192 65.66 74.65 -11.69
C GLU C 192 66.38 75.49 -10.65
N LYS C 193 65.65 76.32 -9.90
CA LYS C 193 66.23 77.12 -8.83
C LYS C 193 66.81 76.25 -7.74
N HIS C 194 65.93 75.64 -6.94
CA HIS C 194 66.35 74.92 -5.75
C HIS C 194 67.08 73.62 -6.12
N LYS C 195 67.80 73.08 -5.14
CA LYS C 195 68.75 72.01 -5.38
C LYS C 195 68.47 70.73 -4.59
N VAL C 196 67.93 70.83 -3.39
CA VAL C 196 67.68 69.68 -2.53
C VAL C 196 66.18 69.46 -2.40
N TYR C 197 65.74 68.25 -2.71
CA TYR C 197 64.34 67.87 -2.60
C TYR C 197 64.20 66.67 -1.67
N ALA C 198 63.23 66.74 -0.78
CA ALA C 198 63.03 65.68 0.20
C ALA C 198 61.56 65.58 0.58
N CYS C 199 61.12 64.36 0.87
CA CYS C 199 59.81 64.12 1.45
C CYS C 199 59.99 63.49 2.82
N GLU C 200 59.27 64.01 3.81
CA GLU C 200 59.37 63.55 5.18
C GLU C 200 58.15 62.71 5.52
N VAL C 201 58.37 61.49 5.99
CA VAL C 201 57.32 60.51 6.23
C VAL C 201 57.24 60.23 7.73
N THR C 202 56.06 60.46 8.31
CA THR C 202 55.76 60.08 9.69
C THR C 202 54.74 58.95 9.66
N HIS C 203 55.08 57.82 10.28
CA HIS C 203 54.21 56.66 10.31
C HIS C 203 54.34 55.97 11.66
N GLN C 204 53.34 55.12 11.97
CA GLN C 204 53.32 54.43 13.25
C GLN C 204 54.47 53.45 13.38
N GLY C 205 54.83 52.75 12.29
CA GLY C 205 55.93 51.81 12.23
C GLY C 205 57.32 52.39 12.33
N LEU C 206 57.44 53.72 12.30
CA LEU C 206 58.73 54.40 12.39
C LEU C 206 58.79 55.17 13.69
N SER C 207 59.80 54.89 14.52
CA SER C 207 60.00 55.63 15.76
C SER C 207 60.59 57.01 15.52
N SER C 208 60.81 57.40 14.26
CA SER C 208 61.33 58.72 13.93
C SER C 208 60.87 59.07 12.53
N PRO C 209 60.44 60.31 12.27
CA PRO C 209 60.08 60.68 10.90
C PRO C 209 61.27 60.49 9.96
N VAL C 210 61.00 59.89 8.80
CA VAL C 210 62.05 59.52 7.84
C VAL C 210 62.08 60.55 6.72
N THR C 211 63.28 60.99 6.34
CA THR C 211 63.49 61.92 5.25
C THR C 211 64.34 61.24 4.18
N LYS C 212 63.75 61.04 3.01
CA LYS C 212 64.48 60.54 1.85
C LYS C 212 64.62 61.68 0.84
N SER C 213 65.79 61.77 0.20
CA SER C 213 66.12 62.96 -0.57
C SER C 213 67.02 62.62 -1.75
N PHE C 214 67.11 63.56 -2.68
CA PHE C 214 68.06 63.54 -3.77
C PHE C 214 68.46 64.98 -4.08
N ASN C 215 69.66 65.15 -4.63
CA ASN C 215 70.14 66.47 -5.03
C ASN C 215 69.90 66.67 -6.52
N ARG C 216 69.49 67.90 -6.87
CA ARG C 216 69.16 68.21 -8.26
C ARG C 216 70.39 68.11 -9.16
N GLY C 217 70.62 66.92 -9.71
CA GLY C 217 71.76 66.69 -10.57
C GLY C 217 72.73 65.67 -10.03
N GLU C 218 72.40 64.39 -10.17
CA GLU C 218 73.26 63.30 -9.71
C GLU C 218 73.29 62.19 -10.76
N CYS C 219 74.45 61.56 -10.91
CA CYS C 219 74.62 60.47 -11.86
C CYS C 219 75.15 59.22 -11.17
N VAL D 1 30.49 -50.90 4.33
CA VAL D 1 30.62 -49.45 4.20
C VAL D 1 29.81 -48.95 3.02
N TRP D 2 29.57 -47.65 2.98
CA TRP D 2 28.88 -47.00 1.86
C TRP D 2 29.50 -45.63 1.63
N ARG D 3 29.14 -45.03 0.50
CA ARG D 3 29.75 -43.78 0.06
C ARG D 3 28.68 -42.76 -0.29
N ASP D 4 28.99 -41.49 -0.05
CA ASP D 4 28.11 -40.41 -0.48
C ASP D 4 27.97 -40.42 -2.00
N ALA D 5 26.74 -40.49 -2.48
CA ALA D 5 26.47 -40.58 -3.91
C ALA D 5 25.44 -39.55 -4.32
N ASP D 6 25.48 -39.18 -5.60
CA ASP D 6 24.57 -38.19 -6.18
C ASP D 6 23.96 -38.79 -7.45
N THR D 7 23.14 -39.82 -7.27
CA THR D 7 22.52 -40.51 -8.39
C THR D 7 21.12 -39.96 -8.67
N THR D 8 20.60 -40.31 -9.84
CA THR D 8 19.29 -39.83 -10.27
C THR D 8 18.20 -40.69 -9.64
N LEU D 9 17.32 -40.06 -8.86
CA LEU D 9 16.25 -40.75 -8.18
C LEU D 9 15.00 -40.78 -9.05
N PHE D 10 14.02 -41.58 -8.62
CA PHE D 10 12.72 -41.62 -9.25
C PHE D 10 11.64 -41.33 -8.21
N CYS D 11 10.52 -40.79 -8.66
CA CYS D 11 9.46 -40.32 -7.78
C CYS D 11 8.32 -41.32 -7.72
N ALA D 12 7.58 -41.27 -6.62
CA ALA D 12 6.41 -42.11 -6.41
C ALA D 12 5.30 -41.29 -5.80
N SER D 13 4.06 -41.59 -6.18
CA SER D 13 2.92 -40.84 -5.68
C SER D 13 1.67 -41.68 -5.83
N ASP D 14 0.57 -41.15 -5.31
CA ASP D 14 -0.76 -41.74 -5.47
C ASP D 14 -1.58 -41.00 -6.51
N ALA D 15 -0.92 -40.47 -7.54
CA ALA D 15 -1.63 -39.74 -8.59
C ALA D 15 -2.71 -40.62 -9.22
N LYS D 16 -3.78 -39.97 -9.66
CA LYS D 16 -4.92 -40.64 -10.26
C LYS D 16 -5.06 -40.19 -11.71
N ALA D 17 -5.24 -41.15 -12.62
CA ALA D 17 -5.28 -40.85 -14.05
C ALA D 17 -6.51 -40.05 -14.45
N HIS D 18 -7.59 -40.11 -13.67
CA HIS D 18 -8.82 -39.44 -14.05
C HIS D 18 -8.89 -38.00 -13.60
N GLU D 19 -7.83 -37.49 -12.96
CA GLU D 19 -7.82 -36.12 -12.46
C GLU D 19 -7.22 -35.18 -13.49
N THR D 20 -7.84 -34.01 -13.65
CA THR D 20 -7.22 -32.95 -14.44
C THR D 20 -6.23 -32.13 -13.63
N GLU D 21 -6.26 -32.27 -12.30
CA GLU D 21 -5.34 -31.53 -11.45
C GLU D 21 -3.91 -31.79 -11.87
N VAL D 22 -3.10 -30.73 -11.95
CA VAL D 22 -1.87 -30.80 -12.73
C VAL D 22 -0.78 -31.57 -12.01
N HIS D 23 -0.81 -31.61 -10.68
CA HIS D 23 0.15 -32.45 -9.97
C HIS D 23 -0.15 -33.92 -10.22
N ASN D 24 -1.43 -34.29 -10.29
CA ASN D 24 -1.78 -35.67 -10.65
C ASN D 24 -1.38 -35.98 -12.09
N VAL D 25 -1.56 -35.03 -13.00
CA VAL D 25 -1.22 -35.25 -14.41
C VAL D 25 0.29 -35.44 -14.55
N TRP D 26 1.07 -34.57 -13.91
CA TRP D 26 2.52 -34.69 -13.99
C TRP D 26 3.00 -35.99 -13.36
N ALA D 27 2.54 -36.27 -12.14
CA ALA D 27 2.97 -37.50 -11.46
C ALA D 27 2.47 -38.75 -12.15
N THR D 28 1.38 -38.66 -12.93
CA THR D 28 0.89 -39.82 -13.67
C THR D 28 1.94 -40.33 -14.65
N HIS D 29 2.58 -39.44 -15.40
CA HIS D 29 3.55 -39.85 -16.40
C HIS D 29 4.99 -39.85 -15.88
N ALA D 30 5.25 -39.20 -14.75
CA ALA D 30 6.61 -39.07 -14.23
C ALA D 30 6.91 -39.96 -13.03
N CYS D 31 5.90 -40.35 -12.25
CA CYS D 31 6.12 -41.13 -11.05
C CYS D 31 5.50 -42.51 -11.18
N VAL D 32 5.87 -43.38 -10.24
CA VAL D 32 5.34 -44.73 -10.14
C VAL D 32 4.42 -44.78 -8.93
N PRO D 33 3.58 -45.82 -8.77
CA PRO D 33 2.77 -45.92 -7.55
C PRO D 33 3.66 -46.04 -6.32
N THR D 34 3.13 -45.55 -5.20
CA THR D 34 3.87 -45.59 -3.94
C THR D 34 4.10 -47.03 -3.50
N ASP D 35 5.19 -47.23 -2.77
CA ASP D 35 5.53 -48.55 -2.24
C ASP D 35 4.44 -49.00 -1.27
N PRO D 36 3.74 -50.10 -1.56
CA PRO D 36 2.67 -50.53 -0.65
C PRO D 36 3.17 -51.00 0.71
N ASN D 37 4.36 -51.58 0.78
CA ASN D 37 4.96 -52.05 2.03
C ASN D 37 6.35 -51.47 2.18
N PRO D 38 6.47 -50.29 2.77
CA PRO D 38 7.80 -49.70 2.99
C PRO D 38 8.56 -50.41 4.09
N GLN D 39 9.88 -50.37 3.99
CA GLN D 39 10.77 -51.02 4.95
C GLN D 39 11.76 -49.99 5.47
N GLU D 40 11.72 -49.73 6.78
CA GLU D 40 12.63 -48.80 7.44
C GLU D 40 13.50 -49.61 8.39
N ILE D 41 14.68 -50.04 7.92
CA ILE D 41 15.55 -50.89 8.69
C ILE D 41 16.41 -50.03 9.61
N HIS D 42 16.31 -50.28 10.92
CA HIS D 42 17.14 -49.55 11.89
C HIS D 42 18.56 -50.08 11.86
N LEU D 43 19.52 -49.17 11.88
CA LEU D 43 20.95 -49.51 11.83
C LEU D 43 21.57 -49.19 13.19
N VAL D 44 21.37 -50.08 14.15
CA VAL D 44 21.93 -49.88 15.48
C VAL D 44 23.45 -50.01 15.42
N ASN D 45 24.12 -49.30 16.33
CA ASN D 45 25.58 -49.24 16.37
C ASN D 45 26.15 -48.64 15.08
N VAL D 46 25.41 -47.73 14.46
CA VAL D 46 25.84 -47.06 13.23
C VAL D 46 25.47 -45.58 13.36
N THR D 47 26.48 -44.72 13.48
CA THR D 47 26.29 -43.28 13.55
C THR D 47 26.82 -42.64 12.27
N GLU D 48 26.11 -41.62 11.77
CA GLU D 48 26.36 -41.07 10.46
C GLU D 48 26.40 -39.54 10.51
N ASN D 49 27.05 -38.96 9.51
CA ASN D 49 27.14 -37.51 9.35
C ASN D 49 26.14 -37.04 8.30
N PHE D 50 25.52 -35.88 8.55
CA PHE D 50 24.50 -35.34 7.67
C PHE D 50 24.75 -33.86 7.42
N ASN D 51 24.20 -33.36 6.32
CA ASN D 51 24.30 -31.94 5.96
C ASN D 51 23.11 -31.60 5.08
N MET D 52 22.18 -30.82 5.63
CA MET D 52 20.96 -30.44 4.89
C MET D 52 21.21 -29.32 3.88
N TRP D 53 22.39 -28.72 3.86
CA TRP D 53 22.65 -27.56 3.02
C TRP D 53 23.44 -27.88 1.76
N LYS D 54 24.00 -29.09 1.65
CA LYS D 54 24.66 -29.56 0.44
C LYS D 54 24.14 -30.95 0.13
N ASN D 55 22.90 -31.01 -0.36
CA ASN D 55 22.21 -32.27 -0.63
C ASN D 55 21.63 -32.23 -2.03
N LYS D 56 22.01 -33.20 -2.87
CA LYS D 56 21.56 -33.20 -4.25
C LYS D 56 20.07 -33.43 -4.37
N MET D 57 19.48 -34.11 -3.38
CA MET D 57 18.04 -34.36 -3.39
C MET D 57 17.25 -33.06 -3.47
N VAL D 58 17.80 -31.98 -2.90
CA VAL D 58 17.16 -30.67 -3.01
C VAL D 58 17.14 -30.22 -4.46
N GLU D 59 18.24 -30.45 -5.18
CA GLU D 59 18.32 -30.02 -6.58
C GLU D 59 17.35 -30.82 -7.45
N GLN D 60 17.28 -32.13 -7.25
CA GLN D 60 16.42 -32.95 -8.10
C GLN D 60 14.95 -32.60 -7.92
N MET D 61 14.55 -32.28 -6.69
CA MET D 61 13.17 -31.86 -6.47
C MET D 61 12.90 -30.49 -7.09
N GLN D 62 13.87 -29.57 -6.98
CA GLN D 62 13.72 -28.25 -7.60
C GLN D 62 13.51 -28.38 -9.09
N GLU D 63 14.30 -29.23 -9.77
CA GLU D 63 14.10 -29.48 -11.19
C GLU D 63 12.69 -29.98 -11.47
N ASP D 64 12.24 -30.99 -10.73
CA ASP D 64 10.94 -31.59 -10.99
C ASP D 64 9.81 -30.60 -10.74
N VAL D 65 9.90 -29.82 -9.65
CA VAL D 65 8.86 -28.83 -9.39
C VAL D 65 8.88 -27.73 -10.45
N ILE D 66 10.09 -27.36 -10.91
CA ILE D 66 10.18 -26.43 -12.03
C ILE D 66 9.57 -27.03 -13.28
N SER D 67 9.92 -28.29 -13.58
CA SER D 67 9.35 -28.97 -14.73
C SER D 67 7.83 -29.12 -14.59
N LEU D 68 7.36 -29.41 -13.38
CA LEU D 68 5.93 -29.46 -13.11
C LEU D 68 5.26 -28.14 -13.45
N TRP D 69 5.76 -27.04 -12.87
CA TRP D 69 5.17 -25.74 -13.15
C TRP D 69 5.32 -25.36 -14.61
N ASP D 70 6.44 -25.74 -15.23
CA ASP D 70 6.66 -25.40 -16.64
C ASP D 70 5.60 -26.03 -17.54
N GLU D 71 5.22 -27.28 -17.26
CA GLU D 71 4.24 -27.97 -18.09
C GLU D 71 2.80 -27.57 -17.77
N SER D 72 2.56 -26.99 -16.60
CA SER D 72 1.20 -26.85 -16.09
C SER D 72 0.77 -25.40 -15.90
N LEU D 73 1.57 -24.59 -15.22
CA LEU D 73 1.24 -23.19 -14.98
C LEU D 73 1.96 -22.33 -16.02
N LYS D 74 1.40 -22.32 -17.22
CA LYS D 74 2.00 -21.57 -18.32
C LYS D 74 1.57 -20.11 -18.25
N PRO D 75 2.48 -19.17 -18.03
CA PRO D 75 2.10 -17.76 -18.12
C PRO D 75 1.88 -17.37 -19.57
N CYS D 76 1.04 -16.36 -19.77
CA CYS D 76 0.81 -15.86 -21.13
C CYS D 76 2.06 -15.21 -21.70
N VAL D 77 2.76 -14.42 -20.88
CA VAL D 77 3.98 -13.74 -21.28
C VAL D 77 5.07 -14.04 -20.27
N LYS D 78 6.25 -14.41 -20.77
CA LYS D 78 7.43 -14.64 -19.94
C LYS D 78 8.56 -13.75 -20.43
N LEU D 79 9.33 -13.20 -19.49
CA LEU D 79 10.33 -12.16 -19.78
C LEU D 79 11.65 -12.52 -19.10
N THR D 80 12.61 -13.00 -19.89
CA THR D 80 13.93 -13.36 -19.38
C THR D 80 14.99 -12.69 -20.25
N GLY D 81 15.69 -11.70 -19.70
CA GLY D 81 16.78 -11.07 -20.40
C GLY D 81 16.39 -10.34 -21.67
N GLY D 82 15.25 -9.66 -21.65
CA GLY D 82 14.79 -8.91 -22.80
C GLY D 82 14.06 -9.70 -23.85
N SER D 83 13.75 -10.97 -23.59
CA SER D 83 13.06 -11.83 -24.54
C SER D 83 11.63 -12.08 -24.06
N VAL D 84 10.70 -12.09 -25.01
CA VAL D 84 9.28 -12.28 -24.73
C VAL D 84 8.86 -13.67 -25.24
N ILE D 85 8.00 -14.34 -24.48
CA ILE D 85 7.46 -15.64 -24.85
C ILE D 85 5.95 -15.59 -24.68
N LYS D 86 5.23 -15.98 -25.73
CA LYS D 86 3.77 -15.97 -25.75
C LYS D 86 3.26 -17.41 -25.68
N GLN D 87 2.27 -17.65 -24.83
CA GLN D 87 1.71 -18.99 -24.64
C GLN D 87 0.22 -18.87 -24.35
N ALA D 88 -0.49 -19.97 -24.62
CA ALA D 88 -1.89 -20.06 -24.22
C ALA D 88 -2.00 -20.08 -22.70
N CYS D 89 -3.03 -19.42 -22.18
CA CYS D 89 -3.16 -19.15 -20.74
C CYS D 89 -4.47 -19.68 -20.17
N PRO D 90 -4.68 -21.00 -20.20
CA PRO D 90 -5.94 -21.54 -19.69
C PRO D 90 -5.92 -21.67 -18.18
N LYS D 91 -7.07 -21.41 -17.55
CA LYS D 91 -7.18 -21.62 -16.12
C LYS D 91 -7.15 -23.12 -15.82
N VAL D 92 -6.64 -23.47 -14.64
CA VAL D 92 -6.15 -24.80 -14.36
C VAL D 92 -6.58 -25.24 -12.96
N SER D 93 -6.84 -26.54 -12.82
CA SER D 93 -7.05 -27.16 -11.52
C SER D 93 -5.71 -27.41 -10.83
N PHE D 94 -5.56 -26.92 -9.61
CA PHE D 94 -4.25 -26.87 -8.94
C PHE D 94 -4.41 -27.16 -7.46
N ASP D 95 -3.77 -28.23 -7.00
CA ASP D 95 -3.74 -28.62 -5.59
C ASP D 95 -2.64 -29.66 -5.37
N PRO D 96 -1.55 -29.30 -4.69
CA PRO D 96 -0.39 -30.21 -4.62
C PRO D 96 -0.71 -31.52 -3.93
N ILE D 97 -0.07 -32.58 -4.40
CA ILE D 97 -0.17 -33.91 -3.80
C ILE D 97 1.22 -34.31 -3.31
N PRO D 98 1.30 -35.23 -2.36
CA PRO D 98 2.61 -35.63 -1.83
C PRO D 98 3.42 -36.38 -2.87
N ILE D 99 4.70 -36.06 -2.94
CA ILE D 99 5.65 -36.72 -3.83
C ILE D 99 6.70 -37.43 -2.98
N HIS D 100 7.01 -38.66 -3.34
CA HIS D 100 8.08 -39.41 -2.71
C HIS D 100 9.29 -39.41 -3.62
N TYR D 101 10.46 -39.65 -3.02
CA TYR D 101 11.70 -39.77 -3.78
C TYR D 101 12.39 -41.06 -3.37
N CYS D 102 12.53 -41.97 -4.32
CA CYS D 102 12.98 -43.33 -4.06
C CYS D 102 14.37 -43.54 -4.65
N THR D 103 14.95 -44.68 -4.29
CA THR D 103 16.31 -44.98 -4.68
C THR D 103 16.34 -46.09 -5.72
N PRO D 104 17.09 -45.94 -6.80
CA PRO D 104 17.24 -47.03 -7.76
C PRO D 104 18.12 -48.14 -7.20
N ALA D 105 18.09 -49.29 -7.87
CA ALA D 105 18.83 -50.46 -7.41
C ALA D 105 20.32 -50.17 -7.38
N GLY D 106 20.93 -50.35 -6.22
CA GLY D 106 22.35 -50.08 -6.07
C GLY D 106 22.66 -49.17 -4.91
N TYR D 107 21.79 -48.20 -4.66
CA TYR D 107 21.96 -47.21 -3.60
C TYR D 107 20.88 -47.42 -2.54
N VAL D 108 20.98 -46.66 -1.45
CA VAL D 108 19.98 -46.65 -0.38
C VAL D 108 19.94 -45.24 0.19
N ILE D 109 18.80 -44.87 0.81
CA ILE D 109 18.66 -43.62 1.54
C ILE D 109 18.81 -43.89 3.03
N LEU D 110 19.54 -43.01 3.72
CA LEU D 110 19.69 -43.05 5.16
C LEU D 110 18.89 -41.92 5.80
N LYS D 111 18.21 -42.23 6.89
CA LYS D 111 17.27 -41.32 7.53
C LYS D 111 17.73 -41.01 8.95
N CYS D 112 17.84 -39.72 9.27
CA CYS D 112 18.22 -39.28 10.61
C CYS D 112 16.97 -39.14 11.47
N ASN D 113 16.98 -39.80 12.63
CA ASN D 113 15.80 -39.91 13.47
C ASN D 113 15.94 -39.18 14.81
N ASP D 114 17.00 -38.40 14.99
CA ASP D 114 17.11 -37.58 16.20
C ASP D 114 16.05 -36.49 16.17
N LYS D 115 15.15 -36.52 17.16
CA LYS D 115 14.02 -35.61 17.17
C LYS D 115 14.43 -34.16 17.31
N ASN D 116 15.63 -33.88 17.81
CA ASN D 116 16.16 -32.52 17.92
C ASN D 116 17.37 -32.31 17.03
N PHE D 117 17.39 -32.98 15.88
CA PHE D 117 18.45 -32.79 14.90
C PHE D 117 18.24 -31.50 14.14
N ASN D 118 19.24 -30.62 14.15
CA ASN D 118 19.08 -29.26 13.66
C ASN D 118 19.34 -29.12 12.16
N GLY D 119 19.95 -30.12 11.52
CA GLY D 119 20.18 -30.05 10.10
C GLY D 119 21.58 -30.51 9.68
N THR D 120 22.60 -30.04 10.39
CA THR D 120 23.97 -30.41 10.12
C THR D 120 24.58 -31.09 11.33
N GLY D 121 25.71 -31.76 11.12
CA GLY D 121 26.38 -32.48 12.17
C GLY D 121 26.05 -33.96 12.15
N PRO D 122 26.61 -34.70 13.11
CA PRO D 122 26.38 -36.15 13.14
C PRO D 122 24.95 -36.48 13.52
N CYS D 123 24.61 -37.76 13.40
CA CYS D 123 23.30 -38.27 13.74
C CYS D 123 23.46 -39.67 14.33
N LYS D 124 23.06 -39.84 15.60
CA LYS D 124 23.19 -41.13 16.24
C LYS D 124 22.11 -42.10 15.80
N ASN D 125 20.88 -41.61 15.61
CA ASN D 125 19.74 -42.47 15.28
C ASN D 125 19.59 -42.52 13.76
N VAL D 126 20.22 -43.51 13.15
CA VAL D 126 20.25 -43.65 11.69
C VAL D 126 19.57 -44.96 11.31
N SER D 127 18.65 -44.88 10.34
CA SER D 127 18.00 -46.05 9.76
C SER D 127 18.05 -45.93 8.25
N SER D 128 17.64 -46.99 7.56
CA SER D 128 17.67 -47.07 6.11
C SER D 128 16.25 -47.23 5.58
N VAL D 129 15.89 -46.41 4.60
CA VAL D 129 14.57 -46.43 4.00
C VAL D 129 14.71 -46.50 2.48
N GLN D 130 13.67 -47.02 1.83
CA GLN D 130 13.65 -47.15 0.38
C GLN D 130 13.11 -45.90 -0.31
N CYS D 131 12.16 -45.20 0.31
CA CYS D 131 11.61 -43.97 -0.25
C CYS D 131 11.37 -42.97 0.89
N THR D 132 11.49 -41.69 0.56
CA THR D 132 11.19 -40.65 1.52
C THR D 132 9.68 -40.59 1.78
N HIS D 133 9.30 -39.82 2.79
CA HIS D 133 7.89 -39.61 3.07
C HIS D 133 7.27 -38.72 2.00
N GLY D 134 5.94 -38.69 1.98
CA GLY D 134 5.22 -37.85 1.05
C GLY D 134 5.49 -36.38 1.30
N ILE D 135 6.01 -35.69 0.28
CA ILE D 135 6.41 -34.29 0.39
C ILE D 135 5.61 -33.50 -0.62
N LYS D 136 4.73 -32.61 -0.14
CA LYS D 136 4.00 -31.76 -1.05
C LYS D 136 4.91 -30.65 -1.57
N PRO D 137 4.89 -30.35 -2.90
CA PRO D 137 5.72 -29.27 -3.47
C PRO D 137 5.03 -27.90 -3.37
N VAL D 138 4.85 -27.43 -2.14
CA VAL D 138 4.19 -26.15 -1.90
C VAL D 138 5.22 -25.03 -2.09
N VAL D 139 4.98 -24.16 -3.06
CA VAL D 139 5.84 -23.01 -3.31
C VAL D 139 5.31 -21.84 -2.50
N SER D 140 6.13 -21.35 -1.56
CA SER D 140 5.73 -20.23 -0.72
C SER D 140 6.97 -19.52 -0.21
N THR D 141 6.76 -18.29 0.26
CA THR D 141 7.80 -17.53 0.93
C THR D 141 7.33 -17.14 2.33
N GLN D 142 8.29 -16.73 3.15
CA GLN D 142 8.06 -16.29 4.53
C GLN D 142 7.56 -17.42 5.42
N LEU D 143 6.45 -18.05 5.04
CA LEU D 143 5.84 -19.11 5.83
C LEU D 143 5.92 -20.42 5.07
N LEU D 144 6.47 -21.45 5.71
CA LEU D 144 6.45 -22.80 5.15
C LEU D 144 5.11 -23.44 5.43
N LEU D 145 4.45 -23.92 4.38
CA LEU D 145 3.07 -24.40 4.48
C LEU D 145 2.99 -25.90 4.21
N ASN D 146 2.16 -26.59 4.99
CA ASN D 146 1.75 -27.96 4.72
C ASN D 146 2.91 -28.95 4.80
N GLY D 147 3.94 -28.66 5.58
CA GLY D 147 5.04 -29.57 5.77
C GLY D 147 4.87 -30.43 7.02
N SER D 148 5.95 -31.06 7.41
CA SER D 148 5.99 -31.84 8.64
C SER D 148 6.41 -30.96 9.81
N LEU D 149 6.03 -31.39 11.01
CA LEU D 149 6.37 -30.69 12.24
C LEU D 149 7.57 -31.34 12.92
N ALA D 150 8.32 -30.54 13.66
CA ALA D 150 9.36 -31.07 14.52
C ALA D 150 8.71 -31.85 15.67
N GLU D 151 9.34 -32.96 16.06
CA GLU D 151 8.68 -33.88 16.98
C GLU D 151 8.73 -33.37 18.42
N GLU D 152 9.84 -32.78 18.83
CA GLU D 152 9.97 -32.31 20.20
C GLU D 152 9.84 -30.79 20.27
N GLU D 153 10.94 -30.08 20.47
CA GLU D 153 10.92 -28.64 20.55
C GLU D 153 11.16 -28.01 19.17
N ILE D 154 11.03 -26.68 19.13
CA ILE D 154 11.28 -25.95 17.90
C ILE D 154 12.74 -26.09 17.49
N ILE D 155 12.98 -26.20 16.18
CA ILE D 155 14.31 -26.40 15.63
C ILE D 155 14.71 -25.16 14.85
N ILE D 156 15.95 -24.71 15.04
CA ILE D 156 16.54 -23.60 14.29
C ILE D 156 17.51 -24.17 13.29
N ARG D 157 17.35 -23.80 12.01
CA ARG D 157 18.16 -24.33 10.93
C ARG D 157 18.87 -23.19 10.22
N SER D 158 20.18 -23.37 9.98
CA SER D 158 20.99 -22.44 9.22
C SER D 158 22.30 -23.12 8.88
N GLU D 159 22.80 -22.89 7.66
CA GLU D 159 24.14 -23.37 7.33
C GLU D 159 25.18 -22.76 8.25
N ASN D 160 24.89 -21.61 8.85
CA ASN D 160 25.79 -20.90 9.74
C ASN D 160 25.09 -19.66 10.28
N LEU D 161 24.31 -19.80 11.36
CA LEU D 161 23.53 -18.67 11.86
C LEU D 161 24.40 -17.55 12.41
N THR D 162 25.70 -17.79 12.62
CA THR D 162 26.60 -16.70 12.96
C THR D 162 26.79 -15.75 11.78
N ASP D 163 26.61 -16.24 10.55
CA ASP D 163 26.54 -15.38 9.38
C ASP D 163 25.10 -14.87 9.26
N ASN D 164 24.92 -13.56 9.39
CA ASN D 164 23.59 -13.00 9.17
C ASN D 164 23.23 -12.94 7.69
N ALA D 165 24.11 -13.39 6.81
CA ALA D 165 23.80 -13.52 5.39
C ALA D 165 23.20 -14.88 5.04
N LYS D 166 23.38 -15.89 5.90
CA LYS D 166 22.80 -17.20 5.67
C LYS D 166 21.39 -17.24 6.25
N ASN D 167 20.44 -17.71 5.45
CA ASN D 167 19.04 -17.65 5.82
C ASN D 167 18.72 -18.67 6.92
N ILE D 168 17.55 -18.50 7.51
CA ILE D 168 17.11 -19.27 8.67
C ILE D 168 15.82 -19.98 8.31
N ILE D 169 15.76 -21.28 8.63
CA ILE D 169 14.54 -22.07 8.52
C ILE D 169 14.12 -22.47 9.92
N VAL D 170 12.97 -21.99 10.37
CA VAL D 170 12.41 -22.36 11.66
C VAL D 170 11.46 -23.53 11.44
N HIS D 171 11.71 -24.64 12.14
CA HIS D 171 10.87 -25.83 12.03
C HIS D 171 9.97 -25.87 13.27
N LEU D 172 8.71 -25.51 13.08
CA LEU D 172 7.77 -25.49 14.19
C LEU D 172 7.42 -26.91 14.62
N ASN D 173 6.91 -27.01 15.85
CA ASN D 173 6.38 -28.27 16.39
C ASN D 173 4.88 -28.19 16.66
N LYS D 174 4.24 -27.11 16.24
CA LYS D 174 2.80 -26.94 16.38
C LYS D 174 2.30 -26.19 15.17
N SER D 175 1.42 -26.83 14.39
CA SER D 175 0.86 -26.18 13.22
C SER D 175 -0.01 -24.99 13.61
N VAL D 176 0.00 -23.97 12.77
CA VAL D 176 -0.86 -22.80 12.90
C VAL D 176 -1.65 -22.68 11.61
N GLU D 177 -2.96 -22.86 11.69
CA GLU D 177 -3.80 -22.73 10.51
C GLU D 177 -3.86 -21.29 10.05
N ILE D 178 -3.71 -21.09 8.75
CA ILE D 178 -3.97 -19.80 8.11
C ILE D 178 -5.07 -20.02 7.07
N ASN D 179 -6.12 -19.22 7.14
CA ASN D 179 -7.31 -19.40 6.32
C ASN D 179 -7.44 -18.20 5.38
N CYS D 180 -7.06 -18.41 4.11
CA CYS D 180 -7.03 -17.36 3.10
C CYS D 180 -8.22 -17.48 2.16
N THR D 181 -8.85 -16.35 1.85
CA THR D 181 -10.11 -16.35 1.12
C THR D 181 -10.18 -15.19 0.13
N ARG D 182 -10.62 -15.49 -1.09
CA ARG D 182 -11.09 -14.49 -2.03
C ARG D 182 -12.59 -14.70 -2.21
N PRO D 183 -13.44 -13.79 -1.71
CA PRO D 183 -14.89 -14.03 -1.76
C PRO D 183 -15.47 -14.01 -3.18
N SER D 184 -16.80 -13.98 -3.28
CA SER D 184 -17.50 -14.05 -4.56
C SER D 184 -18.20 -12.74 -4.92
N ASN D 185 -17.81 -11.63 -4.31
CA ASN D 185 -18.38 -10.32 -4.66
C ASN D 185 -17.33 -9.43 -5.32
N GLY D 192 -16.65 -5.29 -7.80
CA GLY D 192 -16.55 -6.38 -6.86
C GLY D 192 -15.13 -6.62 -6.40
N ASP D 193 -14.18 -6.06 -7.14
CA ASP D 193 -12.75 -6.22 -6.86
C ASP D 193 -12.37 -7.69 -6.74
N ILE D 194 -12.26 -8.39 -7.87
CA ILE D 194 -11.95 -9.82 -7.86
C ILE D 194 -10.53 -10.14 -7.42
N ARG D 195 -9.70 -9.13 -7.07
CA ARG D 195 -8.33 -9.38 -6.61
C ARG D 195 -8.11 -9.14 -5.13
N LYS D 196 -9.08 -8.53 -4.44
CA LYS D 196 -8.97 -8.31 -3.02
C LYS D 196 -9.24 -9.60 -2.27
N ALA D 197 -8.32 -9.98 -1.39
CA ALA D 197 -8.40 -11.20 -0.62
C ALA D 197 -7.86 -10.93 0.77
N TYR D 198 -7.92 -11.95 1.64
CA TYR D 198 -7.43 -11.82 2.99
C TYR D 198 -7.18 -13.20 3.59
N CYS D 199 -6.22 -13.27 4.49
CA CYS D 199 -5.97 -14.46 5.29
C CYS D 199 -6.31 -14.18 6.74
N GLU D 200 -6.90 -15.17 7.41
CA GLU D 200 -7.22 -15.09 8.82
C GLU D 200 -6.36 -16.07 9.60
N ILE D 201 -5.87 -15.64 10.75
CA ILE D 201 -4.99 -16.44 11.59
C ILE D 201 -5.27 -16.11 13.05
N ASP D 202 -5.20 -17.13 13.90
CA ASP D 202 -5.48 -16.95 15.33
C ASP D 202 -4.32 -16.22 16.00
N GLY D 203 -4.56 -14.99 16.45
CA GLY D 203 -3.49 -14.18 17.03
C GLY D 203 -2.93 -14.75 18.32
N THR D 204 -3.78 -15.35 19.15
CA THR D 204 -3.31 -15.91 20.41
C THR D 204 -2.31 -17.05 20.17
N GLU D 205 -2.64 -17.95 19.25
CA GLU D 205 -1.74 -19.06 18.98
C GLU D 205 -0.54 -18.63 18.13
N TRP D 206 -0.70 -17.58 17.32
CA TRP D 206 0.46 -17.06 16.61
C TRP D 206 1.38 -16.29 17.53
N ASN D 207 0.84 -15.60 18.55
CA ASN D 207 1.71 -14.99 19.54
C ASN D 207 2.48 -16.06 20.31
N LYS D 208 1.81 -17.16 20.66
CA LYS D 208 2.49 -18.22 21.38
C LYS D 208 3.57 -18.89 20.53
N THR D 209 3.35 -18.99 19.22
CA THR D 209 4.37 -19.54 18.34
C THR D 209 5.61 -18.66 18.33
N LEU D 210 5.45 -17.37 18.01
CA LEU D 210 6.60 -16.48 17.92
C LEU D 210 7.28 -16.31 19.27
N THR D 211 6.52 -16.35 20.37
CA THR D 211 7.14 -16.29 21.69
C THR D 211 8.04 -17.50 21.93
N GLN D 212 7.56 -18.69 21.56
CA GLN D 212 8.41 -19.88 21.65
C GLN D 212 9.57 -19.81 20.68
N VAL D 213 9.35 -19.23 19.49
CA VAL D 213 10.42 -19.11 18.50
C VAL D 213 11.47 -18.11 18.97
N ALA D 214 11.03 -17.01 19.59
CA ALA D 214 11.97 -16.02 20.09
C ALA D 214 12.87 -16.60 21.17
N GLU D 215 12.31 -17.45 22.05
CA GLU D 215 13.11 -18.05 23.10
C GLU D 215 14.18 -18.97 22.54
N LYS D 216 13.82 -19.80 21.56
CA LYS D 216 14.83 -20.64 20.90
C LYS D 216 15.86 -19.81 20.17
N LEU D 217 15.49 -18.60 19.73
CA LEU D 217 16.47 -17.69 19.15
C LEU D 217 17.33 -17.02 20.22
N LYS D 218 16.79 -16.84 21.43
CA LYS D 218 17.60 -16.33 22.53
C LYS D 218 18.56 -17.39 23.06
N GLU D 219 18.27 -18.67 22.85
CA GLU D 219 19.17 -19.73 23.29
C GLU D 219 20.44 -19.76 22.45
N HIS D 220 20.38 -19.29 21.21
CA HIS D 220 21.54 -19.30 20.31
C HIS D 220 22.28 -17.98 20.26
N PHE D 221 21.64 -16.87 20.63
CA PHE D 221 22.24 -15.54 20.49
C PHE D 221 22.43 -14.81 21.81
N ASN D 222 21.61 -15.09 22.83
CA ASN D 222 21.73 -14.50 24.16
C ASN D 222 21.55 -12.98 24.16
N LYS D 223 20.88 -12.45 23.14
CA LYS D 223 20.35 -11.10 23.14
C LYS D 223 18.84 -11.18 23.29
N THR D 224 18.15 -10.05 23.18
CA THR D 224 16.71 -10.05 23.09
C THR D 224 16.28 -10.11 21.63
N ILE D 225 15.17 -10.80 21.38
CA ILE D 225 14.74 -11.13 20.04
C ILE D 225 13.63 -10.19 19.61
N VAL D 226 13.76 -9.61 18.42
CA VAL D 226 12.82 -8.64 17.88
C VAL D 226 12.45 -9.05 16.47
N TYR D 227 11.16 -8.99 16.15
CA TYR D 227 10.66 -9.19 14.79
C TYR D 227 10.29 -7.85 14.17
N GLN D 228 10.51 -7.74 12.86
CA GLN D 228 10.15 -6.56 12.09
C GLN D 228 9.66 -6.98 10.71
N PRO D 229 8.68 -6.26 10.15
CA PRO D 229 8.31 -6.49 8.76
C PRO D 229 9.42 -6.06 7.82
N PRO D 230 9.47 -6.60 6.61
CA PRO D 230 10.55 -6.24 5.68
C PRO D 230 10.46 -4.78 5.24
N SER D 231 11.62 -4.23 4.87
CA SER D 231 11.70 -2.82 4.54
C SER D 231 10.98 -2.51 3.23
N GLY D 232 11.20 -3.30 2.21
CA GLY D 232 10.55 -3.09 0.94
C GLY D 232 11.42 -3.54 -0.22
N GLY D 233 10.81 -3.57 -1.40
CA GLY D 233 11.52 -3.96 -2.60
C GLY D 233 10.71 -4.86 -3.50
N ASP D 234 10.75 -6.17 -3.25
CA ASP D 234 10.05 -7.16 -4.06
C ASP D 234 8.92 -7.77 -3.24
N LEU D 235 7.71 -7.75 -3.81
CA LEU D 235 6.53 -8.19 -3.08
C LEU D 235 6.60 -9.68 -2.75
N GLU D 236 7.17 -10.48 -3.64
CA GLU D 236 7.27 -11.93 -3.40
C GLU D 236 8.10 -12.25 -2.17
N ILE D 237 8.90 -11.30 -1.69
CA ILE D 237 9.76 -11.50 -0.53
C ILE D 237 9.27 -10.71 0.68
N THR D 238 8.82 -9.47 0.46
CA THR D 238 8.32 -8.66 1.56
C THR D 238 6.96 -9.13 2.05
N MET D 239 6.22 -9.86 1.23
CA MET D 239 4.90 -10.35 1.61
C MET D 239 4.86 -11.87 1.53
N HIS D 240 3.88 -12.46 2.21
CA HIS D 240 3.66 -13.89 2.15
C HIS D 240 3.14 -14.26 0.75
N HIS D 241 3.97 -14.92 -0.03
CA HIS D 241 3.68 -15.26 -1.42
C HIS D 241 3.43 -16.75 -1.53
N PHE D 242 2.30 -17.12 -2.13
CA PHE D 242 1.94 -18.52 -2.32
C PHE D 242 0.93 -18.61 -3.45
N ASN D 243 0.60 -19.85 -3.81
CA ASN D 243 -0.31 -20.12 -4.93
C ASN D 243 -1.50 -20.93 -4.43
N CYS D 244 -2.71 -20.45 -4.74
CA CYS D 244 -3.93 -21.13 -4.34
C CYS D 244 -4.80 -21.33 -5.58
N ARG D 245 -5.06 -22.60 -5.91
CA ARG D 245 -5.94 -22.94 -7.03
C ARG D 245 -5.46 -22.30 -8.32
N GLY D 246 -4.15 -22.23 -8.48
CA GLY D 246 -3.55 -21.62 -9.66
C GLY D 246 -3.38 -20.12 -9.59
N GLU D 247 -3.96 -19.46 -8.58
CA GLU D 247 -3.84 -18.01 -8.44
C GLU D 247 -2.70 -17.67 -7.49
N PHE D 248 -1.98 -16.60 -7.81
CA PHE D 248 -0.84 -16.18 -7.02
C PHE D 248 -1.27 -15.15 -5.98
N PHE D 249 -1.06 -15.47 -4.72
CA PHE D 249 -1.47 -14.63 -3.60
C PHE D 249 -0.29 -13.86 -3.04
N TYR D 250 -0.57 -12.64 -2.59
CA TYR D 250 0.42 -11.77 -1.94
C TYR D 250 -0.22 -11.21 -0.69
N CYS D 251 0.34 -11.54 0.48
CA CYS D 251 -0.31 -11.25 1.76
C CYS D 251 0.57 -10.41 2.66
N ASN D 252 0.04 -9.27 3.08
CA ASN D 252 0.75 -8.34 3.96
C ASN D 252 0.81 -8.92 5.37
N THR D 253 2.00 -9.35 5.79
CA THR D 253 2.20 -9.94 7.11
C THR D 253 2.78 -8.94 8.11
N THR D 254 2.49 -7.65 7.95
CA THR D 254 2.95 -6.66 8.92
C THR D 254 2.43 -6.99 10.31
N GLN D 255 1.16 -7.37 10.41
CA GLN D 255 0.57 -7.72 11.71
C GLN D 255 1.21 -8.95 12.34
N LEU D 256 1.87 -9.80 11.55
CA LEU D 256 2.42 -11.04 12.08
C LEU D 256 3.78 -10.85 12.75
N PHE D 257 4.59 -9.90 12.27
CA PHE D 257 5.97 -9.77 12.73
C PHE D 257 6.29 -8.40 13.30
N ASN D 258 5.31 -7.67 13.82
CA ASN D 258 5.55 -6.34 14.36
C ASN D 258 5.87 -6.36 15.85
N ASN D 259 6.12 -7.54 16.43
CA ASN D 259 6.39 -7.74 17.85
C ASN D 259 5.23 -7.30 18.74
N SER D 260 4.05 -7.14 18.17
CA SER D 260 2.85 -6.77 18.94
C SER D 260 1.67 -7.58 18.43
N VAL D 261 1.83 -8.89 18.34
CA VAL D 261 0.78 -9.75 17.80
C VAL D 261 -0.48 -9.62 18.66
N GLY D 262 -1.58 -9.23 18.03
CA GLY D 262 -2.81 -8.97 18.75
C GLY D 262 -3.41 -10.19 19.40
N ASN D 263 -4.46 -9.93 20.18
CA ASN D 263 -5.15 -10.95 20.98
C ASN D 263 -6.18 -11.74 20.19
N SER D 264 -6.83 -11.13 19.21
CA SER D 264 -7.93 -11.72 18.47
C SER D 264 -7.43 -12.37 17.18
N THR D 265 -8.37 -12.68 16.28
CA THR D 265 -8.02 -13.26 15.00
C THR D 265 -7.50 -12.16 14.08
N ILE D 266 -6.32 -12.38 13.51
CA ILE D 266 -5.66 -11.38 12.67
C ILE D 266 -6.13 -11.57 11.24
N LYS D 267 -6.58 -10.48 10.62
CA LYS D 267 -7.02 -10.46 9.23
C LYS D 267 -5.96 -9.74 8.39
N LEU D 268 -5.16 -10.53 7.67
CA LEU D 268 -4.14 -9.96 6.81
C LEU D 268 -4.74 -9.54 5.47
N PRO D 269 -4.40 -8.35 4.98
CA PRO D 269 -4.83 -7.99 3.62
C PRO D 269 -4.01 -8.75 2.59
N CYS D 270 -4.68 -9.20 1.53
CA CYS D 270 -4.03 -9.96 0.47
C CYS D 270 -4.53 -9.48 -0.89
N ARG D 271 -3.70 -9.73 -1.90
CA ARG D 271 -4.01 -9.40 -3.28
C ARG D 271 -3.73 -10.59 -4.17
N ILE D 272 -4.61 -10.82 -5.15
CA ILE D 272 -4.34 -11.73 -6.24
C ILE D 272 -3.72 -10.90 -7.37
N LYS D 273 -2.45 -11.15 -7.66
CA LYS D 273 -1.71 -10.38 -8.65
C LYS D 273 -1.39 -11.23 -9.88
N GLN D 274 -1.32 -10.56 -11.03
CA GLN D 274 -1.13 -11.23 -12.31
C GLN D 274 0.25 -11.01 -12.90
N ILE D 275 1.01 -10.02 -12.42
CA ILE D 275 2.40 -9.81 -12.79
C ILE D 275 3.26 -10.25 -11.62
N ILE D 276 4.08 -11.28 -11.83
CA ILE D 276 4.89 -11.85 -10.77
C ILE D 276 6.34 -11.92 -11.21
N ASN D 277 7.24 -11.90 -10.24
CA ASN D 277 8.64 -12.25 -10.45
C ASN D 277 8.80 -13.73 -10.17
N MET D 278 9.27 -14.48 -11.16
CA MET D 278 9.30 -15.94 -11.06
C MET D 278 10.31 -16.41 -10.03
N TRP D 279 9.96 -17.52 -9.38
CA TRP D 279 10.86 -18.19 -8.43
C TRP D 279 11.75 -19.23 -9.11
N GLN D 280 11.33 -19.76 -10.25
CA GLN D 280 12.12 -20.77 -10.94
C GLN D 280 13.49 -20.22 -11.32
N GLY D 281 13.51 -19.08 -12.01
CA GLY D 281 14.73 -18.38 -12.32
C GLY D 281 14.47 -16.89 -12.33
N VAL D 282 15.43 -16.09 -12.82
CA VAL D 282 15.20 -14.66 -12.93
C VAL D 282 14.29 -14.39 -14.11
N GLY D 283 13.38 -13.43 -13.95
CA GLY D 283 12.41 -13.13 -14.97
C GLY D 283 11.02 -12.85 -14.43
N GLN D 284 10.15 -12.33 -15.29
CA GLN D 284 8.82 -11.93 -14.90
C GLN D 284 7.77 -12.63 -15.77
N ALA D 285 6.63 -12.93 -15.17
CA ALA D 285 5.56 -13.66 -15.83
C ALA D 285 4.25 -12.89 -15.69
N MET D 286 3.41 -12.99 -16.72
CA MET D 286 2.09 -12.36 -16.75
C MET D 286 1.04 -13.44 -16.90
N TYR D 287 0.08 -13.47 -15.96
CA TYR D 287 -0.98 -14.47 -15.93
C TYR D 287 -2.34 -13.84 -16.13
N ALA D 288 -3.31 -14.66 -16.51
CA ALA D 288 -4.66 -14.20 -16.78
C ALA D 288 -5.38 -13.84 -15.48
N PRO D 289 -6.45 -13.05 -15.55
CA PRO D 289 -7.20 -12.68 -14.35
C PRO D 289 -7.69 -13.89 -13.59
N PRO D 290 -7.96 -13.76 -12.29
CA PRO D 290 -8.36 -14.91 -11.49
C PRO D 290 -9.75 -15.42 -11.87
N ILE D 291 -9.98 -16.70 -11.53
CA ILE D 291 -11.27 -17.35 -11.75
C ILE D 291 -12.33 -16.69 -10.87
N SER D 292 -13.59 -16.98 -11.16
CA SER D 292 -14.71 -16.44 -10.40
C SER D 292 -15.14 -17.41 -9.31
N GLY D 293 -15.84 -16.88 -8.31
CA GLY D 293 -16.36 -17.68 -7.23
C GLY D 293 -15.48 -17.62 -5.99
N ALA D 294 -15.76 -18.54 -5.08
CA ALA D 294 -15.05 -18.60 -3.80
C ALA D 294 -13.72 -19.31 -3.98
N ILE D 295 -12.63 -18.62 -3.61
CA ILE D 295 -11.29 -19.19 -3.58
C ILE D 295 -10.88 -19.30 -2.12
N ASN D 296 -10.42 -20.48 -1.70
CA ASN D 296 -10.13 -20.74 -0.31
C ASN D 296 -8.88 -21.61 -0.18
N CYS D 297 -7.96 -21.20 0.69
CA CYS D 297 -6.80 -22.01 1.03
C CYS D 297 -6.65 -22.02 2.54
N LEU D 298 -6.97 -23.17 3.13
CA LEU D 298 -6.69 -23.44 4.54
C LEU D 298 -5.38 -24.23 4.59
N SER D 299 -4.36 -23.65 5.22
CA SER D 299 -3.02 -24.21 5.19
C SER D 299 -2.51 -24.44 6.61
N ASN D 300 -1.60 -25.40 6.74
CA ASN D 300 -0.86 -25.64 7.96
C ASN D 300 0.44 -24.83 7.91
N ILE D 301 0.57 -23.81 8.75
CA ILE D 301 1.85 -23.14 8.91
C ILE D 301 2.73 -24.06 9.76
N THR D 302 3.80 -24.57 9.15
CA THR D 302 4.70 -25.49 9.83
C THR D 302 6.13 -24.97 9.91
N GLY D 303 6.42 -23.82 9.30
CA GLY D 303 7.77 -23.28 9.32
C GLY D 303 7.79 -21.83 8.92
N ILE D 304 8.90 -21.17 9.28
CA ILE D 304 9.08 -19.76 9.02
C ILE D 304 10.46 -19.55 8.39
N LEU D 305 10.51 -18.71 7.36
CA LEU D 305 11.75 -18.34 6.69
C LEU D 305 12.17 -16.97 7.20
N LEU D 306 13.29 -16.93 7.93
CA LEU D 306 13.72 -15.71 8.62
C LEU D 306 15.06 -15.22 8.07
N THR D 307 15.21 -13.90 8.07
CA THR D 307 16.46 -13.22 7.76
C THR D 307 16.85 -12.34 8.94
N ARG D 308 18.07 -12.53 9.43
CA ARG D 308 18.55 -11.76 10.58
C ARG D 308 19.23 -10.48 10.11
N ASP D 309 19.17 -9.47 10.96
CA ASP D 309 19.80 -8.19 10.67
C ASP D 309 21.31 -8.26 10.89
N GLY D 310 22.02 -7.33 10.26
CA GLY D 310 23.41 -7.07 10.55
C GLY D 310 23.57 -5.80 11.36
N GLY D 311 24.78 -5.62 11.90
CA GLY D 311 25.07 -4.47 12.72
C GLY D 311 24.27 -4.42 14.00
N SER D 316 21.88 -4.24 21.06
CA SER D 316 21.39 -4.96 22.22
C SER D 316 20.18 -5.84 21.90
N ASN D 317 20.00 -6.15 20.61
CA ASN D 317 18.88 -6.97 20.18
C ASN D 317 19.16 -7.50 18.78
N GLU D 318 18.84 -8.77 18.56
CA GLU D 318 18.91 -9.38 17.24
C GLU D 318 17.52 -9.31 16.62
N THR D 319 17.43 -8.68 15.45
CA THR D 319 16.17 -8.42 14.78
C THR D 319 16.01 -9.37 13.60
N PHE D 320 14.83 -9.99 13.49
CA PHE D 320 14.54 -10.97 12.46
C PHE D 320 13.35 -10.51 11.61
N ARG D 321 13.49 -10.66 10.30
CA ARG D 321 12.44 -10.32 9.36
C ARG D 321 12.03 -11.55 8.55
N PRO D 322 10.77 -11.66 8.14
CA PRO D 322 10.39 -12.76 7.25
C PRO D 322 10.99 -12.55 5.87
N GLY D 323 11.51 -13.65 5.31
CA GLY D 323 12.16 -13.58 4.01
C GLY D 323 11.81 -14.74 3.10
N GLY D 324 12.81 -15.34 2.48
CA GLY D 324 12.62 -16.43 1.54
C GLY D 324 12.97 -16.04 0.12
N GLY D 325 12.51 -16.88 -0.82
CA GLY D 325 12.75 -16.69 -2.24
C GLY D 325 13.58 -17.80 -2.86
N ASN D 326 14.47 -18.41 -2.08
CA ASN D 326 15.22 -19.58 -2.53
C ASN D 326 14.35 -20.79 -2.23
N ILE D 327 13.50 -21.14 -3.19
CA ILE D 327 12.53 -22.22 -3.00
C ILE D 327 13.22 -23.54 -2.68
N LYS D 328 14.51 -23.67 -3.01
CA LYS D 328 15.24 -24.86 -2.59
C LYS D 328 15.24 -25.01 -1.08
N ASP D 329 15.18 -23.90 -0.34
CA ASP D 329 15.04 -23.98 1.11
C ASP D 329 13.73 -24.63 1.53
N ASN D 330 12.67 -24.48 0.74
CA ASN D 330 11.42 -25.15 1.06
C ASN D 330 11.60 -26.66 1.05
N TRP D 331 12.24 -27.19 0.01
CA TRP D 331 12.49 -28.63 -0.03
C TRP D 331 13.52 -29.04 1.02
N ARG D 332 14.44 -28.14 1.38
CA ARG D 332 15.40 -28.43 2.43
C ARG D 332 14.71 -28.70 3.75
N SER D 333 13.63 -27.95 4.05
CA SER D 333 12.92 -28.12 5.31
C SER D 333 12.31 -29.51 5.46
N GLU D 334 12.11 -30.23 4.35
CA GLU D 334 11.54 -31.56 4.39
C GLU D 334 12.53 -32.67 4.07
N LEU D 335 13.61 -32.37 3.37
CA LEU D 335 14.63 -33.36 3.02
C LEU D 335 15.85 -33.28 3.93
N TYR D 336 15.78 -32.52 5.02
CA TYR D 336 16.94 -32.33 5.88
C TYR D 336 17.39 -33.64 6.54
N LYS D 337 16.47 -34.58 6.72
CA LYS D 337 16.75 -35.81 7.45
C LYS D 337 17.10 -36.98 6.54
N TYR D 338 17.42 -36.71 5.27
CA TYR D 338 17.68 -37.76 4.31
C TYR D 338 19.04 -37.58 3.66
N LYS D 339 19.72 -38.70 3.40
CA LYS D 339 21.00 -38.70 2.70
C LYS D 339 21.03 -39.89 1.76
N VAL D 340 21.72 -39.71 0.63
CA VAL D 340 21.85 -40.74 -0.39
C VAL D 340 23.24 -41.36 -0.28
N VAL D 341 23.30 -42.68 -0.18
CA VAL D 341 24.56 -43.42 -0.09
C VAL D 341 24.58 -44.49 -1.16
N GLU D 342 25.74 -45.14 -1.29
CA GLU D 342 25.99 -46.11 -2.35
C GLU D 342 26.53 -47.39 -1.73
N ILE D 343 25.79 -48.48 -1.88
CA ILE D 343 26.23 -49.78 -1.36
C ILE D 343 27.45 -50.25 -2.13
N GLU E 1 -36.52 -31.42 -3.35
CA GLU E 1 -36.22 -31.58 -1.93
C GLU E 1 -35.30 -32.77 -1.69
N VAL E 2 -34.44 -32.65 -0.69
CA VAL E 2 -33.65 -33.79 -0.25
C VAL E 2 -34.59 -34.83 0.36
N GLN E 3 -34.46 -36.08 -0.09
CA GLN E 3 -35.40 -37.12 0.31
C GLN E 3 -34.64 -38.40 0.61
N LEU E 4 -34.86 -38.95 1.79
CA LEU E 4 -34.27 -40.21 2.21
C LEU E 4 -35.40 -41.15 2.61
N VAL E 5 -35.44 -42.33 2.00
CA VAL E 5 -36.50 -43.30 2.24
C VAL E 5 -35.86 -44.63 2.58
N GLU E 6 -35.90 -45.01 3.85
CA GLU E 6 -35.43 -46.32 4.26
C GLU E 6 -36.46 -47.38 3.90
N SER E 7 -35.97 -48.61 3.70
CA SER E 7 -36.82 -49.73 3.34
C SER E 7 -36.16 -51.00 3.84
N GLY E 8 -36.84 -52.12 3.66
CA GLY E 8 -36.36 -53.39 4.18
C GLY E 8 -36.53 -53.43 5.68
N GLY E 9 -36.52 -54.60 6.27
CA GLY E 9 -36.66 -54.58 7.71
C GLY E 9 -38.05 -54.96 8.17
N GLY E 10 -38.11 -55.53 9.37
CA GLY E 10 -39.34 -56.08 9.90
C GLY E 10 -39.00 -57.16 10.92
N LEU E 11 -39.64 -58.31 10.79
CA LEU E 11 -39.40 -59.42 11.71
C LEU E 11 -38.26 -60.28 11.19
N VAL E 12 -37.28 -60.54 12.05
CA VAL E 12 -36.17 -61.43 11.74
C VAL E 12 -35.97 -62.37 12.90
N GLN E 13 -35.77 -63.65 12.60
CA GLN E 13 -35.46 -64.60 13.66
C GLN E 13 -34.09 -64.30 14.24
N PRO E 14 -33.89 -64.58 15.53
CA PRO E 14 -32.55 -64.38 16.12
C PRO E 14 -31.50 -65.20 15.39
N GLY E 15 -30.35 -64.56 15.16
CA GLY E 15 -29.31 -65.17 14.36
C GLY E 15 -29.51 -65.08 12.87
N GLY E 16 -30.61 -64.49 12.41
CA GLY E 16 -30.86 -64.35 11.00
C GLY E 16 -30.15 -63.15 10.41
N SER E 17 -30.38 -62.95 9.12
CA SER E 17 -29.78 -61.84 8.38
C SER E 17 -30.87 -61.01 7.72
N LEU E 18 -30.52 -59.78 7.36
CA LEU E 18 -31.49 -58.83 6.84
C LEU E 18 -30.75 -57.65 6.25
N ARG E 19 -31.18 -57.21 5.06
CA ARG E 19 -30.57 -56.10 4.36
C ARG E 19 -31.50 -54.90 4.34
N LEU E 20 -31.01 -53.75 4.83
CA LEU E 20 -31.72 -52.50 4.75
C LEU E 20 -31.23 -51.67 3.57
N SER E 21 -32.14 -50.87 3.01
CA SER E 21 -31.82 -49.98 1.90
C SER E 21 -32.24 -48.56 2.23
N CYS E 22 -31.67 -47.62 1.50
CA CYS E 22 -32.03 -46.21 1.63
C CYS E 22 -31.97 -45.57 0.25
N ALA E 23 -33.13 -45.24 -0.31
CA ALA E 23 -33.21 -44.57 -1.60
C ALA E 23 -33.12 -43.07 -1.39
N ALA E 24 -32.07 -42.45 -1.94
CA ALA E 24 -31.82 -41.03 -1.78
C ALA E 24 -32.13 -40.28 -3.06
N SER E 25 -32.63 -39.06 -2.93
CA SER E 25 -32.96 -38.25 -4.09
C SER E 25 -32.85 -36.77 -3.72
N GLY E 26 -32.64 -35.95 -4.74
CA GLY E 26 -32.63 -34.51 -4.57
C GLY E 26 -31.31 -33.89 -4.17
N PHE E 27 -30.22 -34.66 -4.20
CA PHE E 27 -28.91 -34.13 -3.84
C PHE E 27 -27.84 -35.02 -4.45
N PRO E 28 -26.65 -34.49 -4.71
CA PRO E 28 -25.58 -35.33 -5.31
C PRO E 28 -25.11 -36.43 -4.38
N PHE E 29 -25.75 -37.61 -4.49
CA PHE E 29 -25.49 -38.71 -3.57
C PHE E 29 -24.06 -39.22 -3.71
N ASN E 30 -23.55 -39.34 -4.94
CA ASN E 30 -22.22 -39.92 -5.16
C ASN E 30 -21.09 -38.99 -4.74
N ARG E 31 -21.36 -37.90 -4.02
CA ARG E 31 -20.30 -37.05 -3.50
C ARG E 31 -20.36 -36.88 -1.99
N ASP E 32 -21.26 -37.59 -1.29
CA ASP E 32 -21.50 -37.36 0.13
C ASP E 32 -21.18 -38.61 0.95
N TRP E 33 -20.66 -38.39 2.17
CA TRP E 33 -20.68 -39.44 3.17
C TRP E 33 -22.10 -39.72 3.59
N MET E 34 -22.35 -40.95 4.04
CA MET E 34 -23.65 -41.38 4.51
C MET E 34 -23.48 -42.25 5.74
N THR E 35 -24.55 -42.37 6.53
CA THR E 35 -24.47 -43.12 7.77
C THR E 35 -25.80 -43.79 8.07
N TRP E 36 -25.75 -44.80 8.92
CA TRP E 36 -26.91 -45.42 9.53
C TRP E 36 -26.92 -45.10 11.03
N VAL E 37 -28.10 -44.79 11.56
CA VAL E 37 -28.29 -44.54 12.98
C VAL E 37 -29.49 -45.36 13.45
N ARG E 38 -29.42 -45.88 14.67
CA ARG E 38 -30.52 -46.68 15.19
C ARG E 38 -30.95 -46.19 16.57
N GLN E 39 -32.20 -46.48 16.90
CA GLN E 39 -32.81 -46.06 18.16
C GLN E 39 -33.69 -47.20 18.66
N ALA E 40 -33.25 -47.87 19.73
CA ALA E 40 -34.05 -48.93 20.32
C ALA E 40 -35.32 -48.34 20.93
N PRO E 41 -36.42 -49.12 20.98
CA PRO E 41 -37.67 -48.61 21.55
C PRO E 41 -37.52 -47.94 22.89
N GLY E 42 -37.87 -46.65 22.96
CA GLY E 42 -37.78 -45.90 24.20
C GLY E 42 -36.36 -45.64 24.67
N LYS E 43 -35.40 -45.59 23.77
CA LYS E 43 -34.00 -45.40 24.14
C LYS E 43 -33.39 -44.34 23.24
N GLY E 44 -32.08 -44.13 23.42
CA GLY E 44 -31.41 -43.04 22.76
C GLY E 44 -30.84 -43.41 21.40
N LEU E 45 -30.39 -42.39 20.69
CA LEU E 45 -29.77 -42.57 19.38
C LEU E 45 -28.41 -43.24 19.53
N GLU E 46 -28.07 -44.09 18.55
CA GLU E 46 -26.79 -44.79 18.52
C GLU E 46 -26.29 -44.82 17.08
N TRP E 47 -25.05 -44.36 16.89
CA TRP E 47 -24.43 -44.41 15.57
C TRP E 47 -24.02 -45.84 15.25
N VAL E 48 -24.31 -46.29 14.04
CA VAL E 48 -24.09 -47.68 13.71
C VAL E 48 -22.90 -47.82 12.78
N ALA E 49 -22.98 -47.13 11.65
CA ALA E 49 -21.90 -47.16 10.68
C ALA E 49 -22.02 -45.98 9.75
N ASN E 50 -20.89 -45.64 9.11
CA ASN E 50 -20.86 -44.62 8.07
C ASN E 50 -19.86 -45.02 6.98
N ILE E 51 -20.06 -44.43 5.80
CA ILE E 51 -19.28 -44.75 4.61
C ILE E 51 -19.05 -43.47 3.81
N ASN E 52 -17.91 -43.41 3.12
CA ASN E 52 -17.59 -42.24 2.32
C ASN E 52 -18.13 -42.41 0.89
N MET E 53 -17.89 -41.41 0.05
CA MET E 53 -18.56 -41.38 -1.25
C MET E 53 -18.05 -42.44 -2.21
N ASP E 54 -16.87 -43.02 -1.96
CA ASP E 54 -16.35 -44.06 -2.85
C ASP E 54 -16.46 -45.47 -2.29
N GLY E 55 -16.78 -45.61 -1.00
CA GLY E 55 -16.90 -46.90 -0.37
C GLY E 55 -15.60 -47.47 0.19
N ASP E 56 -14.51 -46.71 0.15
CA ASP E 56 -13.21 -47.20 0.61
C ASP E 56 -12.95 -46.91 2.09
N LYS E 57 -13.71 -46.00 2.69
CA LYS E 57 -13.59 -45.69 4.11
C LYS E 57 -14.91 -46.03 4.80
N LYS E 58 -14.85 -46.96 5.74
CA LYS E 58 -16.02 -47.38 6.52
C LYS E 58 -15.63 -47.46 7.99
N ASP E 59 -16.60 -47.16 8.85
CA ASP E 59 -16.43 -47.33 10.29
C ASP E 59 -17.70 -47.86 10.90
N TYR E 60 -17.57 -48.56 12.02
CA TYR E 60 -18.67 -49.27 12.65
C TYR E 60 -18.59 -49.12 14.16
N VAL E 61 -19.77 -49.13 14.81
CA VAL E 61 -19.80 -49.23 16.25
C VAL E 61 -19.34 -50.63 16.67
N ASP E 62 -18.76 -50.71 17.88
CA ASP E 62 -18.04 -51.92 18.27
C ASP E 62 -18.95 -53.14 18.32
N SER E 63 -20.17 -52.98 18.84
CA SER E 63 -21.07 -54.13 19.03
C SER E 63 -21.59 -54.70 17.74
N VAL E 64 -21.02 -54.23 16.64
CA VAL E 64 -21.53 -54.53 15.31
C VAL E 64 -20.47 -55.03 14.35
N LYS E 65 -19.18 -54.82 14.64
CA LYS E 65 -18.12 -55.28 13.76
C LYS E 65 -18.20 -56.79 13.55
N GLY E 66 -17.99 -57.21 12.31
CA GLY E 66 -18.08 -58.61 11.92
C GLY E 66 -19.47 -59.12 11.66
N ARG E 67 -20.51 -58.37 12.04
CA ARG E 67 -21.89 -58.75 11.82
C ARG E 67 -22.60 -57.89 10.78
N PHE E 68 -22.34 -56.58 10.78
CA PHE E 68 -22.94 -55.67 9.82
C PHE E 68 -21.93 -55.26 8.75
N THR E 69 -22.46 -54.81 7.61
CA THR E 69 -21.62 -54.31 6.53
C THR E 69 -22.39 -53.20 5.83
N ILE E 70 -21.81 -52.02 5.84
CA ILE E 70 -22.37 -50.86 5.14
C ILE E 70 -21.74 -50.77 3.76
N SER E 71 -22.56 -50.45 2.76
CA SER E 71 -22.10 -50.37 1.38
C SER E 71 -23.06 -49.46 0.62
N ARG E 72 -22.71 -49.15 -0.63
CA ARG E 72 -23.52 -48.20 -1.40
C ARG E 72 -23.40 -48.50 -2.88
N ASP E 73 -24.43 -48.09 -3.62
CA ASP E 73 -24.43 -48.13 -5.08
C ASP E 73 -24.80 -46.73 -5.55
N ASN E 74 -23.79 -45.96 -5.96
CA ASN E 74 -24.02 -44.57 -6.33
C ASN E 74 -24.87 -44.44 -7.59
N ALA E 75 -24.80 -45.42 -8.49
CA ALA E 75 -25.63 -45.39 -9.68
C ALA E 75 -27.12 -45.47 -9.31
N LYS E 76 -27.45 -46.28 -8.32
CA LYS E 76 -28.82 -46.41 -7.83
C LYS E 76 -29.14 -45.43 -6.72
N THR E 77 -28.19 -44.58 -6.34
CA THR E 77 -28.32 -43.65 -5.22
C THR E 77 -28.94 -44.34 -4.01
N SER E 78 -28.25 -45.39 -3.57
CA SER E 78 -28.74 -46.23 -2.49
C SER E 78 -27.64 -46.52 -1.49
N LEU E 79 -27.99 -46.45 -0.21
CA LEU E 79 -27.14 -46.90 0.87
C LEU E 79 -27.70 -48.21 1.41
N TYR E 80 -26.80 -49.10 1.85
CA TYR E 80 -27.21 -50.42 2.32
C TYR E 80 -26.56 -50.74 3.65
N LEU E 81 -27.21 -51.63 4.40
CA LEU E 81 -26.65 -52.17 5.65
C LEU E 81 -27.01 -53.65 5.70
N GLN E 82 -26.04 -54.50 5.38
CA GLN E 82 -26.24 -55.95 5.45
C GLN E 82 -26.04 -56.40 6.89
N MET E 83 -27.12 -56.81 7.55
CA MET E 83 -27.09 -57.22 8.94
C MET E 83 -27.06 -58.74 9.02
N ASN E 84 -26.00 -59.29 9.61
CA ASN E 84 -25.90 -60.73 9.82
C ASN E 84 -25.81 -61.00 11.31
N SER E 85 -26.21 -62.22 11.70
CA SER E 85 -26.15 -62.67 13.09
C SER E 85 -26.89 -61.71 14.02
N LEU E 86 -28.15 -61.44 13.68
CA LEU E 86 -28.94 -60.50 14.45
C LEU E 86 -29.33 -61.07 15.80
N ARG E 87 -29.48 -60.18 16.77
CA ARG E 87 -29.88 -60.55 18.12
C ARG E 87 -30.84 -59.50 18.67
N ALA E 88 -31.41 -59.80 19.83
CA ALA E 88 -32.48 -58.96 20.39
C ALA E 88 -32.03 -57.51 20.54
N GLY E 89 -30.78 -57.29 20.93
CA GLY E 89 -30.27 -55.94 21.11
C GLY E 89 -30.21 -55.12 19.84
N ASP E 90 -30.40 -55.75 18.66
CA ASP E 90 -30.43 -55.02 17.40
C ASP E 90 -31.81 -54.50 17.05
N THR E 91 -32.84 -54.86 17.82
CA THR E 91 -34.18 -54.34 17.60
C THR E 91 -34.20 -52.82 17.80
N ALA E 92 -34.53 -52.11 16.73
CA ALA E 92 -34.50 -50.65 16.74
C ALA E 92 -35.16 -50.13 15.46
N VAL E 93 -35.39 -48.82 15.45
CA VAL E 93 -35.67 -48.10 14.21
C VAL E 93 -34.34 -47.66 13.63
N TYR E 94 -34.09 -48.01 12.37
CA TYR E 94 -32.82 -47.68 11.73
C TYR E 94 -33.02 -46.47 10.82
N TYR E 95 -32.26 -45.41 11.09
CA TYR E 95 -32.32 -44.16 10.34
C TYR E 95 -31.20 -44.07 9.33
N CYS E 96 -31.54 -43.56 8.14
CA CYS E 96 -30.57 -43.18 7.12
C CYS E 96 -30.33 -41.68 7.25
N ALA E 97 -29.05 -41.27 7.24
CA ALA E 97 -28.72 -39.86 7.41
C ALA E 97 -27.62 -39.43 6.46
N ARG E 98 -27.73 -38.19 5.98
CA ARG E 98 -26.72 -37.57 5.12
C ARG E 98 -25.71 -36.81 5.97
N ILE E 99 -24.43 -37.13 5.77
CA ILE E 99 -23.34 -36.53 6.53
C ILE E 99 -22.84 -35.29 5.81
N ARG E 100 -22.51 -34.24 6.57
CA ARG E 100 -21.91 -33.04 6.02
C ARG E 100 -20.42 -33.05 6.35
N GLN E 101 -19.59 -32.87 5.32
CA GLN E 101 -18.14 -32.87 5.54
C GLN E 101 -17.74 -31.69 6.42
N VAL E 102 -16.71 -31.92 7.25
CA VAL E 102 -16.20 -30.90 8.15
C VAL E 102 -14.69 -30.90 8.10
N SER E 103 -14.10 -29.72 8.27
CA SER E 103 -12.65 -29.60 8.31
C SER E 103 -12.12 -30.09 9.67
N LYS E 104 -11.11 -30.96 9.62
CA LYS E 104 -10.46 -31.46 10.81
C LYS E 104 -9.11 -32.00 10.41
N TYR E 105 -8.08 -31.71 11.22
CA TYR E 105 -6.71 -32.13 10.92
C TYR E 105 -6.24 -31.62 9.56
N LEU E 106 -6.73 -30.44 9.16
CA LEU E 106 -6.47 -29.88 7.83
C LEU E 106 -6.97 -30.81 6.71
N GLN E 107 -7.99 -31.62 6.99
CA GLN E 107 -8.52 -32.55 6.02
C GLN E 107 -10.05 -32.56 6.10
N TRP E 108 -10.66 -33.19 5.11
CA TRP E 108 -12.12 -33.30 5.04
C TRP E 108 -12.54 -34.61 5.69
N TYR E 109 -13.21 -34.52 6.83
CA TYR E 109 -13.71 -35.63 7.60
C TYR E 109 -15.23 -35.64 7.57
N PRO E 110 -15.86 -36.72 8.02
CA PRO E 110 -17.33 -36.74 8.10
C PRO E 110 -17.82 -36.03 9.36
N GLY E 111 -18.77 -35.12 9.19
CA GLY E 111 -19.30 -34.36 10.30
C GLY E 111 -20.75 -34.62 10.61
N VAL E 112 -21.54 -33.55 10.74
CA VAL E 112 -22.88 -33.66 11.31
C VAL E 112 -23.82 -34.39 10.35
N PHE E 113 -24.88 -34.95 10.92
CA PHE E 113 -25.95 -35.60 10.16
C PHE E 113 -26.98 -34.53 9.85
N GLU E 114 -26.92 -33.95 8.64
CA GLU E 114 -27.72 -32.78 8.34
C GLU E 114 -29.12 -33.11 7.83
N MET E 115 -29.37 -34.35 7.41
CA MET E 115 -30.70 -34.73 6.95
C MET E 115 -30.93 -36.19 7.24
N TRP E 116 -32.14 -36.50 7.71
CA TRP E 116 -32.51 -37.84 8.16
C TRP E 116 -33.74 -38.33 7.43
N GLY E 117 -33.80 -39.65 7.22
CA GLY E 117 -35.00 -40.29 6.75
C GLY E 117 -35.91 -40.66 7.92
N GLN E 118 -37.11 -41.13 7.57
CA GLN E 118 -38.09 -41.51 8.60
C GLN E 118 -37.69 -42.77 9.37
N GLY E 119 -36.88 -43.64 8.78
CA GLY E 119 -36.45 -44.85 9.46
C GLY E 119 -37.39 -46.02 9.23
N THR E 120 -36.85 -47.23 9.43
CA THR E 120 -37.61 -48.46 9.35
C THR E 120 -37.36 -49.30 10.59
N MET E 121 -38.38 -50.04 11.01
CA MET E 121 -38.35 -50.78 12.27
C MET E 121 -37.84 -52.19 12.01
N VAL E 122 -36.79 -52.58 12.73
CA VAL E 122 -36.26 -53.94 12.67
C VAL E 122 -36.53 -54.60 14.02
N THR E 123 -37.23 -55.74 13.98
CA THR E 123 -37.60 -56.48 15.19
C THR E 123 -37.00 -57.87 15.09
N VAL E 124 -36.13 -58.19 16.04
CA VAL E 124 -35.50 -59.50 16.10
C VAL E 124 -36.26 -60.32 17.13
N SER E 125 -36.98 -61.33 16.66
CA SER E 125 -37.82 -62.13 17.53
C SER E 125 -38.08 -63.49 16.87
N SER E 126 -38.47 -64.46 17.69
CA SER E 126 -38.83 -65.78 17.22
C SER E 126 -40.32 -65.94 16.97
N ALA E 127 -41.11 -64.90 17.25
CA ALA E 127 -42.56 -64.96 17.08
C ALA E 127 -42.89 -64.98 15.59
N SER E 128 -44.18 -64.91 15.28
CA SER E 128 -44.68 -64.97 13.92
C SER E 128 -45.30 -63.64 13.53
N THR E 129 -45.38 -63.41 12.21
CA THR E 129 -46.02 -62.21 11.69
C THR E 129 -47.54 -62.39 11.68
N LYS E 130 -48.26 -61.33 12.02
CA LYS E 130 -49.71 -61.34 11.94
C LYS E 130 -50.22 -59.96 11.56
N GLY E 131 -51.12 -59.92 10.58
CA GLY E 131 -51.80 -58.71 10.22
C GLY E 131 -52.93 -58.41 11.18
N PRO E 132 -53.26 -57.13 11.35
CA PRO E 132 -54.25 -56.74 12.35
C PRO E 132 -55.68 -56.86 11.83
N SER E 133 -56.60 -56.99 12.78
CA SER E 133 -58.01 -56.84 12.51
C SER E 133 -58.40 -55.39 12.78
N VAL E 134 -59.07 -54.76 11.82
CA VAL E 134 -59.40 -53.34 11.89
C VAL E 134 -60.90 -53.21 12.11
N PHE E 135 -61.28 -52.65 13.26
CA PHE E 135 -62.68 -52.43 13.59
C PHE E 135 -62.95 -50.95 13.79
N PRO E 136 -64.07 -50.44 13.30
CA PRO E 136 -64.35 -49.01 13.40
C PRO E 136 -64.90 -48.63 14.78
N LEU E 137 -64.51 -47.43 15.23
CA LEU E 137 -65.06 -46.82 16.44
C LEU E 137 -66.14 -45.83 15.99
N ALA E 138 -67.40 -46.19 16.20
CA ALA E 138 -68.51 -45.41 15.67
C ALA E 138 -68.80 -44.21 16.57
N PRO E 139 -69.05 -43.03 16.00
CA PRO E 139 -69.34 -41.85 16.82
C PRO E 139 -70.67 -41.99 17.56
N SER E 140 -70.84 -41.10 18.54
CA SER E 140 -72.03 -41.11 19.40
C SER E 140 -73.08 -40.14 18.88
N SER E 141 -73.24 -39.00 19.57
CA SER E 141 -74.23 -38.01 19.19
C SER E 141 -73.92 -36.66 19.85
N GLY E 147 -69.46 -28.15 20.14
CA GLY E 147 -70.44 -29.12 19.70
C GLY E 147 -69.88 -30.13 18.73
N THR E 148 -68.92 -30.93 19.20
CA THR E 148 -68.24 -31.91 18.37
C THR E 148 -68.44 -33.31 18.92
N ALA E 149 -68.14 -34.30 18.09
CA ALA E 149 -68.10 -35.70 18.47
C ALA E 149 -66.79 -36.30 17.96
N ALA E 150 -66.60 -37.60 18.21
CA ALA E 150 -65.35 -38.24 17.85
C ALA E 150 -65.62 -39.62 17.25
N LEU E 151 -64.76 -40.01 16.32
CA LEU E 151 -64.77 -41.33 15.71
C LEU E 151 -63.34 -41.85 15.66
N GLY E 152 -63.21 -43.16 15.48
CA GLY E 152 -61.89 -43.76 15.51
C GLY E 152 -61.83 -45.05 14.71
N CYS E 153 -60.64 -45.65 14.72
CA CYS E 153 -60.37 -46.92 14.06
C CYS E 153 -59.53 -47.78 14.99
N LEU E 154 -60.07 -48.93 15.39
CA LEU E 154 -59.35 -49.85 16.26
C LEU E 154 -58.52 -50.80 15.40
N VAL E 155 -57.22 -50.85 15.67
CA VAL E 155 -56.29 -51.73 14.97
C VAL E 155 -55.76 -52.72 16.00
N LYS E 156 -56.24 -53.95 15.96
CA LYS E 156 -56.06 -54.91 17.04
C LYS E 156 -55.38 -56.17 16.55
N ASP E 157 -54.54 -56.74 17.41
CA ASP E 157 -53.92 -58.05 17.21
C ASP E 157 -53.03 -58.10 15.98
N TYR E 158 -51.84 -57.51 16.08
CA TYR E 158 -50.86 -57.57 15.00
C TYR E 158 -49.46 -57.70 15.59
N PHE E 159 -48.52 -58.11 14.75
CA PHE E 159 -47.13 -58.28 15.14
C PHE E 159 -46.27 -58.44 13.89
N PRO E 160 -45.11 -57.75 13.86
CA PRO E 160 -44.64 -56.83 14.88
C PRO E 160 -45.01 -55.38 14.58
N GLU E 161 -44.37 -54.46 15.29
CA GLU E 161 -44.47 -53.04 14.99
C GLU E 161 -43.77 -52.76 13.66
N PRO E 162 -44.16 -51.68 12.96
CA PRO E 162 -45.26 -50.78 13.30
C PRO E 162 -46.44 -50.87 12.33
N VAL E 163 -47.51 -50.15 12.64
CA VAL E 163 -48.61 -49.91 11.71
C VAL E 163 -48.70 -48.41 11.47
N THR E 164 -48.98 -48.03 10.22
CA THR E 164 -49.17 -46.64 9.85
C THR E 164 -50.64 -46.41 9.55
N VAL E 165 -51.21 -45.37 10.15
CA VAL E 165 -52.63 -45.07 10.01
C VAL E 165 -52.78 -43.62 9.53
N SER E 166 -53.67 -43.43 8.56
CA SER E 166 -54.03 -42.11 8.08
C SER E 166 -55.55 -42.04 7.95
N TRP E 167 -56.05 -40.87 7.54
CA TRP E 167 -57.48 -40.67 7.39
C TRP E 167 -57.74 -39.94 6.08
N ASN E 168 -58.64 -40.51 5.27
CA ASN E 168 -58.90 -40.00 3.92
C ASN E 168 -57.60 -39.86 3.14
N SER E 169 -56.74 -40.88 3.23
CA SER E 169 -55.43 -40.92 2.61
C SER E 169 -54.50 -39.85 3.17
N GLY E 170 -54.97 -38.61 3.24
CA GLY E 170 -54.18 -37.53 3.81
C GLY E 170 -54.97 -36.25 3.98
N ALA E 171 -56.23 -36.25 3.54
CA ALA E 171 -57.06 -35.05 3.62
C ALA E 171 -57.35 -34.65 5.06
N LEU E 172 -57.33 -35.61 5.99
CA LEU E 172 -57.63 -35.36 7.40
C LEU E 172 -56.40 -35.69 8.22
N THR E 173 -55.74 -34.66 8.75
CA THR E 173 -54.53 -34.85 9.55
C THR E 173 -54.65 -34.13 10.88
N SER E 174 -55.45 -33.07 10.94
CA SER E 174 -55.65 -32.34 12.18
C SER E 174 -56.71 -33.02 13.03
N GLY E 175 -56.59 -32.87 14.35
CA GLY E 175 -57.44 -33.58 15.27
C GLY E 175 -57.17 -35.06 15.37
N VAL E 176 -56.18 -35.57 14.64
CA VAL E 176 -55.87 -36.99 14.62
C VAL E 176 -54.90 -37.32 15.74
N HIS E 177 -55.18 -38.40 16.46
CA HIS E 177 -54.29 -38.92 17.49
C HIS E 177 -54.17 -40.43 17.29
N THR E 178 -53.00 -40.87 16.84
CA THR E 178 -52.71 -42.30 16.68
C THR E 178 -51.95 -42.74 17.92
N PHE E 179 -52.63 -43.44 18.82
CA PHE E 179 -52.04 -43.80 20.10
C PHE E 179 -50.88 -44.76 19.91
N PRO E 180 -49.85 -44.68 20.76
CA PRO E 180 -48.80 -45.69 20.73
C PRO E 180 -49.36 -47.08 21.02
N ALA E 181 -48.76 -48.08 20.40
CA ALA E 181 -49.24 -49.44 20.56
C ALA E 181 -49.03 -49.94 21.99
N VAL E 182 -49.85 -50.91 22.38
CA VAL E 182 -49.70 -51.59 23.65
C VAL E 182 -49.52 -53.07 23.39
N LEU E 183 -48.69 -53.72 24.22
CA LEU E 183 -48.46 -55.14 24.11
C LEU E 183 -49.48 -55.87 24.98
N GLN E 184 -50.44 -56.55 24.35
CA GLN E 184 -51.43 -57.29 25.10
C GLN E 184 -50.82 -58.55 25.71
N SER E 185 -51.62 -59.23 26.53
CA SER E 185 -51.20 -60.51 27.09
C SER E 185 -51.02 -61.58 26.01
N SER E 186 -51.61 -61.37 24.84
CA SER E 186 -51.49 -62.32 23.74
C SER E 186 -50.10 -62.31 23.13
N GLY E 187 -49.35 -61.22 23.30
CA GLY E 187 -48.13 -61.01 22.56
C GLY E 187 -48.31 -60.20 21.29
N LEU E 188 -49.54 -59.92 20.90
CA LEU E 188 -49.82 -59.08 19.75
C LEU E 188 -50.05 -57.64 20.20
N TYR E 189 -49.73 -56.70 19.31
CA TYR E 189 -49.94 -55.30 19.61
C TYR E 189 -51.35 -54.87 19.25
N SER E 190 -51.71 -53.65 19.70
CA SER E 190 -53.01 -53.08 19.40
C SER E 190 -53.03 -51.57 19.69
N LEU E 191 -53.54 -50.78 18.73
CA LEU E 191 -53.67 -49.35 18.96
C LEU E 191 -55.01 -48.89 18.41
N SER E 192 -55.37 -47.67 18.79
CA SER E 192 -56.56 -47.01 18.25
C SER E 192 -56.16 -45.64 17.73
N SER E 193 -56.74 -45.26 16.61
CA SER E 193 -56.52 -43.94 16.02
C SER E 193 -57.86 -43.21 15.99
N VAL E 194 -57.91 -42.02 16.60
CA VAL E 194 -59.14 -41.26 16.75
C VAL E 194 -58.96 -39.88 16.14
N VAL E 195 -60.08 -39.30 15.69
CA VAL E 195 -60.11 -37.94 15.14
C VAL E 195 -61.34 -37.23 15.67
N THR E 196 -61.18 -35.94 16.00
CA THR E 196 -62.29 -35.11 16.45
C THR E 196 -62.82 -34.31 15.28
N VAL E 197 -64.14 -34.40 15.06
CA VAL E 197 -64.84 -33.69 13.99
C VAL E 197 -66.17 -33.21 14.55
N PRO E 198 -66.58 -31.97 14.27
CA PRO E 198 -67.88 -31.49 14.79
C PRO E 198 -69.04 -32.37 14.33
N SER E 199 -70.09 -32.41 15.16
CA SER E 199 -71.31 -33.18 14.88
C SER E 199 -72.15 -32.61 13.73
N SER E 200 -71.50 -32.08 12.69
CA SER E 200 -72.20 -31.57 11.50
C SER E 200 -71.67 -32.13 10.20
N SER E 201 -70.58 -32.91 10.23
CA SER E 201 -70.02 -33.54 9.05
C SER E 201 -70.46 -34.99 8.89
N LEU E 202 -71.15 -35.55 9.87
CA LEU E 202 -71.60 -36.94 9.83
C LEU E 202 -72.68 -37.09 8.76
N GLY E 203 -72.32 -37.67 7.63
CA GLY E 203 -73.27 -37.86 6.55
C GLY E 203 -72.73 -37.42 5.20
N THR E 204 -72.30 -36.17 5.10
CA THR E 204 -71.77 -35.65 3.85
C THR E 204 -70.30 -36.04 3.67
N GLN E 205 -69.45 -35.66 4.60
CA GLN E 205 -68.02 -35.96 4.50
C GLN E 205 -67.79 -37.44 4.80
N THR E 206 -67.17 -38.14 3.84
CA THR E 206 -66.83 -39.54 4.02
C THR E 206 -65.49 -39.66 4.75
N TYR E 207 -65.47 -40.45 5.82
CA TYR E 207 -64.28 -40.65 6.63
C TYR E 207 -63.85 -42.11 6.54
N ILE E 208 -62.62 -42.33 6.06
CA ILE E 208 -62.05 -43.66 5.90
C ILE E 208 -60.64 -43.64 6.44
N CYS E 209 -60.36 -44.50 7.42
CA CYS E 209 -59.00 -44.67 7.91
C CYS E 209 -58.29 -45.73 7.07
N ASN E 210 -57.00 -45.53 6.86
CA ASN E 210 -56.17 -46.40 6.04
C ASN E 210 -55.06 -46.98 6.90
N VAL E 211 -55.10 -48.29 7.10
CA VAL E 211 -54.14 -49.00 7.95
C VAL E 211 -53.21 -49.80 7.06
N ASN E 212 -51.91 -49.69 7.29
CA ASN E 212 -50.91 -50.43 6.54
C ASN E 212 -49.92 -51.05 7.51
N HIS E 213 -49.87 -52.38 7.52
CA HIS E 213 -48.92 -53.15 8.33
C HIS E 213 -47.95 -53.84 7.36
N LYS E 214 -46.89 -53.11 7.00
CA LYS E 214 -45.95 -53.61 6.01
C LYS E 214 -45.33 -54.97 6.34
N PRO E 215 -44.95 -55.28 7.59
CA PRO E 215 -44.38 -56.61 7.86
C PRO E 215 -45.26 -57.77 7.45
N SER E 216 -46.56 -57.55 7.23
CA SER E 216 -47.45 -58.59 6.72
C SER E 216 -48.07 -58.21 5.38
N ASN E 217 -47.62 -57.12 4.77
CA ASN E 217 -48.17 -56.57 3.53
C ASN E 217 -49.64 -56.22 3.64
N THR E 218 -50.20 -56.19 4.86
CA THR E 218 -51.60 -55.86 5.04
C THR E 218 -51.85 -54.40 4.70
N LYS E 219 -52.97 -54.14 4.03
CA LYS E 219 -53.37 -52.78 3.65
C LYS E 219 -54.90 -52.74 3.65
N VAL E 220 -55.46 -52.56 4.85
CA VAL E 220 -56.91 -52.62 5.06
C VAL E 220 -57.45 -51.20 5.20
N ASP E 221 -58.51 -50.90 4.46
CA ASP E 221 -59.27 -49.67 4.63
C ASP E 221 -60.54 -49.95 5.45
N LYS E 222 -61.17 -48.88 5.90
CA LYS E 222 -62.39 -49.02 6.71
C LYS E 222 -63.15 -47.71 6.69
N LYS E 223 -64.40 -47.75 6.26
CA LYS E 223 -65.30 -46.61 6.37
C LYS E 223 -65.96 -46.61 7.74
N VAL E 224 -65.88 -45.48 8.44
CA VAL E 224 -66.51 -45.33 9.74
C VAL E 224 -67.84 -44.59 9.56
N GLU E 225 -68.88 -45.08 10.23
CA GLU E 225 -70.21 -44.50 10.15
C GLU E 225 -70.94 -44.80 11.45
N PRO E 226 -71.97 -44.01 11.78
CA PRO E 226 -72.84 -44.33 12.92
C PRO E 226 -73.75 -45.52 12.63
N ASP F 1 -13.11 -44.88 22.90
CA ASP F 1 -13.72 -43.77 22.17
C ASP F 1 -14.18 -42.68 23.12
N ILE F 2 -15.08 -41.83 22.65
CA ILE F 2 -15.56 -40.69 23.42
C ILE F 2 -17.01 -40.93 23.81
N VAL F 3 -17.34 -40.64 25.05
CA VAL F 3 -18.66 -40.89 25.60
C VAL F 3 -19.28 -39.56 26.01
N MET F 4 -20.53 -39.34 25.62
CA MET F 4 -21.25 -38.13 25.95
C MET F 4 -22.26 -38.42 27.05
N THR F 5 -22.31 -37.54 28.04
CA THR F 5 -23.27 -37.63 29.13
C THR F 5 -24.05 -36.33 29.23
N GLN F 6 -25.37 -36.44 29.26
CA GLN F 6 -26.24 -35.27 29.30
C GLN F 6 -26.84 -35.09 30.68
N SER F 7 -27.34 -33.88 30.91
CA SER F 7 -27.96 -33.53 32.17
C SER F 7 -28.77 -32.27 31.97
N PRO F 8 -30.02 -32.27 32.46
CA PRO F 8 -30.67 -33.37 33.17
C PRO F 8 -31.22 -34.45 32.24
N ASP F 9 -31.69 -35.57 32.80
CA ASP F 9 -32.30 -36.61 31.97
C ASP F 9 -33.69 -36.21 31.50
N SER F 10 -34.37 -35.35 32.25
CA SER F 10 -35.67 -34.84 31.86
C SER F 10 -35.96 -33.58 32.68
N LEU F 11 -36.80 -32.71 32.14
CA LEU F 11 -37.15 -31.48 32.83
C LEU F 11 -38.49 -30.98 32.31
N ALA F 12 -39.19 -30.23 33.16
CA ALA F 12 -40.47 -29.62 32.82
C ALA F 12 -40.34 -28.12 32.97
N VAL F 13 -40.57 -27.40 31.87
CA VAL F 13 -40.41 -25.96 31.81
C VAL F 13 -41.74 -25.33 31.40
N SER F 14 -42.11 -24.25 32.07
CA SER F 14 -43.30 -23.52 31.70
C SER F 14 -43.07 -22.72 30.42
N LEU F 15 -44.17 -22.42 29.72
CA LEU F 15 -44.09 -21.66 28.48
C LEU F 15 -43.51 -20.27 28.74
N GLY F 16 -42.55 -19.87 27.92
CA GLY F 16 -41.93 -18.57 28.03
C GLY F 16 -40.73 -18.51 28.95
N GLU F 17 -40.42 -19.60 29.64
CA GLU F 17 -39.28 -19.66 30.55
C GLU F 17 -38.10 -20.34 29.85
N ARG F 18 -37.00 -20.47 30.57
CA ARG F 18 -35.74 -20.94 30.01
C ARG F 18 -35.52 -22.40 30.33
N ALA F 19 -35.10 -23.16 29.32
CA ALA F 19 -34.69 -24.55 29.49
C ALA F 19 -33.20 -24.65 29.22
N THR F 20 -32.51 -25.44 30.02
CA THR F 20 -31.06 -25.59 29.93
C THR F 20 -30.71 -27.07 29.94
N ILE F 21 -29.95 -27.49 28.94
CA ILE F 21 -29.50 -28.87 28.81
C ILE F 21 -27.98 -28.88 28.72
N HIS F 22 -27.35 -29.67 29.57
CA HIS F 22 -25.90 -29.78 29.57
C HIS F 22 -25.47 -31.06 28.86
N CYS F 23 -24.21 -31.07 28.45
CA CYS F 23 -23.60 -32.21 27.76
C CYS F 23 -22.11 -32.21 28.08
N LYS F 24 -21.60 -33.36 28.49
CA LYS F 24 -20.20 -33.49 28.88
C LYS F 24 -19.56 -34.63 28.09
N SER F 25 -18.45 -34.32 27.42
CA SER F 25 -17.69 -35.33 26.70
C SER F 25 -16.65 -35.92 27.63
N SER F 26 -16.39 -37.23 27.47
CA SER F 26 -15.44 -37.90 28.36
C SER F 26 -14.01 -37.42 28.14
N GLN F 27 -13.73 -36.83 26.98
CA GLN F 27 -12.44 -36.19 26.73
C GLN F 27 -12.68 -35.02 25.80
N SER F 28 -11.68 -34.15 25.70
CA SER F 28 -11.83 -32.90 24.96
C SER F 28 -12.15 -33.18 23.49
N VAL F 29 -13.13 -32.46 22.96
CA VAL F 29 -13.45 -32.50 21.53
C VAL F 29 -13.10 -31.16 20.87
N LEU F 30 -12.20 -30.39 21.50
CA LEU F 30 -11.76 -29.12 20.96
C LEU F 30 -10.48 -29.33 20.15
N TYR F 31 -10.51 -28.92 18.89
CA TYR F 31 -9.33 -28.96 18.04
C TYR F 31 -8.67 -27.58 18.12
N ARG F 32 -7.52 -27.52 18.80
CA ARG F 32 -6.89 -26.23 19.06
C ARG F 32 -6.47 -25.48 17.80
N PRO F 33 -5.89 -26.10 16.76
CA PRO F 33 -5.48 -25.31 15.59
C PRO F 33 -6.60 -24.52 14.92
N ASN F 34 -7.87 -24.90 15.09
CA ASN F 34 -8.96 -24.09 14.56
C ASN F 34 -9.92 -23.58 15.62
N ASN F 35 -9.72 -23.93 16.89
CA ASN F 35 -10.55 -23.44 18.00
C ASN F 35 -12.02 -23.83 17.80
N ARG F 36 -12.25 -25.05 17.34
CA ARG F 36 -13.59 -25.55 17.04
C ARG F 36 -13.90 -26.76 17.93
N ASN F 37 -15.08 -26.76 18.53
CA ASN F 37 -15.57 -27.88 19.32
C ASN F 37 -16.50 -28.73 18.45
N TYR F 38 -16.15 -30.00 18.28
CA TYR F 38 -16.87 -30.88 17.38
C TYR F 38 -18.05 -31.52 18.12
N VAL F 39 -19.01 -30.65 18.46
CA VAL F 39 -20.24 -31.04 19.14
C VAL F 39 -21.42 -30.50 18.35
N ALA F 40 -22.51 -31.26 18.31
CA ALA F 40 -23.74 -30.84 17.67
C ALA F 40 -24.92 -31.14 18.59
N TRP F 41 -26.02 -30.44 18.37
CA TRP F 41 -27.24 -30.64 19.13
C TRP F 41 -28.38 -31.00 18.17
N TYR F 42 -29.17 -32.00 18.54
CA TYR F 42 -30.26 -32.49 17.72
C TYR F 42 -31.58 -32.42 18.47
N GLN F 43 -32.66 -32.22 17.72
CA GLN F 43 -34.01 -32.15 18.25
C GLN F 43 -34.84 -33.26 17.63
N GLN F 44 -35.47 -34.07 18.47
CA GLN F 44 -36.33 -35.15 18.01
C GLN F 44 -37.73 -34.94 18.58
N LYS F 45 -38.63 -34.39 17.77
CA LYS F 45 -40.00 -34.18 18.16
C LYS F 45 -40.77 -35.48 18.15
N PRO F 46 -41.92 -35.55 18.85
CA PRO F 46 -42.68 -36.81 18.92
C PRO F 46 -42.98 -37.44 17.56
N GLY F 47 -42.48 -38.65 17.36
CA GLY F 47 -42.76 -39.40 16.13
C GLY F 47 -42.16 -38.81 14.88
N GLN F 48 -40.95 -38.27 14.97
CA GLN F 48 -40.27 -37.66 13.85
C GLN F 48 -38.78 -37.96 13.94
N PRO F 49 -38.08 -37.92 12.81
CA PRO F 49 -36.62 -38.13 12.83
C PRO F 49 -35.91 -36.97 13.51
N PRO F 50 -34.71 -37.20 14.03
CA PRO F 50 -33.94 -36.10 14.62
C PRO F 50 -33.69 -34.99 13.62
N ARG F 51 -33.65 -33.76 14.13
CA ARG F 51 -33.43 -32.56 13.35
C ARG F 51 -32.20 -31.83 13.88
N LEU F 52 -31.26 -31.51 12.99
CA LEU F 52 -30.03 -30.84 13.39
C LEU F 52 -30.30 -29.38 13.73
N LEU F 53 -29.96 -28.98 14.96
CA LEU F 53 -30.12 -27.61 15.41
C LEU F 53 -28.82 -26.81 15.31
N ILE F 54 -27.73 -27.33 15.89
CA ILE F 54 -26.50 -26.58 16.06
C ILE F 54 -25.33 -27.48 15.72
N HIS F 55 -24.35 -26.94 15.00
CA HIS F 55 -23.11 -27.64 14.74
C HIS F 55 -21.94 -26.80 15.27
N TRP F 56 -20.84 -27.48 15.57
CA TRP F 56 -19.64 -26.83 16.11
C TRP F 56 -19.98 -26.05 17.39
N ALA F 57 -20.72 -26.70 18.28
CA ALA F 57 -21.04 -26.20 19.62
C ALA F 57 -21.99 -25.00 19.63
N SER F 58 -21.79 -24.03 18.73
CA SER F 58 -22.51 -22.76 18.84
C SER F 58 -23.09 -22.22 17.54
N PHE F 59 -22.97 -22.93 16.42
CA PHE F 59 -23.41 -22.39 15.12
C PHE F 59 -24.80 -22.94 14.81
N ARG F 60 -25.78 -22.03 14.77
CA ARG F 60 -27.16 -22.43 14.50
C ARG F 60 -27.32 -22.82 13.04
N GLU F 61 -27.95 -23.97 12.80
CA GLU F 61 -28.31 -24.34 11.45
C GLU F 61 -29.35 -23.36 10.89
N SER F 62 -29.33 -23.20 9.57
CA SER F 62 -30.25 -22.26 8.93
C SER F 62 -31.70 -22.67 9.18
N GLY F 63 -32.54 -21.70 9.53
CA GLY F 63 -33.94 -21.94 9.82
C GLY F 63 -34.26 -22.25 11.27
N VAL F 64 -33.27 -22.32 12.14
CA VAL F 64 -33.48 -22.59 13.56
C VAL F 64 -33.55 -21.26 14.30
N PRO F 65 -34.56 -21.04 15.15
CA PRO F 65 -34.78 -19.71 15.71
C PRO F 65 -33.67 -19.29 16.66
N ASP F 66 -33.65 -17.97 16.95
CA ASP F 66 -32.65 -17.40 17.85
C ASP F 66 -32.77 -17.92 19.27
N ARG F 67 -33.91 -18.52 19.63
CA ARG F 67 -34.10 -19.03 20.99
C ARG F 67 -33.07 -20.07 21.34
N PHE F 68 -32.69 -20.90 20.37
CA PHE F 68 -31.73 -21.96 20.63
C PHE F 68 -30.31 -21.40 20.58
N THR F 69 -29.56 -21.62 21.65
CA THR F 69 -28.18 -21.16 21.74
C THR F 69 -27.32 -22.27 22.34
N GLY F 70 -26.24 -22.62 21.66
CA GLY F 70 -25.26 -23.56 22.17
C GLY F 70 -24.00 -22.82 22.59
N SER F 71 -23.30 -23.37 23.58
CA SER F 71 -22.12 -22.72 24.11
C SER F 71 -21.26 -23.76 24.83
N GLY F 72 -20.11 -23.33 25.32
CA GLY F 72 -19.18 -24.19 26.01
C GLY F 72 -17.96 -24.51 25.15
N SER F 73 -17.02 -25.21 25.79
CA SER F 73 -15.75 -25.51 25.15
C SER F 73 -15.08 -26.69 25.85
N GLY F 74 -14.27 -27.42 25.10
CA GLY F 74 -13.50 -28.52 25.67
C GLY F 74 -14.34 -29.76 25.94
N THR F 75 -14.85 -29.89 27.16
CA THR F 75 -15.67 -31.02 27.56
C THR F 75 -17.02 -30.61 28.13
N ASP F 76 -17.32 -29.32 28.21
CA ASP F 76 -18.51 -28.82 28.88
C ASP F 76 -19.31 -28.00 27.88
N PHE F 77 -20.52 -28.46 27.57
CA PHE F 77 -21.34 -27.81 26.55
C PHE F 77 -22.77 -27.69 27.06
N THR F 78 -23.47 -26.68 26.52
CA THR F 78 -24.78 -26.31 27.04
C THR F 78 -25.68 -25.84 25.91
N LEU F 79 -26.88 -26.39 25.84
CA LEU F 79 -27.91 -25.91 24.94
C LEU F 79 -28.94 -25.14 25.75
N THR F 80 -29.25 -23.92 25.33
CA THR F 80 -30.14 -23.03 26.06
C THR F 80 -31.29 -22.60 25.16
N ILE F 81 -32.51 -22.86 25.61
CA ILE F 81 -33.71 -22.36 24.95
C ILE F 81 -34.25 -21.23 25.81
N SER F 82 -34.23 -20.00 25.27
CA SER F 82 -34.39 -18.82 26.11
C SER F 82 -35.86 -18.55 26.45
N SER F 83 -36.77 -18.72 25.49
CA SER F 83 -38.19 -18.43 25.66
C SER F 83 -38.98 -19.61 25.12
N LEU F 84 -39.22 -20.60 25.99
CA LEU F 84 -39.73 -21.89 25.53
C LEU F 84 -41.09 -21.75 24.87
N GLN F 85 -41.25 -22.45 23.75
CA GLN F 85 -42.49 -22.46 22.98
C GLN F 85 -43.02 -23.90 22.91
N ALA F 86 -44.32 -24.01 22.61
CA ALA F 86 -44.94 -25.33 22.54
C ALA F 86 -44.27 -26.21 21.49
N GLU F 87 -43.84 -25.59 20.38
CA GLU F 87 -43.19 -26.33 19.31
C GLU F 87 -41.90 -26.98 19.76
N ASP F 88 -41.34 -26.55 20.89
CA ASP F 88 -40.04 -27.04 21.33
C ASP F 88 -40.12 -28.34 22.11
N VAL F 89 -41.31 -28.90 22.34
CA VAL F 89 -41.41 -30.14 23.10
C VAL F 89 -40.75 -31.26 22.29
N ALA F 90 -39.77 -31.91 22.91
CA ALA F 90 -38.98 -32.93 22.21
C ALA F 90 -37.98 -33.55 23.16
N VAL F 91 -37.21 -34.52 22.67
CA VAL F 91 -36.03 -35.03 23.33
C VAL F 91 -34.82 -34.48 22.60
N TYR F 92 -33.85 -33.97 23.35
CA TYR F 92 -32.68 -33.31 22.79
C TYR F 92 -31.44 -34.18 23.00
N TYR F 93 -30.68 -34.37 21.93
CA TYR F 93 -29.46 -35.18 21.95
C TYR F 93 -28.27 -34.31 21.59
N CYS F 94 -27.17 -34.52 22.29
CA CYS F 94 -25.89 -33.97 21.86
C CYS F 94 -25.06 -35.08 21.21
N GLN F 95 -24.14 -34.66 20.36
CA GLN F 95 -23.31 -35.58 19.60
C GLN F 95 -21.93 -34.97 19.38
N GLN F 96 -20.89 -35.75 19.64
CA GLN F 96 -19.55 -35.38 19.23
C GLN F 96 -19.19 -36.08 17.93
N TYR F 97 -18.40 -35.40 17.10
CA TYR F 97 -17.83 -35.99 15.90
C TYR F 97 -16.33 -35.71 15.81
N PHE F 98 -15.68 -35.56 16.97
CA PHE F 98 -14.23 -35.39 16.96
C PHE F 98 -13.53 -36.71 16.64
N PHE F 99 -13.93 -37.80 17.29
CA PHE F 99 -13.44 -39.13 16.98
C PHE F 99 -14.63 -40.04 16.77
N LEU F 100 -14.77 -40.55 15.55
CA LEU F 100 -15.91 -41.40 15.15
C LEU F 100 -17.19 -40.63 15.47
N TYR F 101 -18.16 -41.25 16.14
CA TYR F 101 -19.40 -40.58 16.49
C TYR F 101 -19.91 -41.18 17.79
N SER F 102 -20.64 -40.35 18.55
CA SER F 102 -21.30 -40.82 19.76
C SER F 102 -22.38 -39.82 20.12
N PHE F 103 -23.44 -40.32 20.73
CA PHE F 103 -24.57 -39.50 21.13
C PHE F 103 -24.69 -39.49 22.64
N GLY F 104 -25.26 -38.42 23.18
CA GLY F 104 -25.67 -38.41 24.56
C GLY F 104 -26.90 -39.28 24.78
N GLY F 105 -27.26 -39.43 26.05
CA GLY F 105 -28.40 -40.26 26.39
C GLY F 105 -29.74 -39.64 26.05
N GLY F 106 -29.77 -38.34 25.76
CA GLY F 106 -31.00 -37.64 25.48
C GLY F 106 -31.52 -36.92 26.71
N THR F 107 -32.34 -35.90 26.47
CA THR F 107 -32.96 -35.11 27.54
C THR F 107 -34.40 -34.84 27.15
N LYS F 108 -35.36 -35.44 27.87
CA LYS F 108 -36.76 -35.26 27.56
C LYS F 108 -37.24 -33.90 28.06
N LEU F 109 -37.70 -33.05 27.15
CA LEU F 109 -38.18 -31.72 27.50
C LEU F 109 -39.71 -31.72 27.44
N GLU F 110 -40.33 -31.49 28.59
CA GLU F 110 -41.78 -31.42 28.73
C GLU F 110 -42.20 -29.98 29.00
N ILE F 111 -43.31 -29.57 28.40
CA ILE F 111 -43.84 -28.23 28.59
C ILE F 111 -44.87 -28.27 29.71
N ASN F 112 -44.76 -27.33 30.65
CA ASN F 112 -45.72 -27.19 31.74
C ASN F 112 -46.68 -26.06 31.40
N ARG F 113 -47.96 -26.38 31.32
CA ARG F 113 -49.00 -25.42 30.96
C ARG F 113 -50.07 -25.41 32.03
N THR F 114 -51.13 -24.64 31.80
CA THR F 114 -52.25 -24.59 32.72
C THR F 114 -53.06 -25.89 32.64
N VAL F 115 -53.89 -26.10 33.66
CA VAL F 115 -54.70 -27.31 33.72
C VAL F 115 -55.78 -27.26 32.65
N ALA F 116 -55.95 -28.37 31.93
CA ALA F 116 -56.98 -28.50 30.91
C ALA F 116 -57.76 -29.77 31.18
N ALA F 117 -59.07 -29.64 31.38
CA ALA F 117 -59.91 -30.79 31.63
C ALA F 117 -60.04 -31.64 30.37
N PRO F 118 -60.11 -32.96 30.52
CA PRO F 118 -60.26 -33.82 29.35
C PRO F 118 -61.68 -33.86 28.82
N SER F 119 -61.78 -33.97 27.50
CA SER F 119 -63.05 -34.31 26.85
C SER F 119 -63.13 -35.83 26.79
N VAL F 120 -64.20 -36.39 27.36
CA VAL F 120 -64.33 -37.83 27.55
C VAL F 120 -65.37 -38.36 26.58
N PHE F 121 -64.97 -39.35 25.79
CA PHE F 121 -65.85 -40.10 24.91
C PHE F 121 -65.77 -41.59 25.25
N ILE F 122 -66.83 -42.31 24.92
CA ILE F 122 -66.89 -43.75 25.13
C ILE F 122 -67.40 -44.40 23.85
N PHE F 123 -66.82 -45.54 23.49
CA PHE F 123 -67.11 -46.21 22.24
C PHE F 123 -67.54 -47.66 22.48
N PRO F 124 -68.76 -48.04 22.08
CA PRO F 124 -69.18 -49.44 22.21
C PRO F 124 -68.48 -50.32 21.17
N PRO F 125 -68.45 -51.63 21.38
CA PRO F 125 -67.85 -52.52 20.38
C PRO F 125 -68.65 -52.53 19.08
N SER F 126 -67.95 -52.86 18.01
CA SER F 126 -68.55 -52.94 16.68
C SER F 126 -69.06 -54.35 16.41
N ASP F 127 -69.95 -54.46 15.41
CA ASP F 127 -70.62 -55.73 15.14
C ASP F 127 -69.63 -56.80 14.71
N GLU F 128 -68.72 -56.47 13.80
CA GLU F 128 -67.76 -57.46 13.32
C GLU F 128 -66.89 -57.98 14.46
N GLN F 129 -66.42 -57.08 15.32
CA GLN F 129 -65.73 -57.53 16.51
C GLN F 129 -66.69 -58.21 17.47
N LEU F 130 -67.95 -57.76 17.50
CA LEU F 130 -68.91 -58.30 18.44
C LEU F 130 -69.03 -59.81 18.30
N LYS F 131 -69.00 -60.32 17.07
CA LYS F 131 -69.04 -61.76 16.87
C LYS F 131 -67.69 -62.36 17.23
N SER F 132 -66.68 -62.09 16.41
CA SER F 132 -65.28 -62.53 16.53
C SER F 132 -65.00 -63.45 17.71
N GLY F 133 -65.39 -63.02 18.91
CA GLY F 133 -65.15 -63.75 20.13
C GLY F 133 -64.90 -62.81 21.29
N THR F 134 -64.33 -61.65 21.00
CA THR F 134 -63.99 -60.64 21.99
C THR F 134 -64.63 -59.31 21.63
N ALA F 135 -64.81 -58.46 22.62
CA ALA F 135 -65.34 -57.12 22.44
C ALA F 135 -64.46 -56.11 23.17
N SER F 136 -64.20 -54.98 22.51
CA SER F 136 -63.35 -53.94 23.06
C SER F 136 -64.16 -52.66 23.22
N VAL F 137 -64.43 -52.27 24.46
CA VAL F 137 -65.01 -50.97 24.75
C VAL F 137 -63.87 -49.97 24.90
N VAL F 138 -64.07 -48.76 24.39
CA VAL F 138 -63.03 -47.74 24.35
C VAL F 138 -63.50 -46.51 25.11
N CYS F 139 -62.60 -45.94 25.91
CA CYS F 139 -62.83 -44.69 26.63
C CYS F 139 -61.74 -43.71 26.21
N LEU F 140 -62.15 -42.55 25.69
CA LEU F 140 -61.24 -41.59 25.10
C LEU F 140 -61.17 -40.34 25.95
N LEU F 141 -59.97 -39.99 26.41
CA LEU F 141 -59.70 -38.74 27.11
C LEU F 141 -58.91 -37.85 26.14
N ASN F 142 -59.53 -36.75 25.72
CA ASN F 142 -59.01 -35.96 24.61
C ASN F 142 -58.47 -34.62 25.11
N ASN F 143 -57.20 -34.35 24.81
CA ASN F 143 -56.57 -33.06 25.02
C ASN F 143 -56.72 -32.53 26.45
N PHE F 144 -55.88 -33.02 27.36
CA PHE F 144 -55.93 -32.60 28.75
C PHE F 144 -54.51 -32.39 29.27
N TYR F 145 -54.42 -31.74 30.43
CA TYR F 145 -53.16 -31.53 31.13
C TYR F 145 -53.46 -31.30 32.60
N PRO F 146 -52.66 -31.90 33.51
CA PRO F 146 -51.46 -32.71 33.25
C PRO F 146 -51.74 -34.15 32.84
N ARG F 147 -50.65 -34.91 32.69
CA ARG F 147 -50.74 -36.27 32.19
C ARG F 147 -51.51 -37.19 33.13
N GLU F 148 -51.43 -36.95 34.43
CA GLU F 148 -51.99 -37.86 35.42
C GLU F 148 -53.51 -37.87 35.34
N ALA F 149 -54.08 -39.04 35.05
CA ALA F 149 -55.51 -39.21 34.97
C ALA F 149 -55.86 -40.63 35.39
N LYS F 150 -56.96 -40.79 36.11
CA LYS F 150 -57.39 -42.07 36.63
C LYS F 150 -58.66 -42.51 35.90
N VAL F 151 -58.67 -43.76 35.44
CA VAL F 151 -59.80 -44.34 34.73
C VAL F 151 -60.36 -45.49 35.55
N GLN F 152 -61.66 -45.48 35.78
CA GLN F 152 -62.37 -46.54 36.49
C GLN F 152 -63.46 -47.08 35.58
N TRP F 153 -63.33 -48.33 35.17
CA TRP F 153 -64.35 -48.98 34.36
C TRP F 153 -65.45 -49.54 35.27
N LYS F 154 -66.70 -49.31 34.90
CA LYS F 154 -67.85 -49.87 35.61
C LYS F 154 -68.76 -50.56 34.61
N VAL F 155 -69.23 -51.75 34.97
CA VAL F 155 -70.14 -52.54 34.14
C VAL F 155 -71.33 -52.90 35.03
N ASP F 156 -72.49 -52.30 34.77
CA ASP F 156 -73.65 -52.42 35.65
C ASP F 156 -73.28 -52.05 37.09
N ASN F 157 -72.51 -50.98 37.22
CA ASN F 157 -71.98 -50.43 38.47
C ASN F 157 -70.98 -51.36 39.15
N ALA F 158 -70.62 -52.48 38.53
CA ALA F 158 -69.59 -53.37 39.06
C ALA F 158 -68.23 -52.93 38.54
N LEU F 159 -67.29 -52.70 39.46
CA LEU F 159 -65.98 -52.19 39.11
C LEU F 159 -65.13 -53.28 38.46
N GLN F 160 -64.26 -52.86 37.54
CA GLN F 160 -63.39 -53.76 36.80
C GLN F 160 -61.93 -53.50 37.16
N SER F 161 -61.11 -54.55 37.01
CA SER F 161 -59.68 -54.43 37.26
C SER F 161 -58.98 -55.61 36.60
N GLY F 162 -57.91 -55.32 35.87
CA GLY F 162 -57.14 -56.36 35.21
C GLY F 162 -57.59 -56.72 33.81
N ASN F 163 -58.58 -56.02 33.27
CA ASN F 163 -59.08 -56.29 31.93
C ASN F 163 -59.05 -55.03 31.05
N SER F 164 -58.15 -54.11 31.34
CA SER F 164 -58.09 -52.85 30.60
C SER F 164 -56.64 -52.37 30.51
N GLN F 165 -56.28 -51.90 29.31
CA GLN F 165 -54.97 -51.31 29.07
C GLN F 165 -55.12 -49.87 28.62
N GLU F 166 -54.16 -49.04 29.01
CA GLU F 166 -54.17 -47.62 28.67
C GLU F 166 -52.97 -47.30 27.78
N SER F 167 -53.08 -46.19 27.06
CA SER F 167 -51.99 -45.68 26.23
C SER F 167 -52.13 -44.17 26.13
N VAL F 168 -51.03 -43.45 26.33
CA VAL F 168 -51.01 -41.99 26.35
C VAL F 168 -50.24 -41.50 25.14
N THR F 169 -50.81 -40.54 24.43
CA THR F 169 -50.10 -39.87 23.35
C THR F 169 -48.98 -39.00 23.91
N GLU F 170 -48.01 -38.69 23.06
CA GLU F 170 -46.99 -37.72 23.42
C GLU F 170 -47.62 -36.34 23.54
N GLN F 171 -46.91 -35.44 24.22
CA GLN F 171 -47.40 -34.08 24.40
C GLN F 171 -47.50 -33.37 23.05
N ASP F 172 -48.68 -32.82 22.77
CA ASP F 172 -48.93 -32.21 21.48
C ASP F 172 -48.08 -30.97 21.28
N SER F 173 -47.50 -30.83 20.08
CA SER F 173 -46.57 -29.74 19.79
C SER F 173 -47.25 -28.39 19.66
N LYS F 174 -48.58 -28.34 19.62
CA LYS F 174 -49.32 -27.09 19.43
C LYS F 174 -49.97 -26.58 20.72
N ASP F 175 -50.67 -27.43 21.46
CA ASP F 175 -51.35 -27.00 22.68
C ASP F 175 -50.81 -27.66 23.94
N SER F 176 -49.77 -28.48 23.84
CA SER F 176 -49.07 -29.05 24.99
C SER F 176 -49.99 -29.93 25.85
N THR F 177 -51.00 -30.56 25.24
CA THR F 177 -51.93 -31.41 25.96
C THR F 177 -51.65 -32.89 25.66
N TYR F 178 -52.25 -33.75 26.48
CA TYR F 178 -52.17 -35.19 26.32
C TYR F 178 -53.54 -35.74 25.94
N SER F 179 -53.53 -36.87 25.24
CA SER F 179 -54.73 -37.65 24.99
C SER F 179 -54.50 -39.08 25.47
N LEU F 180 -55.58 -39.72 25.92
CA LEU F 180 -55.49 -41.02 26.56
C LEU F 180 -56.64 -41.90 26.11
N SER F 181 -56.36 -43.20 26.00
CA SER F 181 -57.37 -44.19 25.64
C SER F 181 -57.17 -45.42 26.51
N SER F 182 -58.26 -45.91 27.09
CA SER F 182 -58.26 -47.16 27.82
C SER F 182 -59.27 -48.10 27.18
N THR F 183 -58.90 -49.38 27.07
CA THR F 183 -59.71 -50.37 26.35
C THR F 183 -59.99 -51.55 27.25
N LEU F 184 -61.25 -51.72 27.63
CA LEU F 184 -61.67 -52.90 28.40
C LEU F 184 -61.86 -54.07 27.45
N THR F 185 -61.04 -55.11 27.61
CA THR F 185 -61.14 -56.30 26.77
C THR F 185 -62.07 -57.30 27.45
N LEU F 186 -63.05 -57.79 26.69
CA LEU F 186 -64.06 -58.68 27.23
C LEU F 186 -64.58 -59.57 26.12
N SER F 187 -64.69 -60.87 26.39
CA SER F 187 -65.21 -61.80 25.41
C SER F 187 -66.68 -61.51 25.12
N LYS F 188 -67.15 -62.04 23.99
CA LYS F 188 -68.55 -61.84 23.62
C LYS F 188 -69.48 -62.43 24.66
N ALA F 189 -69.15 -63.61 25.18
CA ALA F 189 -70.01 -64.26 26.16
C ALA F 189 -70.19 -63.41 27.40
N ASP F 190 -69.09 -62.84 27.91
CA ASP F 190 -69.19 -61.98 29.09
C ASP F 190 -69.74 -60.60 28.76
N TYR F 191 -69.74 -60.20 27.49
CA TYR F 191 -70.24 -58.89 27.12
C TYR F 191 -71.75 -58.91 26.88
N GLU F 192 -72.29 -60.03 26.42
CA GLU F 192 -73.71 -60.11 26.11
C GLU F 192 -74.59 -60.03 27.36
N LYS F 193 -74.05 -60.39 28.52
CA LYS F 193 -74.86 -60.43 29.74
C LYS F 193 -75.30 -59.04 30.16
N HIS F 194 -74.35 -58.15 30.38
CA HIS F 194 -74.61 -56.86 31.00
C HIS F 194 -74.98 -55.81 29.95
N LYS F 195 -75.75 -54.81 30.39
CA LYS F 195 -76.28 -53.80 29.49
C LYS F 195 -75.62 -52.44 29.62
N VAL F 196 -75.07 -52.10 30.79
CA VAL F 196 -74.48 -50.79 31.04
C VAL F 196 -72.97 -50.95 31.12
N TYR F 197 -72.25 -50.16 30.34
CA TYR F 197 -70.79 -50.08 30.39
C TYR F 197 -70.40 -48.62 30.53
N ALA F 198 -69.63 -48.31 31.57
CA ALA F 198 -69.28 -46.93 31.88
C ALA F 198 -67.81 -46.85 32.29
N CYS F 199 -67.15 -45.78 31.86
CA CYS F 199 -65.84 -45.42 32.36
C CYS F 199 -65.96 -44.10 33.12
N GLU F 200 -65.41 -44.05 34.33
CA GLU F 200 -65.46 -42.86 35.18
C GLU F 200 -64.07 -42.25 35.23
N VAL F 201 -63.94 -41.04 34.70
CA VAL F 201 -62.66 -40.35 34.60
C VAL F 201 -62.56 -39.32 35.70
N THR F 202 -61.46 -39.35 36.46
CA THR F 202 -61.15 -38.35 37.46
C THR F 202 -59.88 -37.61 37.04
N HIS F 203 -59.94 -36.28 37.09
CA HIS F 203 -58.82 -35.45 36.66
C HIS F 203 -58.92 -34.11 37.37
N GLN F 204 -57.77 -33.57 37.79
CA GLN F 204 -57.76 -32.36 38.59
C GLN F 204 -58.39 -31.17 37.86
N GLY F 205 -58.41 -31.19 36.53
CA GLY F 205 -59.14 -30.18 35.79
C GLY F 205 -60.65 -30.29 35.91
N LEU F 206 -61.15 -31.36 36.52
CA LEU F 206 -62.58 -31.58 36.69
C LEU F 206 -62.93 -31.49 38.17
N SER F 207 -64.01 -30.76 38.47
CA SER F 207 -64.41 -30.57 39.87
C SER F 207 -64.97 -31.86 40.47
N SER F 208 -65.77 -32.58 39.70
CA SER F 208 -66.29 -33.88 40.10
C SER F 208 -65.88 -34.93 39.08
N PRO F 209 -65.79 -36.20 39.48
CA PRO F 209 -65.51 -37.25 38.51
C PRO F 209 -66.59 -37.30 37.44
N VAL F 210 -66.15 -37.38 36.18
CA VAL F 210 -67.03 -37.36 35.02
C VAL F 210 -67.22 -38.78 34.52
N THR F 211 -68.46 -39.16 34.24
CA THR F 211 -68.80 -40.51 33.82
C THR F 211 -69.52 -40.45 32.47
N LYS F 212 -69.07 -41.27 31.52
CA LYS F 212 -69.71 -41.45 30.23
C LYS F 212 -70.04 -42.92 30.05
N SER F 213 -71.31 -43.21 29.72
CA SER F 213 -71.78 -44.59 29.64
C SER F 213 -72.61 -44.76 28.37
N PHE F 214 -73.08 -45.99 28.17
CA PHE F 214 -73.96 -46.32 27.05
C PHE F 214 -74.72 -47.59 27.41
N ASN F 215 -75.61 -48.01 26.50
CA ASN F 215 -76.34 -49.25 26.65
C ASN F 215 -76.22 -50.05 25.35
N ARG F 216 -75.94 -51.35 25.48
CA ARG F 216 -75.82 -52.21 24.30
C ARG F 216 -77.12 -52.21 23.52
N GLY F 217 -77.14 -51.47 22.41
CA GLY F 217 -78.35 -51.30 21.63
C GLY F 217 -78.85 -49.88 21.66
N GLU F 218 -79.71 -49.56 22.63
CA GLU F 218 -80.22 -48.21 22.80
C GLU F 218 -79.18 -47.30 23.44
#